data_6QTK
#
_entry.id   6QTK
#
_cell.length_a   92.730
_cell.length_b   92.730
_cell.length_c   408.775
_cell.angle_alpha   90.00
_cell.angle_beta   90.00
_cell.angle_gamma   120.00
#
_symmetry.space_group_name_H-M   'P 61'
#
loop_
_entity.id
_entity.type
_entity.pdbx_description
1 polymer 'DNA gyrase subunit B'
2 polymer 'DNA gyrase subunit A'
3 polymer "DNA (5'-D(*AP*GP*CP*CP*GP*TP*AP*G*GP*GP*TP*AP*CP*CP*TP*AP*CP*GP*GP*CP*T)-3')"
4 non-polymer 'MANGANESE (II) ION'
5 non-polymer GLYCEROL
6 non-polymer 'SODIUM ION'
7 non-polymer (3~{R})-3-[[4-(3,4-dihydro-2~{H}-pyrano[2,3-c]pyridin-6-ylmethylamino)piperidin-1-yl]methyl]-1,4,7-triazatricyclo[6.3.1.0^{4,12}]dodeca-6,8(12),9-triene-5,11-dione
8 water water
#
loop_
_entity_poly.entity_id
_entity_poly.type
_entity_poly.pdbx_seq_one_letter_code
_entity_poly.pdbx_strand_id
1 'polypeptide(L)'
;MDVASLPGKLADCSSKSPEECEIFLVEGDSAGGSTKSGRDSRTQAILPLRGKILNVEKARLDRILNNNEIRQMITAFGTG
IGGDFDLAKARYHKIVIMTDADVDGAHIRTLLLTFFYRFMRPLIEAGYVYIAQPPTGYKGLGEMNADQLWETTMNPEHRA
LLQVKLEDAIEADQTFEMLMGDVVENRRQFIEDNAVYANLDF
;
B,D
2 'polypeptide(L)'
;AELPQSRINERNITSEMRESFLDYAMSVIVARALPDVRDGLKPVHRRILYGLNEQGMTPDKSYKKSARIVGDVMGKYHPH
GDSSIYEAMVRMAQDFSYRYPLVDGQGNFGSMDGDGAAAMRFTEARMTKITLELLRDINKDTIDFIDNYDGNEREPSVLP
ARFPNLLANGASGIAVGMATNIPPHNLTELINGVLSLSKNPDISIAELMEDIEGPDFPTAGLILGKSGIRRAYETGRGSI
QMRSRAVIEERGGGRQRIVVTEIPFQVNKARMIEKIAELVRDKKIDGITDLRDETSLRTGVRVVIDVRKDANASVILNNL
YKQTPLQTSFGVNMIALVNGRPKLINLKEALVHYLEHQKTVVRRRTQYNLRKAKDRAHILEGLRIALDHIDEIISTIRES
DTDKVAMESLQQRFKLSEKQAQAILDMRLRRLTGLERDKIEAEYNELLNYISELETILADEEVLLQLVRDELTEIRDRFG
DDRRTEIQLG
;
A,C
3 'polydeoxyribonucleotide' (DA)(DG)(DC)(DC)(DG)(DT)(DA)(DG)(DG)(DT)(DA)(DC)(DC)(DT)(DA)(DC)(DG)(DG)(DC)(DT) E,F
#
loop_
_chem_comp.id
_chem_comp.type
_chem_comp.name
_chem_comp.formula
DA DNA linking 2'-DEOXYADENOSINE-5'-MONOPHOSPHATE 'C10 H14 N5 O6 P'
DC DNA linking 2'-DEOXYCYTIDINE-5'-MONOPHOSPHATE 'C9 H14 N3 O7 P'
DG DNA linking 2'-DEOXYGUANOSINE-5'-MONOPHOSPHATE 'C10 H14 N5 O7 P'
DT DNA linking THYMIDINE-5'-MONOPHOSPHATE 'C10 H15 N2 O8 P'
GOL non-polymer GLYCEROL 'C3 H8 O3'
JHN non-polymer (3~{R})-3-[[4-(3,4-dihydro-2~{H}-pyrano[2,3-c]pyridin-6-ylmethylamino)piperidin-1-yl]methyl]-1,4,7-triazatricyclo[6.3.1.0^{4,12}]dodeca-6,8(12),9-triene-5,11-dione 'C24 H28 N6 O3'
MN non-polymer 'MANGANESE (II) ION' 'Mn 2'
NA non-polymer 'SODIUM ION' 'Na 1'
#
# COMPACT_ATOMS: atom_id res chain seq x y z
N PRO A 7 -11.72 8.42 -29.92
CA PRO A 7 -10.77 8.30 -28.80
C PRO A 7 -10.26 6.87 -28.60
N GLY A 8 -8.97 6.75 -28.25
CA GLY A 8 -8.39 5.47 -27.91
C GLY A 8 -9.08 4.83 -26.71
N LYS A 9 -9.45 5.68 -25.73
CA LYS A 9 -10.03 5.26 -24.46
C LYS A 9 -11.47 4.80 -24.65
N LEU A 10 -12.19 5.43 -25.61
CA LEU A 10 -13.58 5.14 -25.93
C LEU A 10 -13.75 3.70 -26.37
N ALA A 11 -14.55 2.95 -25.64
CA ALA A 11 -14.96 1.60 -25.99
C ALA A 11 -16.39 1.71 -26.54
N ASP A 12 -16.47 1.80 -27.88
CA ASP A 12 -17.73 2.09 -28.55
C ASP A 12 -18.68 0.89 -28.56
N CYS A 13 -19.94 1.13 -28.88
CA CYS A 13 -20.91 0.05 -29.02
C CYS A 13 -20.99 -0.38 -30.50
N SER A 14 -21.62 -1.54 -30.79
CA SER A 14 -21.68 -2.07 -32.15
C SER A 14 -22.72 -1.34 -33.02
N SER A 15 -23.93 -1.12 -32.49
CA SER A 15 -24.97 -0.44 -33.24
C SER A 15 -24.48 0.93 -33.71
N LYS A 16 -24.95 1.35 -34.88
CA LYS A 16 -24.58 2.63 -35.46
C LYS A 16 -25.83 3.50 -35.54
N SER A 17 -26.84 3.15 -34.75
CA SER A 17 -28.06 3.93 -34.71
C SER A 17 -28.13 4.75 -33.42
N PRO A 18 -27.81 6.06 -33.47
CA PRO A 18 -27.83 6.94 -32.31
C PRO A 18 -29.05 6.87 -31.41
N GLU A 19 -30.20 6.54 -32.00
CA GLU A 19 -31.45 6.63 -31.25
C GLU A 19 -31.39 5.68 -30.06
N GLU A 20 -30.72 4.53 -30.24
CA GLU A 20 -30.75 3.52 -29.22
C GLU A 20 -29.40 3.40 -28.49
N CYS A 21 -28.42 4.23 -28.86
CA CYS A 21 -27.10 4.08 -28.28
C CYS A 21 -26.97 5.00 -27.06
N GLU A 22 -26.11 4.59 -26.13
CA GLU A 22 -25.83 5.33 -24.90
C GLU A 22 -24.31 5.38 -24.72
N ILE A 23 -23.82 6.53 -24.24
CA ILE A 23 -22.43 6.63 -23.83
C ILE A 23 -22.34 6.93 -22.32
N PHE A 24 -21.56 6.12 -21.60
CA PHE A 24 -21.36 6.31 -20.18
C PHE A 24 -20.00 6.97 -19.96
N LEU A 25 -20.02 8.12 -19.26
CA LEU A 25 -18.80 8.77 -18.82
C LEU A 25 -18.48 8.34 -17.39
N VAL A 26 -17.29 7.74 -17.17
N VAL A 26 -17.30 7.74 -17.17
CA VAL A 26 -16.84 7.24 -15.86
CA VAL A 26 -16.92 7.25 -15.85
C VAL A 26 -15.49 7.87 -15.52
C VAL A 26 -15.64 7.93 -15.38
N GLU A 27 -15.03 7.75 -14.26
N GLU A 27 -15.64 8.36 -14.11
CA GLU A 27 -13.93 8.56 -13.74
CA GLU A 27 -14.43 8.88 -13.50
C GLU A 27 -12.57 8.21 -14.33
C GLU A 27 -13.39 7.76 -13.42
N GLY A 28 -12.34 6.91 -14.59
N GLY A 28 -12.45 7.82 -14.37
CA GLY A 28 -11.05 6.42 -15.06
CA GLY A 28 -11.22 7.04 -14.38
C GLY A 28 -11.11 4.92 -15.34
C GLY A 28 -11.38 5.59 -14.83
N ASP A 29 -9.93 4.29 -15.46
N ASP A 29 -10.23 4.97 -15.15
CA ASP A 29 -9.88 2.90 -15.92
CA ASP A 29 -10.14 3.64 -15.71
C ASP A 29 -10.29 1.91 -14.84
C ASP A 29 -10.76 2.62 -14.77
N SER A 30 -10.22 2.33 -13.56
N SER A 30 -10.21 2.50 -13.56
CA SER A 30 -10.62 1.45 -12.49
CA SER A 30 -10.59 1.48 -12.59
C SER A 30 -12.11 1.21 -12.60
C SER A 30 -12.09 1.22 -12.65
N ALA A 31 -12.86 2.30 -12.82
CA ALA A 31 -14.30 2.24 -13.02
C ALA A 31 -14.61 1.72 -14.43
N GLY A 32 -13.81 2.13 -15.42
CA GLY A 32 -14.01 1.77 -16.82
C GLY A 32 -13.97 0.26 -17.05
N GLY A 33 -13.07 -0.44 -16.36
CA GLY A 33 -12.97 -1.88 -16.46
C GLY A 33 -14.24 -2.64 -16.06
N SER A 34 -14.77 -2.36 -14.86
CA SER A 34 -16.04 -2.95 -14.46
C SER A 34 -17.14 -2.59 -15.47
N THR A 35 -17.10 -1.34 -15.95
CA THR A 35 -18.15 -0.80 -16.79
C THR A 35 -18.13 -1.50 -18.16
N LYS A 36 -16.94 -1.69 -18.70
CA LYS A 36 -16.73 -2.38 -19.97
C LYS A 36 -17.20 -3.82 -19.90
N SER A 37 -16.88 -4.52 -18.81
CA SER A 37 -17.25 -5.93 -18.64
C SER A 37 -18.76 -6.12 -18.44
N GLY A 38 -19.40 -5.18 -17.75
CA GLY A 38 -20.79 -5.38 -17.36
C GLY A 38 -21.78 -4.92 -18.43
N ARG A 39 -21.33 -4.04 -19.32
CA ARG A 39 -22.23 -3.30 -20.20
C ARG A 39 -22.82 -4.21 -21.27
N ASP A 40 -23.82 -3.67 -21.97
CA ASP A 40 -24.32 -4.29 -23.18
C ASP A 40 -23.64 -3.60 -24.37
N SER A 41 -22.62 -4.24 -24.94
CA SER A 41 -21.74 -3.60 -25.93
C SER A 41 -22.47 -3.32 -27.24
N ARG A 42 -23.70 -3.82 -27.39
CA ARG A 42 -24.38 -3.48 -28.64
C ARG A 42 -24.86 -2.04 -28.58
N THR A 43 -25.39 -1.60 -27.43
CA THR A 43 -25.94 -0.25 -27.37
C THR A 43 -25.21 0.68 -26.39
N GLN A 44 -24.17 0.19 -25.71
CA GLN A 44 -23.60 0.97 -24.62
C GLN A 44 -22.12 1.20 -24.87
N ALA A 45 -21.76 2.49 -25.07
CA ALA A 45 -20.36 2.90 -25.17
C ALA A 45 -19.82 3.41 -23.82
N ILE A 46 -18.51 3.23 -23.61
CA ILE A 46 -17.86 3.73 -22.40
C ILE A 46 -16.70 4.66 -22.76
N LEU A 47 -16.70 5.87 -22.18
CA LEU A 47 -15.55 6.75 -22.21
C LEU A 47 -15.06 6.99 -20.77
N PRO A 48 -13.95 6.32 -20.37
CA PRO A 48 -13.29 6.64 -19.11
C PRO A 48 -12.61 8.01 -19.18
N LEU A 49 -12.83 8.85 -18.17
CA LEU A 49 -12.13 10.11 -18.04
C LEU A 49 -10.78 9.94 -17.31
N ARG A 50 -10.34 10.92 -16.55
CA ARG A 50 -9.11 10.80 -15.77
C ARG A 50 -9.20 11.71 -14.55
N GLY A 51 -10.24 11.48 -13.72
CA GLY A 51 -10.40 12.23 -12.48
C GLY A 51 -11.03 13.61 -12.67
N LYS A 52 -10.53 14.59 -11.90
CA LYS A 52 -11.08 15.94 -11.97
C LYS A 52 -10.80 16.47 -13.37
N ILE A 53 -11.85 16.94 -14.06
CA ILE A 53 -11.73 17.53 -15.38
C ILE A 53 -11.66 19.06 -15.24
N LEU A 54 -11.15 19.72 -16.28
CA LEU A 54 -11.07 21.16 -16.41
C LEU A 54 -12.41 21.82 -16.10
N ASN A 55 -12.37 22.89 -15.29
CA ASN A 55 -13.50 23.76 -15.08
C ASN A 55 -13.50 24.79 -16.21
N VAL A 56 -14.44 24.64 -17.15
CA VAL A 56 -14.45 25.48 -18.34
C VAL A 56 -14.93 26.89 -18.01
N GLU A 57 -15.59 27.07 -16.86
CA GLU A 57 -16.05 28.39 -16.45
C GLU A 57 -14.88 29.27 -16.02
N LYS A 58 -13.73 28.67 -15.70
CA LYS A 58 -12.59 29.42 -15.22
C LYS A 58 -11.48 29.42 -16.28
N ALA A 59 -11.55 28.52 -17.25
CA ALA A 59 -10.51 28.40 -18.27
C ALA A 59 -10.89 29.20 -19.51
N ARG A 60 -9.87 29.72 -20.19
CA ARG A 60 -10.02 30.37 -21.48
C ARG A 60 -10.00 29.30 -22.58
N LEU A 61 -10.52 29.70 -23.75
CA LEU A 61 -10.85 28.78 -24.85
C LEU A 61 -9.66 27.95 -25.25
N ASP A 62 -8.47 28.57 -25.33
CA ASP A 62 -7.31 27.86 -25.87
C ASP A 62 -7.02 26.64 -25.00
N ARG A 63 -7.15 26.83 -23.67
CA ARG A 63 -6.82 25.77 -22.74
C ARG A 63 -7.90 24.67 -22.83
N ILE A 64 -9.17 25.09 -22.92
CA ILE A 64 -10.28 24.16 -23.08
C ILE A 64 -10.06 23.26 -24.30
N LEU A 65 -9.75 23.86 -25.47
CA LEU A 65 -9.71 23.12 -26.72
C LEU A 65 -8.44 22.28 -26.80
N ASN A 66 -7.47 22.54 -25.91
CA ASN A 66 -6.27 21.71 -25.87
C ASN A 66 -6.37 20.56 -24.88
N ASN A 67 -7.40 20.57 -24.02
CA ASN A 67 -7.55 19.57 -23.00
C ASN A 67 -7.98 18.23 -23.62
N ASN A 68 -7.24 17.16 -23.29
CA ASN A 68 -7.43 15.83 -23.87
C ASN A 68 -8.82 15.27 -23.57
N GLU A 69 -9.27 15.39 -22.31
CA GLU A 69 -10.57 14.81 -21.96
C GLU A 69 -11.69 15.54 -22.69
N ILE A 70 -11.60 16.89 -22.75
CA ILE A 70 -12.59 17.69 -23.47
C ILE A 70 -12.63 17.25 -24.93
N ARG A 71 -11.45 17.08 -25.53
CA ARG A 71 -11.36 16.72 -26.94
C ARG A 71 -12.04 15.38 -27.20
N GLN A 72 -11.77 14.40 -26.31
CA GLN A 72 -12.25 13.04 -26.49
C GLN A 72 -13.77 13.03 -26.38
N MET A 73 -14.30 13.88 -25.53
CA MET A 73 -15.73 13.93 -25.36
C MET A 73 -16.38 14.54 -26.60
N ILE A 74 -15.77 15.62 -27.13
CA ILE A 74 -16.29 16.28 -28.33
C ILE A 74 -16.24 15.31 -29.52
N THR A 75 -15.09 14.65 -29.69
CA THR A 75 -14.92 13.66 -30.75
C THR A 75 -15.97 12.57 -30.64
N ALA A 76 -16.18 12.04 -29.42
CA ALA A 76 -17.07 10.92 -29.22
C ALA A 76 -18.52 11.31 -29.48
N PHE A 77 -18.90 12.54 -29.13
CA PHE A 77 -20.28 12.98 -29.27
C PHE A 77 -20.62 13.26 -30.72
N GLY A 78 -19.67 13.87 -31.44
CA GLY A 78 -19.79 14.10 -32.88
C GLY A 78 -20.66 15.30 -33.26
N THR A 79 -21.12 16.08 -32.29
CA THR A 79 -22.03 17.19 -32.53
C THR A 79 -21.30 18.50 -32.83
N GLY A 80 -19.97 18.55 -32.62
CA GLY A 80 -19.26 19.82 -32.53
C GLY A 80 -19.67 20.63 -31.30
N ILE A 81 -19.17 21.89 -31.20
CA ILE A 81 -19.37 22.70 -30.01
C ILE A 81 -19.78 24.13 -30.36
N GLY A 82 -20.42 24.79 -29.39
CA GLY A 82 -20.74 26.20 -29.45
C GLY A 82 -21.70 26.48 -30.59
N GLY A 83 -21.31 27.46 -31.43
CA GLY A 83 -22.06 27.84 -32.61
C GLY A 83 -22.15 26.70 -33.62
N ASP A 84 -21.17 25.80 -33.63
CA ASP A 84 -21.10 24.75 -34.62
C ASP A 84 -21.81 23.49 -34.14
N PHE A 85 -22.50 23.59 -33.01
CA PHE A 85 -23.19 22.43 -32.45
C PHE A 85 -24.30 22.00 -33.42
N ASP A 86 -24.36 20.69 -33.69
CA ASP A 86 -25.39 20.13 -34.55
C ASP A 86 -25.96 18.87 -33.92
N LEU A 87 -27.17 19.00 -33.38
CA LEU A 87 -27.83 17.95 -32.63
C LEU A 87 -28.02 16.70 -33.50
N ALA A 88 -28.24 16.94 -34.81
CA ALA A 88 -28.48 15.88 -35.78
C ALA A 88 -27.27 14.95 -35.93
N LYS A 89 -26.08 15.44 -35.57
CA LYS A 89 -24.88 14.64 -35.75
C LYS A 89 -24.51 13.89 -34.45
N ALA A 90 -25.41 13.92 -33.46
CA ALA A 90 -25.19 13.21 -32.19
C ALA A 90 -24.98 11.72 -32.45
N ARG A 91 -23.94 11.12 -31.86
CA ARG A 91 -23.72 9.70 -32.06
C ARG A 91 -24.48 8.87 -31.01
N TYR A 92 -25.05 9.54 -30.00
CA TYR A 92 -25.73 8.86 -28.91
C TYR A 92 -26.90 9.77 -28.49
N HIS A 93 -28.02 9.18 -28.10
CA HIS A 93 -29.11 10.03 -27.65
C HIS A 93 -29.21 9.98 -26.14
N LYS A 94 -28.33 9.18 -25.51
CA LYS A 94 -28.14 9.25 -24.07
C LYS A 94 -26.65 9.39 -23.77
N ILE A 95 -26.32 10.53 -23.13
CA ILE A 95 -25.02 10.78 -22.54
C ILE A 95 -25.23 10.64 -21.03
N VAL A 96 -24.60 9.62 -20.43
CA VAL A 96 -24.90 9.28 -19.04
C VAL A 96 -23.66 9.56 -18.19
N ILE A 97 -23.82 10.51 -17.26
CA ILE A 97 -22.75 10.80 -16.31
C ILE A 97 -22.78 9.75 -15.20
N MET A 98 -21.68 8.99 -15.08
CA MET A 98 -21.59 7.95 -14.09
C MET A 98 -20.30 8.09 -13.28
N THR A 99 -20.24 9.10 -12.42
N THR A 99 -20.38 8.96 -12.26
CA THR A 99 -19.07 9.30 -11.60
CA THR A 99 -19.40 9.10 -11.19
C THR A 99 -19.14 8.35 -10.40
C THR A 99 -19.94 8.56 -9.85
N ASP A 100 -18.01 8.20 -9.67
N ASP A 100 -19.05 8.46 -8.85
CA ASP A 100 -18.02 7.43 -8.43
CA ASP A 100 -19.35 7.91 -7.53
C ASP A 100 -19.03 8.07 -7.47
C ASP A 100 -20.44 8.71 -6.79
N ALA A 101 -19.46 7.27 -6.49
N ALA A 101 -21.12 8.01 -5.87
CA ALA A 101 -20.58 7.65 -5.62
CA ALA A 101 -22.14 8.56 -5.00
C ALA A 101 -20.11 8.43 -4.38
C ALA A 101 -21.51 9.12 -3.72
N ASP A 102 -18.93 9.07 -4.45
N ASP A 102 -20.48 9.95 -3.91
CA ASP A 102 -18.36 9.86 -3.37
CA ASP A 102 -19.83 10.67 -2.82
C ASP A 102 -18.54 11.35 -3.69
C ASP A 102 -19.55 12.09 -3.28
N VAL A 103 -18.21 12.27 -2.74
N VAL A 103 -18.60 12.76 -2.61
CA VAL A 103 -18.43 13.70 -2.90
CA VAL A 103 -18.40 14.17 -2.86
C VAL A 103 -17.62 14.25 -4.08
C VAL A 103 -17.54 14.42 -4.09
N ASP A 104 -16.51 13.59 -4.36
CA ASP A 104 -15.62 13.95 -5.46
C ASP A 104 -16.26 13.58 -6.79
N GLY A 105 -17.03 12.49 -6.78
CA GLY A 105 -17.87 12.13 -7.91
C GLY A 105 -18.90 13.22 -8.18
N ALA A 106 -19.45 13.77 -7.12
CA ALA A 106 -20.40 14.86 -7.26
C ALA A 106 -19.72 16.08 -7.90
N HIS A 107 -18.50 16.40 -7.45
CA HIS A 107 -17.72 17.51 -8.00
C HIS A 107 -17.53 17.31 -9.50
N ILE A 108 -17.08 16.12 -9.89
CA ILE A 108 -16.80 15.81 -11.28
C ILE A 108 -18.07 15.99 -12.10
N ARG A 109 -19.21 15.63 -11.51
CA ARG A 109 -20.50 15.80 -12.16
C ARG A 109 -20.77 17.27 -12.40
N THR A 110 -20.50 18.15 -11.41
CA THR A 110 -20.69 19.58 -11.62
C THR A 110 -19.76 20.09 -12.73
N LEU A 111 -18.55 19.53 -12.82
CA LEU A 111 -17.59 19.98 -13.82
C LEU A 111 -18.07 19.56 -15.21
N LEU A 112 -18.61 18.33 -15.33
CA LEU A 112 -19.13 17.83 -16.60
C LEU A 112 -20.35 18.64 -17.04
N LEU A 113 -21.27 18.92 -16.11
CA LEU A 113 -22.46 19.69 -16.43
C LEU A 113 -22.10 21.11 -16.85
N THR A 114 -21.06 21.70 -16.22
CA THR A 114 -20.60 23.02 -16.63
C THR A 114 -20.16 23.00 -18.10
N PHE A 115 -19.40 21.97 -18.49
CA PHE A 115 -18.93 21.84 -19.85
C PHE A 115 -20.11 21.71 -20.81
N PHE A 116 -21.07 20.81 -20.51
CA PHE A 116 -22.21 20.59 -21.39
C PHE A 116 -23.02 21.88 -21.51
N TYR A 117 -23.16 22.61 -20.39
CA TYR A 117 -24.00 23.80 -20.41
C TYR A 117 -23.39 24.91 -21.27
N ARG A 118 -22.07 25.08 -21.16
CA ARG A 118 -21.36 26.17 -21.80
C ARG A 118 -21.01 25.84 -23.26
N PHE A 119 -20.92 24.56 -23.62
CA PHE A 119 -20.41 24.22 -24.93
C PHE A 119 -21.38 23.41 -25.77
N MET A 120 -22.43 22.85 -25.14
CA MET A 120 -23.30 21.91 -25.82
C MET A 120 -24.69 21.99 -25.23
N ARG A 121 -25.15 23.22 -24.97
CA ARG A 121 -26.41 23.46 -24.29
C ARG A 121 -27.60 22.80 -24.99
N PRO A 122 -27.67 22.78 -26.36
CA PRO A 122 -28.80 22.14 -27.04
C PRO A 122 -28.93 20.65 -26.69
N LEU A 123 -27.79 20.03 -26.34
CA LEU A 123 -27.73 18.63 -25.94
C LEU A 123 -28.55 18.44 -24.67
N ILE A 124 -28.52 19.44 -23.79
CA ILE A 124 -29.26 19.36 -22.54
C ILE A 124 -30.74 19.62 -22.80
N GLU A 125 -31.01 20.63 -23.65
CA GLU A 125 -32.36 21.05 -24.01
C GLU A 125 -33.13 19.89 -24.62
N ALA A 126 -32.44 19.09 -25.45
CA ALA A 126 -33.02 17.95 -26.15
C ALA A 126 -33.31 16.77 -25.22
N GLY A 127 -32.89 16.86 -23.94
CA GLY A 127 -33.10 15.75 -23.01
C GLY A 127 -32.11 14.60 -23.20
N TYR A 128 -30.93 14.85 -23.80
CA TYR A 128 -29.94 13.81 -24.10
C TYR A 128 -28.98 13.54 -22.93
N VAL A 129 -29.00 14.39 -21.91
CA VAL A 129 -28.04 14.27 -20.82
C VAL A 129 -28.71 13.66 -19.59
N TYR A 130 -28.10 12.58 -19.09
CA TYR A 130 -28.62 11.87 -17.94
C TYR A 130 -27.56 11.74 -16.83
N ILE A 131 -28.03 11.43 -15.62
CA ILE A 131 -27.18 11.13 -14.49
C ILE A 131 -27.55 9.73 -14.00
N ALA A 132 -26.56 8.82 -14.00
CA ALA A 132 -26.69 7.49 -13.45
C ALA A 132 -26.80 7.59 -11.93
N GLN A 133 -27.34 6.53 -11.31
CA GLN A 133 -27.49 6.52 -9.88
C GLN A 133 -26.90 5.24 -9.29
N PRO A 134 -25.56 5.09 -9.27
CA PRO A 134 -24.95 3.90 -8.69
C PRO A 134 -25.19 3.85 -7.18
N PRO A 135 -25.14 2.65 -6.55
CA PRO A 135 -25.33 2.56 -5.09
C PRO A 135 -24.17 3.19 -4.31
N THR A 136 -24.48 3.59 -3.07
CA THR A 136 -23.52 4.18 -2.14
C THR A 136 -22.75 3.08 -1.38
N GLY A 137 -21.77 3.51 -0.56
CA GLY A 137 -20.97 2.58 0.19
C GLY A 137 -19.78 2.12 -0.65
N TYR A 138 -19.45 2.35 -2.06
CA TYR A 138 -18.24 1.93 -2.79
C TYR A 138 -17.45 3.17 -3.16
N LYS A 139 -16.15 3.15 -2.84
CA LYS A 139 -15.27 4.31 -2.98
C LYS A 139 -15.20 4.76 -4.44
N GLY A 140 -15.36 3.78 -5.35
CA GLY A 140 -15.25 3.91 -6.80
C GLY A 140 -15.96 2.73 -7.48
N LEU A 141 -16.29 2.88 -8.75
CA LEU A 141 -17.01 1.82 -9.44
C LEU A 141 -16.10 0.60 -9.56
N GLY A 142 -14.78 0.82 -9.44
CA GLY A 142 -13.78 -0.24 -9.62
C GLY A 142 -13.76 -1.20 -8.43
N GLU A 143 -14.48 -0.79 -7.37
CA GLU A 143 -14.75 -1.57 -6.18
C GLU A 143 -15.92 -2.53 -6.41
N MET A 144 -16.78 -2.24 -7.41
CA MET A 144 -17.93 -3.08 -7.70
C MET A 144 -17.60 -4.18 -8.71
N ASN A 145 -18.25 -5.35 -8.57
CA ASN A 145 -18.17 -6.36 -9.61
C ASN A 145 -18.97 -5.88 -10.82
N ALA A 146 -18.58 -6.39 -11.99
CA ALA A 146 -19.18 -5.97 -13.25
C ALA A 146 -20.68 -6.24 -13.24
N ASP A 147 -21.09 -7.42 -12.74
CA ASP A 147 -22.49 -7.83 -12.78
C ASP A 147 -23.33 -6.91 -11.90
N GLN A 148 -22.76 -6.48 -10.76
CA GLN A 148 -23.48 -5.69 -9.78
C GLN A 148 -23.68 -4.27 -10.34
N LEU A 149 -22.68 -3.80 -11.06
CA LEU A 149 -22.78 -2.49 -11.71
C LEU A 149 -23.80 -2.52 -12.85
N TRP A 150 -23.80 -3.62 -13.64
CA TRP A 150 -24.80 -3.81 -14.69
C TRP A 150 -26.22 -3.75 -14.12
N GLU A 151 -26.48 -4.55 -13.07
CA GLU A 151 -27.81 -4.81 -12.56
C GLU A 151 -28.40 -3.55 -11.92
N THR A 152 -27.57 -2.87 -11.10
CA THR A 152 -28.02 -1.73 -10.31
C THR A 152 -28.05 -0.44 -11.13
N THR A 153 -27.20 -0.31 -12.18
CA THR A 153 -26.87 1.03 -12.65
C THR A 153 -27.00 1.16 -14.16
N MET A 154 -26.66 0.10 -14.92
CA MET A 154 -26.63 0.21 -16.37
C MET A 154 -27.79 -0.52 -17.07
N ASN A 155 -28.38 -1.55 -16.46
CA ASN A 155 -29.44 -2.37 -17.05
C ASN A 155 -30.73 -1.57 -17.18
N PRO A 156 -31.19 -1.27 -18.42
CA PRO A 156 -32.42 -0.49 -18.61
C PRO A 156 -33.65 -1.07 -17.92
N GLU A 157 -33.62 -2.35 -17.57
CA GLU A 157 -34.76 -2.98 -16.90
C GLU A 157 -34.87 -2.58 -15.44
N HIS A 158 -33.73 -2.32 -14.77
CA HIS A 158 -33.81 -2.06 -13.34
C HIS A 158 -33.26 -0.69 -12.95
N ARG A 159 -32.46 -0.06 -13.83
CA ARG A 159 -31.74 1.15 -13.47
C ARG A 159 -32.71 2.32 -13.31
N ALA A 160 -32.28 3.33 -12.55
CA ALA A 160 -32.98 4.60 -12.44
C ALA A 160 -32.06 5.71 -12.92
N LEU A 161 -32.34 6.26 -14.10
CA LEU A 161 -31.62 7.40 -14.63
C LEU A 161 -32.36 8.68 -14.22
N LEU A 162 -31.62 9.74 -13.98
CA LEU A 162 -32.17 11.08 -13.93
C LEU A 162 -31.91 11.75 -15.27
N GLN A 163 -32.96 12.28 -15.90
CA GLN A 163 -32.81 13.06 -17.11
C GLN A 163 -32.63 14.53 -16.71
N VAL A 164 -31.52 15.14 -17.17
CA VAL A 164 -31.23 16.52 -16.80
C VAL A 164 -32.15 17.49 -17.56
N LYS A 165 -32.84 18.37 -16.81
CA LYS A 165 -33.76 19.33 -17.39
C LYS A 165 -33.37 20.77 -17.09
N LEU A 166 -33.33 21.60 -18.14
CA LEU A 166 -33.11 23.03 -18.00
C LEU A 166 -34.47 23.73 -17.93
N GLU A 167 -34.75 24.44 -16.84
CA GLU A 167 -36.03 25.14 -16.73
C GLU A 167 -35.85 26.59 -17.14
N ASP A 168 -35.02 27.30 -16.40
CA ASP A 168 -34.87 28.74 -16.54
C ASP A 168 -33.40 29.03 -16.87
N ALA A 169 -33.17 29.50 -18.09
CA ALA A 169 -31.82 29.66 -18.61
C ALA A 169 -31.09 30.83 -17.94
N ILE A 170 -31.82 31.86 -17.51
CA ILE A 170 -31.23 33.02 -16.83
C ILE A 170 -30.70 32.57 -15.47
N GLU A 171 -31.49 31.75 -14.78
CA GLU A 171 -31.13 31.27 -13.46
C GLU A 171 -29.93 30.34 -13.57
N ALA A 172 -29.90 29.53 -14.64
CA ALA A 172 -28.86 28.54 -14.86
C ALA A 172 -27.53 29.25 -15.13
N ASP A 173 -27.60 30.30 -15.95
CA ASP A 173 -26.43 31.14 -16.24
C ASP A 173 -25.80 31.63 -14.94
N GLN A 174 -26.63 32.20 -14.07
CA GLN A 174 -26.18 32.77 -12.80
C GLN A 174 -25.62 31.67 -11.89
N THR A 175 -26.25 30.49 -11.91
CA THR A 175 -25.83 29.37 -11.08
C THR A 175 -24.44 28.91 -11.52
N PHE A 176 -24.25 28.66 -12.83
CA PHE A 176 -22.93 28.23 -13.31
C PHE A 176 -21.87 29.27 -12.97
N GLU A 177 -22.25 30.54 -13.14
CA GLU A 177 -21.30 31.61 -12.97
C GLU A 177 -20.89 31.70 -11.50
N MET A 178 -21.87 31.59 -10.60
CA MET A 178 -21.64 31.73 -9.18
C MET A 178 -20.84 30.54 -8.65
N LEU A 179 -21.26 29.31 -9.00
CA LEU A 179 -20.66 28.12 -8.41
C LEU A 179 -19.29 27.86 -9.00
N MET A 180 -19.11 28.12 -10.30
CA MET A 180 -18.00 27.57 -11.05
C MET A 180 -17.05 28.66 -11.52
N GLY A 181 -17.45 29.94 -11.41
CA GLY A 181 -16.66 31.05 -11.96
C GLY A 181 -15.51 31.50 -11.04
N ASP A 182 -14.73 32.48 -11.52
CA ASP A 182 -13.49 32.87 -10.87
C ASP A 182 -13.71 33.77 -9.66
N VAL A 183 -14.92 34.28 -9.44
CA VAL A 183 -15.12 35.12 -8.29
C VAL A 183 -15.41 34.29 -7.02
N VAL A 184 -14.43 34.24 -6.12
CA VAL A 184 -14.54 33.37 -4.95
C VAL A 184 -15.69 33.81 -4.03
N GLU A 185 -15.85 35.13 -3.87
CA GLU A 185 -16.67 35.70 -2.82
C GLU A 185 -18.13 35.24 -2.93
N ASN A 186 -18.66 35.19 -4.15
CA ASN A 186 -20.05 34.81 -4.35
C ASN A 186 -20.24 33.33 -4.01
N ARG A 187 -19.23 32.53 -4.33
CA ARG A 187 -19.25 31.12 -4.02
C ARG A 187 -19.19 30.94 -2.51
N ARG A 188 -18.32 31.75 -1.84
CA ARG A 188 -18.21 31.75 -0.38
C ARG A 188 -19.55 32.11 0.26
N GLN A 189 -20.21 33.15 -0.27
CA GLN A 189 -21.50 33.61 0.22
C GLN A 189 -22.55 32.52 0.03
N PHE A 190 -22.53 31.85 -1.12
CA PHE A 190 -23.45 30.76 -1.36
C PHE A 190 -23.29 29.68 -0.28
N ILE A 191 -22.03 29.37 0.04
CA ILE A 191 -21.79 28.25 0.95
C ILE A 191 -22.31 28.63 2.34
N GLU A 192 -21.98 29.86 2.78
CA GLU A 192 -22.40 30.36 4.09
C GLU A 192 -23.92 30.40 4.19
N ASP A 193 -24.60 30.82 3.11
CA ASP A 193 -26.04 30.93 3.12
C ASP A 193 -26.72 29.56 3.12
N ASN A 194 -26.05 28.51 2.62
CA ASN A 194 -26.76 27.24 2.42
C ASN A 194 -26.24 26.10 3.28
N ALA A 195 -25.00 26.21 3.81
CA ALA A 195 -24.40 25.09 4.49
C ALA A 195 -25.14 24.80 5.78
N VAL A 196 -25.47 23.52 6.04
CA VAL A 196 -26.02 23.14 7.33
C VAL A 196 -25.02 22.24 8.05
N TYR A 197 -24.31 22.78 9.05
CA TYR A 197 -23.18 22.11 9.68
C TYR A 197 -23.63 21.23 10.84
N ALA A 198 -22.68 20.48 11.44
CA ALA A 198 -22.83 19.69 12.67
C ALA A 198 -23.86 20.31 13.62
N ARG B 7 -37.83 4.20 -16.48
CA ARG B 7 -37.88 4.50 -15.00
C ARG B 7 -37.18 5.84 -14.71
N ILE B 8 -37.51 6.87 -15.50
CA ILE B 8 -36.72 8.09 -15.63
C ILE B 8 -37.44 9.29 -15.00
N ASN B 9 -36.81 9.84 -13.95
CA ASN B 9 -37.26 11.06 -13.31
C ASN B 9 -36.43 12.22 -13.85
N GLU B 10 -37.00 13.42 -13.82
CA GLU B 10 -36.32 14.61 -14.32
C GLU B 10 -35.56 15.28 -13.18
N ARG B 11 -34.39 15.81 -13.50
CA ARG B 11 -33.55 16.48 -12.53
C ARG B 11 -33.17 17.85 -13.10
N ASN B 12 -33.64 18.89 -12.41
CA ASN B 12 -33.39 20.27 -12.78
C ASN B 12 -31.90 20.59 -12.63
N ILE B 13 -31.30 21.18 -13.68
CA ILE B 13 -29.85 21.36 -13.74
C ILE B 13 -29.38 22.29 -12.62
N THR B 14 -30.20 23.31 -12.32
CA THR B 14 -29.90 24.29 -11.31
C THR B 14 -29.88 23.66 -9.92
N SER B 15 -30.89 22.85 -9.61
CA SER B 15 -31.01 22.10 -8.37
C SER B 15 -29.80 21.18 -8.18
N GLU B 16 -29.48 20.40 -9.23
CA GLU B 16 -28.38 19.45 -9.25
C GLU B 16 -27.04 20.14 -8.95
N MET B 17 -26.78 21.24 -9.65
CA MET B 17 -25.53 21.99 -9.52
C MET B 17 -25.38 22.48 -8.09
N ARG B 18 -26.44 23.08 -7.54
CA ARG B 18 -26.40 23.66 -6.21
C ARG B 18 -26.22 22.56 -5.14
N GLU B 19 -26.91 21.43 -5.28
CA GLU B 19 -26.82 20.39 -4.25
C GLU B 19 -25.49 19.65 -4.31
N SER B 20 -25.04 19.29 -5.53
CA SER B 20 -23.79 18.59 -5.75
C SER B 20 -22.59 19.44 -5.31
N PHE B 21 -22.61 20.73 -5.69
CA PHE B 21 -21.49 21.62 -5.39
C PHE B 21 -21.40 21.87 -3.89
N LEU B 22 -22.55 22.18 -3.27
CA LEU B 22 -22.58 22.40 -1.84
C LEU B 22 -22.07 21.17 -1.07
N ASP B 23 -22.43 19.97 -1.55
N ASP B 23 -22.43 19.97 -1.55
CA ASP B 23 -21.99 18.73 -0.93
CA ASP B 23 -21.98 18.72 -0.95
C ASP B 23 -20.45 18.67 -0.97
C ASP B 23 -20.46 18.66 -0.98
N TYR B 24 -19.88 18.96 -2.15
CA TYR B 24 -18.44 18.94 -2.33
C TYR B 24 -17.77 19.96 -1.42
N ALA B 25 -18.23 21.20 -1.52
CA ALA B 25 -17.63 22.35 -0.85
C ALA B 25 -17.59 22.10 0.66
N MET B 26 -18.73 21.69 1.24
CA MET B 26 -18.83 21.47 2.67
C MET B 26 -17.88 20.37 3.13
N SER B 27 -17.81 19.27 2.34
CA SER B 27 -16.94 18.15 2.62
C SER B 27 -15.45 18.56 2.65
N VAL B 28 -15.05 19.43 1.70
CA VAL B 28 -13.67 19.88 1.66
C VAL B 28 -13.36 20.78 2.86
N ILE B 29 -14.37 21.58 3.24
CA ILE B 29 -14.24 22.55 4.32
C ILE B 29 -14.12 21.82 5.67
N VAL B 30 -15.07 20.92 5.96
CA VAL B 30 -15.16 20.32 7.28
C VAL B 30 -14.36 19.02 7.36
N ALA B 31 -13.95 18.46 6.23
CA ALA B 31 -13.40 17.11 6.33
C ALA B 31 -12.28 16.90 5.31
N ARG B 32 -11.43 17.92 5.09
CA ARG B 32 -10.30 17.76 4.20
C ARG B 32 -9.23 18.83 4.42
N ALA B 33 -9.55 20.09 4.08
CA ALA B 33 -8.49 21.10 3.85
C ALA B 33 -8.20 21.97 5.07
N LEU B 34 -9.10 21.99 6.07
CA LEU B 34 -8.98 22.94 7.18
C LEU B 34 -8.69 22.18 8.48
N PRO B 35 -7.80 22.70 9.35
CA PRO B 35 -7.52 22.03 10.62
C PRO B 35 -8.60 22.36 11.67
N ASP B 36 -8.76 21.43 12.62
CA ASP B 36 -9.54 21.70 13.83
C ASP B 36 -8.77 22.63 14.77
N VAL B 37 -9.46 23.62 15.36
CA VAL B 37 -8.86 24.57 16.29
C VAL B 37 -8.28 23.89 17.54
N ARG B 38 -8.88 22.76 17.93
CA ARG B 38 -8.55 22.07 19.18
C ARG B 38 -7.24 21.28 19.08
N ASP B 39 -7.02 20.51 18.00
CA ASP B 39 -5.82 19.68 17.93
C ASP B 39 -4.89 20.09 16.79
N GLY B 40 -5.30 21.11 16.00
CA GLY B 40 -4.53 21.59 14.85
C GLY B 40 -4.48 20.63 13.65
N LEU B 41 -5.34 19.61 13.61
CA LEU B 41 -5.17 18.58 12.59
C LEU B 41 -6.31 18.61 11.57
N LYS B 42 -5.95 18.22 10.33
CA LYS B 42 -6.90 17.84 9.30
C LYS B 42 -7.15 16.34 9.43
N PRO B 43 -8.28 15.82 8.88
CA PRO B 43 -8.56 14.38 8.92
C PRO B 43 -7.40 13.46 8.57
N VAL B 44 -6.71 13.72 7.45
CA VAL B 44 -5.68 12.76 7.02
C VAL B 44 -4.57 12.63 8.07
N HIS B 45 -4.16 13.77 8.65
CA HIS B 45 -3.10 13.75 9.65
C HIS B 45 -3.56 13.05 10.92
N ARG B 46 -4.81 13.29 11.32
CA ARG B 46 -5.35 12.73 12.55
C ARG B 46 -5.41 11.21 12.43
N ARG B 47 -5.82 10.75 11.24
CA ARG B 47 -5.96 9.32 10.99
C ARG B 47 -4.60 8.66 10.96
N ILE B 48 -3.60 9.37 10.43
CA ILE B 48 -2.25 8.83 10.42
C ILE B 48 -1.76 8.59 11.86
N LEU B 49 -1.93 9.60 12.71
CA LEU B 49 -1.36 9.54 14.05
C LEU B 49 -2.12 8.48 14.86
N TYR B 50 -3.46 8.46 14.69
CA TYR B 50 -4.29 7.49 15.36
C TYR B 50 -3.89 6.07 14.93
N GLY B 51 -3.61 5.88 13.64
CA GLY B 51 -3.19 4.56 13.18
C GLY B 51 -1.86 4.15 13.81
N LEU B 52 -0.91 5.11 13.88
CA LEU B 52 0.35 4.87 14.57
C LEU B 52 0.09 4.44 16.01
N ASN B 53 -0.86 5.11 16.67
CA ASN B 53 -1.18 4.82 18.06
C ASN B 53 -1.76 3.41 18.21
N GLU B 54 -2.75 3.07 17.38
CA GLU B 54 -3.48 1.82 17.45
C GLU B 54 -2.57 0.64 17.16
N GLN B 55 -1.52 0.83 16.36
CA GLN B 55 -0.58 -0.22 16.06
C GLN B 55 0.65 -0.15 16.98
N GLY B 56 0.57 0.63 18.08
CA GLY B 56 1.65 0.75 19.06
C GLY B 56 3.00 1.15 18.47
N MET B 57 2.99 2.09 17.52
N MET B 57 3.00 2.09 17.51
CA MET B 57 4.22 2.51 16.85
CA MET B 57 4.22 2.52 16.84
C MET B 57 4.82 3.71 17.59
C MET B 57 4.82 3.71 17.59
N THR B 58 5.12 3.48 18.87
CA THR B 58 5.58 4.51 19.79
C THR B 58 7.09 4.70 19.63
N PRO B 59 7.67 5.80 20.14
CA PRO B 59 9.09 6.10 19.98
C PRO B 59 10.09 5.05 20.47
N ASP B 60 9.67 4.25 21.46
CA ASP B 60 10.53 3.25 22.08
C ASP B 60 10.56 1.97 21.25
N LYS B 61 9.63 1.82 20.30
CA LYS B 61 9.58 0.64 19.46
C LYS B 61 10.34 0.92 18.17
N SER B 62 10.69 -0.15 17.46
CA SER B 62 11.42 -0.02 16.21
C SER B 62 10.54 0.65 15.15
N TYR B 63 11.21 1.12 14.09
CA TYR B 63 10.50 1.78 13.01
C TYR B 63 9.64 0.76 12.28
N LYS B 64 8.47 1.21 11.80
N LYS B 64 8.47 1.21 11.80
CA LYS B 64 7.60 0.35 11.03
CA LYS B 64 7.58 0.36 11.04
C LYS B 64 7.63 0.78 9.57
C LYS B 64 7.65 0.77 9.57
N LYS B 65 7.39 -0.17 8.67
CA LYS B 65 7.37 0.09 7.23
C LYS B 65 6.26 1.08 6.86
N SER B 66 6.63 2.07 6.05
CA SER B 66 5.66 3.06 5.59
C SER B 66 4.43 2.46 4.86
N ALA B 67 4.67 1.42 4.03
CA ALA B 67 3.62 0.79 3.25
C ALA B 67 2.54 0.20 4.16
N ARG B 68 2.98 -0.39 5.29
CA ARG B 68 2.06 -1.00 6.24
C ARG B 68 1.20 0.06 6.92
N ILE B 69 1.84 1.20 7.30
CA ILE B 69 1.14 2.29 7.95
C ILE B 69 0.08 2.83 6.98
N VAL B 70 0.50 3.06 5.72
CA VAL B 70 -0.35 3.67 4.73
C VAL B 70 -1.51 2.73 4.42
N GLY B 71 -1.19 1.44 4.19
CA GLY B 71 -2.22 0.44 3.91
C GLY B 71 -3.26 0.37 5.02
N ASP B 72 -2.77 0.38 6.27
CA ASP B 72 -3.64 0.30 7.44
C ASP B 72 -4.56 1.52 7.52
N VAL B 73 -3.97 2.71 7.31
CA VAL B 73 -4.75 3.93 7.50
C VAL B 73 -5.80 4.05 6.40
N MET B 74 -5.43 3.65 5.17
CA MET B 74 -6.29 3.71 4.01
C MET B 74 -7.48 2.75 4.17
N GLY B 75 -7.22 1.53 4.64
CA GLY B 75 -8.25 0.50 4.83
C GLY B 75 -9.27 0.86 5.93
N LYS B 76 -8.74 1.36 7.06
CA LYS B 76 -9.55 1.52 8.26
C LYS B 76 -10.18 2.91 8.35
N TYR B 77 -9.49 3.96 7.86
CA TYR B 77 -9.95 5.28 8.24
C TYR B 77 -10.05 6.28 7.07
N HIS B 78 -9.16 6.15 6.06
CA HIS B 78 -8.99 7.19 5.05
C HIS B 78 -9.22 6.67 3.63
N PRO B 79 -10.48 6.72 3.13
CA PRO B 79 -10.85 6.11 1.85
C PRO B 79 -10.52 7.02 0.67
N HIS B 80 -9.24 7.33 0.55
CA HIS B 80 -8.72 8.17 -0.54
C HIS B 80 -7.39 7.56 -1.00
N GLY B 81 -6.73 8.25 -1.94
CA GLY B 81 -5.51 7.75 -2.56
C GLY B 81 -4.35 7.61 -1.59
N ASP B 82 -3.51 6.60 -1.85
N ASP B 82 -3.51 6.59 -1.84
CA ASP B 82 -2.34 6.28 -1.04
CA ASP B 82 -2.33 6.26 -1.06
C ASP B 82 -1.32 7.43 -1.05
C ASP B 82 -1.33 7.44 -1.05
N SER B 83 -1.22 8.13 -2.19
CA SER B 83 -0.30 9.26 -2.34
C SER B 83 -0.63 10.41 -1.37
N SER B 84 -1.94 10.67 -1.16
CA SER B 84 -2.36 11.69 -0.21
C SER B 84 -1.86 11.35 1.19
N ILE B 85 -2.02 10.08 1.58
CA ILE B 85 -1.70 9.63 2.92
C ILE B 85 -0.18 9.62 3.12
N TYR B 86 0.57 9.04 2.19
CA TYR B 86 2.01 8.93 2.34
C TYR B 86 2.67 10.31 2.40
N GLU B 87 2.25 11.21 1.50
CA GLU B 87 2.85 12.52 1.46
C GLU B 87 2.52 13.35 2.71
N ALA B 88 1.30 13.19 3.24
CA ALA B 88 0.96 13.84 4.50
C ALA B 88 1.91 13.36 5.60
N MET B 89 2.14 12.05 5.67
CA MET B 89 2.97 11.46 6.70
C MET B 89 4.42 11.93 6.56
N VAL B 90 4.91 12.01 5.31
CA VAL B 90 6.24 12.49 4.98
C VAL B 90 6.44 13.91 5.51
N ARG B 91 5.50 14.82 5.24
CA ARG B 91 5.69 16.21 5.65
C ARG B 91 5.83 16.27 7.17
N MET B 92 5.03 15.46 7.89
CA MET B 92 5.01 15.42 9.35
C MET B 92 6.38 15.01 9.89
N ALA B 93 7.19 14.36 9.04
CA ALA B 93 8.50 13.91 9.47
C ALA B 93 9.60 14.89 9.10
N GLN B 94 9.29 15.98 8.40
CA GLN B 94 10.33 16.87 7.88
C GLN B 94 10.60 18.01 8.85
N ASP B 95 11.87 18.18 9.25
CA ASP B 95 12.18 19.20 10.24
C ASP B 95 12.23 20.59 9.60
N PHE B 96 12.19 20.67 8.26
CA PHE B 96 12.05 21.97 7.61
C PHE B 96 10.59 22.30 7.32
N SER B 97 9.65 21.37 7.61
CA SER B 97 8.24 21.64 7.40
C SER B 97 7.51 21.84 8.74
N TYR B 98 7.77 20.93 9.70
CA TYR B 98 7.12 20.97 11.00
C TYR B 98 8.07 21.53 12.06
N ARG B 99 7.61 22.58 12.76
CA ARG B 99 8.35 23.18 13.85
C ARG B 99 8.53 22.16 14.97
N TYR B 100 7.52 21.30 15.18
CA TYR B 100 7.64 20.18 16.11
C TYR B 100 7.22 18.93 15.36
N PRO B 101 8.16 18.24 14.67
CA PRO B 101 7.79 17.10 13.83
C PRO B 101 6.96 16.05 14.58
N LEU B 102 5.93 15.53 13.91
CA LEU B 102 5.00 14.59 14.53
C LEU B 102 5.38 13.15 14.19
N VAL B 103 6.20 12.95 13.14
CA VAL B 103 6.58 11.62 12.72
C VAL B 103 8.11 11.55 12.73
N ASP B 104 8.62 10.39 13.17
CA ASP B 104 10.05 10.09 13.20
C ASP B 104 10.37 9.17 12.02
N GLY B 105 11.06 9.67 11.00
CA GLY B 105 11.20 8.88 9.78
C GLY B 105 12.63 8.31 9.66
N GLN B 106 12.76 7.11 9.11
CA GLN B 106 14.05 6.55 8.75
C GLN B 106 14.12 6.41 7.23
N GLY B 107 15.22 6.89 6.63
CA GLY B 107 15.40 6.84 5.19
C GLY B 107 15.13 8.17 4.49
N ASN B 108 14.98 8.16 3.16
CA ASN B 108 14.90 9.38 2.38
C ASN B 108 13.49 9.98 2.50
N PHE B 109 13.37 11.11 3.21
CA PHE B 109 12.09 11.75 3.49
C PHE B 109 12.00 13.11 2.81
N GLY B 110 12.78 13.32 1.75
CA GLY B 110 12.72 14.56 0.97
C GLY B 110 13.69 15.64 1.49
N SER B 111 13.82 16.75 0.75
CA SER B 111 14.73 17.83 1.13
C SER B 111 14.05 19.19 0.91
N MET B 112 14.76 20.23 1.32
CA MET B 112 14.36 21.62 1.11
C MET B 112 14.39 22.02 -0.35
N ASP B 113 14.96 21.18 -1.22
CA ASP B 113 15.04 21.44 -2.64
C ASP B 113 13.83 20.87 -3.38
N GLY B 114 12.87 20.31 -2.64
CA GLY B 114 11.62 19.87 -3.25
C GLY B 114 11.73 18.44 -3.81
N ASP B 115 12.84 17.76 -3.52
CA ASP B 115 12.96 16.33 -3.73
C ASP B 115 11.88 15.63 -2.92
N GLY B 116 11.20 14.66 -3.52
CA GLY B 116 10.23 13.89 -2.76
C GLY B 116 10.95 12.88 -1.85
N ALA B 117 10.18 12.30 -0.92
CA ALA B 117 10.59 11.10 -0.21
C ALA B 117 10.88 9.95 -1.19
N ALA B 118 11.63 8.97 -0.70
CA ALA B 118 11.75 7.68 -1.38
C ALA B 118 10.36 7.04 -1.49
N ALA B 119 10.23 6.07 -2.41
CA ALA B 119 9.02 5.24 -2.52
C ALA B 119 8.71 4.66 -1.15
N MET B 120 7.41 4.49 -0.86
CA MET B 120 7.01 4.12 0.49
C MET B 120 7.54 2.74 0.88
N ARG B 121 7.94 1.91 -0.09
CA ARG B 121 8.43 0.59 0.28
C ARG B 121 9.80 0.70 0.98
N PHE B 122 10.53 1.80 0.74
CA PHE B 122 11.88 1.94 1.28
C PHE B 122 11.89 2.59 2.67
N THR B 123 10.89 3.42 2.98
CA THR B 123 11.00 4.24 4.19
C THR B 123 10.27 3.60 5.36
N GLU B 124 10.62 4.06 6.57
CA GLU B 124 10.03 3.51 7.77
C GLU B 124 9.75 4.66 8.74
N ALA B 125 8.82 4.47 9.68
CA ALA B 125 8.33 5.58 10.48
C ALA B 125 7.84 5.08 11.84
N ARG B 126 7.82 6.00 12.81
CA ARG B 126 7.13 5.86 14.09
C ARG B 126 6.79 7.26 14.61
N MET B 127 6.05 7.32 15.71
CA MET B 127 5.74 8.57 16.39
C MET B 127 7.02 9.20 16.94
N THR B 128 7.06 10.53 16.94
CA THR B 128 8.02 11.27 17.76
C THR B 128 7.50 11.29 19.21
N LYS B 129 8.40 11.65 20.12
CA LYS B 129 8.04 11.76 21.53
C LYS B 129 6.92 12.78 21.74
N ILE B 130 7.00 13.92 21.04
CA ILE B 130 5.99 14.94 21.24
C ILE B 130 4.61 14.47 20.78
N THR B 131 4.57 13.55 19.82
CA THR B 131 3.28 13.06 19.35
C THR B 131 2.55 12.28 20.45
N LEU B 132 3.31 11.61 21.33
CA LEU B 132 2.72 10.96 22.49
C LEU B 132 1.81 11.94 23.25
N GLU B 133 2.21 13.21 23.32
CA GLU B 133 1.40 14.22 23.99
C GLU B 133 0.12 14.58 23.23
N LEU B 134 0.10 14.34 21.90
CA LEU B 134 -1.12 14.58 21.11
C LEU B 134 -2.14 13.51 21.50
N LEU B 135 -1.61 12.31 21.77
CA LEU B 135 -2.43 11.12 21.91
C LEU B 135 -2.72 10.78 23.36
N ARG B 136 -1.97 11.36 24.30
CA ARG B 136 -2.12 11.15 25.73
C ARG B 136 -3.58 11.25 26.20
N ASP B 137 -4.07 10.18 26.81
CA ASP B 137 -5.36 10.08 27.48
C ASP B 137 -6.47 9.81 26.48
N ILE B 138 -6.12 9.37 25.26
CA ILE B 138 -7.17 9.15 24.26
C ILE B 138 -8.05 7.97 24.67
N ASN B 139 -7.52 7.08 25.51
CA ASN B 139 -8.32 5.93 25.91
C ASN B 139 -8.97 6.14 27.27
N LYS B 140 -9.09 7.39 27.74
CA LYS B 140 -9.68 7.64 29.05
C LYS B 140 -10.91 8.49 28.88
N ASP B 141 -11.65 8.19 27.80
CA ASP B 141 -12.91 8.86 27.46
C ASP B 141 -12.78 10.38 27.53
N THR B 142 -11.69 10.93 26.97
CA THR B 142 -11.44 12.36 26.97
C THR B 142 -12.04 13.03 25.73
N ILE B 143 -12.20 12.25 24.66
CA ILE B 143 -12.62 12.78 23.36
C ILE B 143 -13.67 11.85 22.77
N ASP B 144 -14.56 12.38 21.93
CA ASP B 144 -15.61 11.56 21.35
C ASP B 144 -15.12 10.75 20.16
N PHE B 145 -15.36 9.43 20.19
CA PHE B 145 -15.14 8.56 19.04
C PHE B 145 -16.37 8.56 18.13
N ILE B 146 -16.15 8.26 16.84
CA ILE B 146 -17.22 8.21 15.84
C ILE B 146 -16.98 6.98 14.97
N ASP B 147 -18.03 6.58 14.24
CA ASP B 147 -17.92 5.55 13.23
C ASP B 147 -16.97 5.99 12.10
N ASN B 148 -16.19 5.05 11.57
CA ASN B 148 -15.42 5.27 10.35
C ASN B 148 -16.35 5.30 9.13
N TYR B 149 -15.77 5.44 7.94
CA TYR B 149 -16.50 5.69 6.70
C TYR B 149 -17.40 4.52 6.31
N ASP B 150 -17.12 3.31 6.75
CA ASP B 150 -17.90 2.17 6.29
C ASP B 150 -18.60 1.46 7.45
N GLY B 151 -18.43 1.96 8.68
CA GLY B 151 -19.12 1.42 9.84
C GLY B 151 -18.43 0.19 10.44
N ASN B 152 -17.21 -0.13 10.01
CA ASN B 152 -16.50 -1.28 10.53
C ASN B 152 -15.46 -0.89 11.57
N GLU B 153 -15.25 0.42 11.79
CA GLU B 153 -14.23 0.84 12.74
C GLU B 153 -14.71 2.06 13.53
N ARG B 154 -13.95 2.39 14.58
CA ARG B 154 -14.15 3.64 15.30
C ARG B 154 -12.90 4.50 15.13
N GLU B 155 -13.09 5.83 15.11
CA GLU B 155 -11.96 6.74 14.96
C GLU B 155 -12.22 7.97 15.82
N PRO B 156 -11.17 8.70 16.29
CA PRO B 156 -11.38 9.88 17.13
C PRO B 156 -11.85 11.05 16.29
N SER B 157 -12.82 11.82 16.83
CA SER B 157 -13.22 13.04 16.17
C SER B 157 -12.15 14.10 16.36
N VAL B 158 -11.32 14.00 17.40
CA VAL B 158 -10.34 15.04 17.76
C VAL B 158 -9.35 14.35 18.69
N LEU B 159 -8.08 14.80 18.72
CA LEU B 159 -7.15 14.18 19.66
C LEU B 159 -7.11 15.01 20.95
N PRO B 160 -6.73 14.41 22.10
CA PRO B 160 -6.58 15.16 23.35
C PRO B 160 -5.70 16.40 23.22
N ALA B 161 -4.59 16.26 22.46
CA ALA B 161 -3.72 17.40 22.11
C ALA B 161 -3.25 18.18 23.34
N ARG B 162 -2.32 17.57 24.12
CA ARG B 162 -1.90 18.11 25.40
C ARG B 162 -0.93 19.28 25.24
N PHE B 163 -0.53 19.61 23.99
CA PHE B 163 0.12 20.88 23.71
C PHE B 163 -0.65 21.61 22.61
N PRO B 164 -0.59 22.97 22.49
CA PRO B 164 -1.33 23.74 21.47
C PRO B 164 -0.82 23.59 20.02
N ASN B 165 -1.26 22.52 19.36
CA ASN B 165 -0.63 22.04 18.14
C ASN B 165 -0.99 22.92 16.93
N LEU B 166 -2.21 23.47 16.89
CA LEU B 166 -2.56 24.33 15.76
C LEU B 166 -1.51 25.43 15.59
N LEU B 167 -1.22 26.15 16.68
CA LEU B 167 -0.35 27.32 16.59
C LEU B 167 1.10 26.87 16.58
N ALA B 168 1.41 25.73 17.23
CA ALA B 168 2.80 25.30 17.30
C ALA B 168 3.33 24.93 15.91
N ASN B 169 2.56 24.11 15.17
CA ASN B 169 3.02 23.59 13.89
C ASN B 169 2.40 24.35 12.72
N GLY B 170 1.33 25.13 12.97
CA GLY B 170 0.73 25.91 11.89
C GLY B 170 -0.14 25.04 10.97
N ALA B 171 -0.59 25.63 9.86
CA ALA B 171 -1.48 24.94 8.94
C ALA B 171 -1.52 25.74 7.65
N SER B 172 -1.56 25.05 6.52
CA SER B 172 -1.97 25.71 5.28
C SER B 172 -2.89 24.78 4.51
N GLY B 173 -3.98 25.33 3.96
CA GLY B 173 -4.92 24.51 3.22
C GLY B 173 -5.76 25.34 2.25
N ILE B 174 -5.97 24.78 1.07
CA ILE B 174 -6.85 25.40 0.08
C ILE B 174 -8.15 24.63 0.08
N ALA B 175 -9.23 25.30 0.47
CA ALA B 175 -10.53 24.65 0.55
C ALA B 175 -11.38 25.04 -0.67
N VAL B 176 -12.66 25.36 -0.44
CA VAL B 176 -13.54 25.83 -1.48
C VAL B 176 -14.23 27.05 -0.86
N GLY B 177 -14.17 28.20 -1.52
CA GLY B 177 -14.73 29.43 -0.98
C GLY B 177 -13.82 30.11 0.04
N MET B 178 -12.71 29.44 0.41
CA MET B 178 -11.84 29.93 1.46
C MET B 178 -10.57 29.08 1.50
N ALA B 179 -9.56 29.62 2.18
CA ALA B 179 -8.31 28.90 2.43
C ALA B 179 -7.84 29.21 3.85
N THR B 180 -6.75 28.60 4.28
CA THR B 180 -6.15 28.96 5.57
C THR B 180 -4.63 29.04 5.45
N ASN B 181 -4.01 29.83 6.31
CA ASN B 181 -2.56 29.98 6.35
C ASN B 181 -2.18 30.45 7.75
N ILE B 182 -1.80 29.51 8.61
CA ILE B 182 -1.45 29.78 9.99
C ILE B 182 0.03 29.44 10.17
N PRO B 183 0.87 30.41 10.59
CA PRO B 183 2.30 30.16 10.74
C PRO B 183 2.56 29.38 12.03
N PRO B 184 3.68 28.62 12.08
CA PRO B 184 4.08 27.91 13.30
C PRO B 184 4.63 28.88 14.35
N HIS B 185 4.68 28.41 15.62
CA HIS B 185 5.05 29.18 16.78
C HIS B 185 5.97 28.39 17.71
N ASN B 186 6.67 29.13 18.58
CA ASN B 186 7.55 28.54 19.59
C ASN B 186 6.70 28.00 20.74
N LEU B 187 6.96 26.75 21.09
CA LEU B 187 6.13 26.03 22.05
C LEU B 187 6.25 26.61 23.47
N THR B 188 7.46 27.06 23.86
CA THR B 188 7.65 27.75 25.14
C THR B 188 6.78 28.99 25.20
N GLU B 189 6.87 29.83 24.16
CA GLU B 189 6.07 31.04 24.04
C GLU B 189 4.58 30.71 24.15
N LEU B 190 4.13 29.67 23.42
CA LEU B 190 2.70 29.40 23.34
C LEU B 190 2.16 28.98 24.71
N ILE B 191 2.86 28.05 25.35
CA ILE B 191 2.42 27.56 26.66
C ILE B 191 2.43 28.70 27.70
N ASN B 192 3.44 29.60 27.61
CA ASN B 192 3.46 30.76 28.48
C ASN B 192 2.19 31.59 28.28
N GLY B 193 1.82 31.76 27.01
CA GLY B 193 0.63 32.53 26.65
C GLY B 193 -0.64 31.88 27.18
N VAL B 194 -0.74 30.54 27.08
CA VAL B 194 -1.90 29.82 27.59
C VAL B 194 -1.98 30.04 29.10
N LEU B 195 -0.82 29.97 29.77
CA LEU B 195 -0.74 30.11 31.22
C LEU B 195 -1.25 31.50 31.64
N SER B 196 -0.74 32.54 30.97
CA SER B 196 -1.21 33.91 31.17
C SER B 196 -2.72 34.02 30.97
N LEU B 197 -3.23 33.46 29.88
CA LEU B 197 -4.66 33.52 29.61
C LEU B 197 -5.45 32.86 30.75
N SER B 198 -4.93 31.72 31.24
CA SER B 198 -5.66 30.92 32.23
C SER B 198 -5.79 31.68 33.57
N LYS B 199 -4.93 32.68 33.77
CA LYS B 199 -4.95 33.49 34.98
C LYS B 199 -5.66 34.84 34.76
N ASN B 200 -6.11 35.13 33.52
CA ASN B 200 -6.70 36.41 33.20
C ASN B 200 -7.51 36.29 31.90
N PRO B 201 -8.80 35.88 31.99
CA PRO B 201 -9.67 35.76 30.82
C PRO B 201 -9.73 37.05 30.01
N ASP B 202 -9.44 38.18 30.65
CA ASP B 202 -9.59 39.48 30.00
C ASP B 202 -8.28 39.99 29.40
N ILE B 203 -7.25 39.13 29.35
CA ILE B 203 -5.96 39.51 28.79
C ILE B 203 -6.13 40.04 27.36
N SER B 204 -5.35 41.08 27.03
CA SER B 204 -5.36 41.69 25.71
C SER B 204 -4.39 40.98 24.76
N ILE B 205 -4.53 41.21 23.44
CA ILE B 205 -3.59 40.71 22.46
C ILE B 205 -2.20 41.23 22.76
N ALA B 206 -2.12 42.53 23.06
CA ALA B 206 -0.84 43.17 23.33
C ALA B 206 -0.14 42.49 24.50
N GLU B 207 -0.88 42.16 25.55
N GLU B 207 -0.88 42.17 25.56
CA GLU B 207 -0.30 41.48 26.69
CA GLU B 207 -0.30 41.49 26.70
C GLU B 207 0.13 40.06 26.32
C GLU B 207 0.13 40.06 26.32
N LEU B 208 -0.71 39.37 25.54
CA LEU B 208 -0.38 38.01 25.10
C LEU B 208 0.93 38.03 24.31
N MET B 209 1.16 39.11 23.55
CA MET B 209 2.37 39.24 22.75
C MET B 209 3.62 39.44 23.61
N GLU B 210 3.44 39.62 24.92
CA GLU B 210 4.58 39.66 25.82
C GLU B 210 5.12 38.23 25.99
N ASP B 211 4.24 37.23 25.85
CA ASP B 211 4.64 35.84 25.76
C ASP B 211 4.97 35.41 24.32
N ILE B 212 4.04 35.66 23.40
CA ILE B 212 4.20 35.15 22.04
C ILE B 212 4.66 36.31 21.16
N GLU B 213 5.97 36.34 20.87
N GLU B 213 5.96 36.34 20.86
CA GLU B 213 6.55 37.48 20.18
CA GLU B 213 6.56 37.47 20.17
C GLU B 213 6.11 37.51 18.72
C GLU B 213 6.12 37.51 18.71
N GLY B 214 5.87 36.34 18.14
CA GLY B 214 5.48 36.22 16.74
C GLY B 214 5.71 34.80 16.26
N PRO B 215 5.59 34.50 14.96
CA PRO B 215 5.81 33.13 14.48
C PRO B 215 7.26 32.74 14.74
N ASP B 216 7.47 31.43 14.77
CA ASP B 216 8.80 30.85 14.89
C ASP B 216 8.90 29.69 13.89
N PHE B 217 9.57 29.91 12.76
CA PHE B 217 9.56 28.96 11.65
C PHE B 217 10.60 27.89 11.89
N PRO B 218 10.36 26.64 11.42
CA PRO B 218 11.34 25.55 11.59
C PRO B 218 12.65 25.88 10.88
N THR B 219 12.56 26.77 9.86
CA THR B 219 13.64 27.18 8.98
C THR B 219 14.39 28.41 9.51
N ALA B 220 13.99 28.92 10.69
CA ALA B 220 14.66 30.06 11.33
C ALA B 220 14.47 31.34 10.51
N GLY B 221 15.57 31.99 10.13
CA GLY B 221 15.49 33.26 9.37
C GLY B 221 15.06 34.46 10.20
N LEU B 222 14.63 35.55 9.54
CA LEU B 222 14.26 36.81 10.15
C LEU B 222 12.84 37.18 9.78
N ILE B 223 12.16 37.90 10.67
CA ILE B 223 10.94 38.60 10.34
C ILE B 223 11.24 40.10 10.48
N LEU B 224 10.71 40.91 9.54
CA LEU B 224 10.92 42.35 9.55
C LEU B 224 9.74 43.08 10.14
N GLY B 225 9.93 43.66 11.33
CA GLY B 225 8.91 44.49 11.93
C GLY B 225 7.87 43.65 12.67
N LYS B 226 7.06 44.35 13.47
CA LYS B 226 6.06 43.71 14.30
C LYS B 226 4.64 44.08 13.85
N SER B 227 4.51 44.95 12.85
N SER B 227 4.52 44.97 12.86
CA SER B 227 3.18 45.47 12.56
CA SER B 227 3.21 45.50 12.50
C SER B 227 2.32 44.42 11.85
C SER B 227 2.33 44.43 11.84
N GLY B 228 2.93 43.60 10.99
CA GLY B 228 2.23 42.52 10.31
C GLY B 228 1.84 41.43 11.28
N ILE B 229 2.77 41.10 12.19
CA ILE B 229 2.47 40.16 13.28
C ILE B 229 1.25 40.66 14.06
N ARG B 230 1.28 41.95 14.46
CA ARG B 230 0.27 42.49 15.35
C ARG B 230 -1.09 42.47 14.66
N ARG B 231 -1.12 42.84 13.38
CA ARG B 231 -2.38 42.84 12.65
C ARG B 231 -2.92 41.40 12.55
N ALA B 232 -2.03 40.43 12.29
CA ALA B 232 -2.43 39.04 12.19
C ALA B 232 -2.99 38.53 13.52
N TYR B 233 -2.35 38.89 14.62
CA TYR B 233 -2.79 38.38 15.91
C TYR B 233 -4.08 39.05 16.37
N GLU B 234 -4.28 40.30 15.93
CA GLU B 234 -5.46 41.07 16.31
C GLU B 234 -6.65 40.65 15.46
N THR B 235 -6.44 40.33 14.17
CA THR B 235 -7.57 40.19 13.28
C THR B 235 -7.62 38.81 12.64
N GLY B 236 -6.50 38.05 12.69
CA GLY B 236 -6.49 36.77 11.99
C GLY B 236 -5.88 36.88 10.60
N ARG B 237 -5.60 38.13 10.16
CA ARG B 237 -5.04 38.39 8.83
C ARG B 237 -3.94 39.45 8.91
N GLY B 238 -2.84 39.20 8.21
CA GLY B 238 -1.78 40.19 8.11
C GLY B 238 -0.65 39.63 7.26
N SER B 239 0.17 40.53 6.76
CA SER B 239 1.27 40.12 5.91
C SER B 239 2.53 40.15 6.74
N ILE B 240 3.29 39.05 6.75
CA ILE B 240 4.49 39.03 7.60
C ILE B 240 5.72 38.84 6.71
N GLN B 241 6.63 39.82 6.72
CA GLN B 241 7.76 39.79 5.80
C GLN B 241 8.88 38.91 6.36
N MET B 242 9.24 37.83 5.65
CA MET B 242 10.29 36.92 6.11
C MET B 242 11.54 37.16 5.29
N ARG B 243 12.70 37.17 5.93
CA ARG B 243 13.91 37.44 5.19
C ARG B 243 14.91 36.32 5.50
N SER B 244 15.67 35.91 4.49
CA SER B 244 16.79 34.99 4.66
C SER B 244 17.78 35.56 5.65
N ARG B 245 18.54 34.67 6.31
CA ARG B 245 19.70 35.09 7.09
C ARG B 245 20.89 35.14 6.15
N ALA B 246 21.38 36.36 5.91
CA ALA B 246 22.48 36.56 4.96
C ALA B 246 23.50 37.50 5.59
N VAL B 247 24.78 37.26 5.30
CA VAL B 247 25.83 38.17 5.74
C VAL B 247 26.74 38.47 4.57
N ILE B 248 27.51 39.57 4.68
CA ILE B 248 28.52 39.92 3.70
C ILE B 248 29.92 39.67 4.29
N GLU B 249 30.77 38.94 3.55
CA GLU B 249 32.09 38.58 4.04
C GLU B 249 33.11 38.64 2.89
N GLU B 250 34.40 38.78 3.26
CA GLU B 250 35.51 38.75 2.33
C GLU B 250 35.77 37.34 1.82
N ARG B 251 36.29 37.25 0.60
CA ARG B 251 36.64 35.96 0.02
C ARG B 251 38.05 35.99 -0.56
N GLY B 252 38.79 37.09 -0.31
CA GLY B 252 40.19 37.20 -0.72
C GLY B 252 40.34 38.18 -1.89
N GLY B 253 41.59 38.65 -2.07
CA GLY B 253 41.98 39.62 -3.08
C GLY B 253 41.07 40.85 -3.12
N GLY B 254 40.58 41.31 -1.97
CA GLY B 254 39.72 42.47 -1.92
C GLY B 254 38.29 42.21 -2.41
N ARG B 255 37.93 40.94 -2.68
CA ARG B 255 36.59 40.62 -3.16
C ARG B 255 35.67 40.20 -2.01
N GLN B 256 34.34 40.24 -2.25
CA GLN B 256 33.35 39.88 -1.23
C GLN B 256 32.34 38.87 -1.77
N ARG B 257 31.58 38.28 -0.84
CA ARG B 257 30.46 37.41 -1.18
C ARG B 257 29.34 37.59 -0.17
N ILE B 258 28.10 37.30 -0.60
CA ILE B 258 26.95 37.18 0.27
C ILE B 258 26.79 35.69 0.57
N VAL B 259 26.69 35.38 1.88
CA VAL B 259 26.49 34.00 2.32
C VAL B 259 25.15 33.87 3.02
N VAL B 260 24.29 32.97 2.50
CA VAL B 260 22.94 32.80 3.00
C VAL B 260 22.90 31.49 3.76
N THR B 261 22.47 31.49 5.03
CA THR B 261 22.52 30.27 5.83
C THR B 261 21.13 29.84 6.31
N GLU B 262 20.12 30.69 6.16
CA GLU B 262 18.75 30.35 6.48
C GLU B 262 17.86 31.04 5.45
N ILE B 263 16.81 30.33 5.06
CA ILE B 263 15.89 30.83 4.04
C ILE B 263 14.48 30.92 4.62
N PRO B 264 13.58 31.70 3.98
CA PRO B 264 12.20 31.84 4.46
C PRO B 264 11.45 30.51 4.46
N PHE B 265 10.45 30.42 5.35
CA PHE B 265 9.62 29.24 5.50
C PHE B 265 8.92 28.91 4.19
N GLN B 266 8.96 27.64 3.78
CA GLN B 266 8.20 27.16 2.62
C GLN B 266 8.79 27.61 1.28
N VAL B 267 9.99 28.22 1.28
CA VAL B 267 10.68 28.49 0.03
C VAL B 267 11.54 27.29 -0.36
N ASN B 268 11.43 26.88 -1.63
CA ASN B 268 12.27 25.82 -2.14
C ASN B 268 13.64 26.41 -2.50
N LYS B 269 14.70 25.90 -1.89
CA LYS B 269 16.04 26.47 -2.00
C LYS B 269 16.54 26.39 -3.44
N ALA B 270 16.43 25.21 -4.08
CA ALA B 270 16.93 25.06 -5.45
C ALA B 270 16.21 26.03 -6.39
N ARG B 271 14.88 26.21 -6.20
CA ARG B 271 14.08 27.07 -7.04
C ARG B 271 14.48 28.54 -6.83
N MET B 272 14.75 28.91 -5.58
CA MET B 272 15.20 30.25 -5.25
C MET B 272 16.52 30.54 -5.97
N ILE B 273 17.42 29.54 -5.98
CA ILE B 273 18.72 29.67 -6.62
C ILE B 273 18.54 29.88 -8.14
N GLU B 274 17.72 29.03 -8.79
CA GLU B 274 17.41 29.16 -10.22
C GLU B 274 16.88 30.57 -10.53
N LYS B 275 16.04 31.10 -9.64
CA LYS B 275 15.51 32.43 -9.85
C LYS B 275 16.62 33.49 -9.87
N ILE B 276 17.57 33.38 -8.94
CA ILE B 276 18.68 34.32 -8.89
C ILE B 276 19.51 34.13 -10.16
N ALA B 277 19.78 32.87 -10.55
CA ALA B 277 20.56 32.59 -11.74
C ALA B 277 19.89 33.23 -12.96
N GLU B 278 18.56 33.14 -13.02
CA GLU B 278 17.79 33.67 -14.13
C GLU B 278 17.96 35.19 -14.22
N LEU B 279 17.82 35.90 -13.09
CA LEU B 279 17.97 37.33 -12.96
C LEU B 279 19.32 37.76 -13.54
N VAL B 280 20.35 36.98 -13.22
CA VAL B 280 21.72 37.32 -13.61
C VAL B 280 21.80 37.14 -15.12
N ARG B 281 21.29 36.01 -15.58
CA ARG B 281 21.40 35.62 -16.97
C ARG B 281 20.70 36.66 -17.85
N ASP B 282 19.54 37.14 -17.40
CA ASP B 282 18.71 38.10 -18.14
C ASP B 282 19.09 39.53 -17.79
N LYS B 283 20.20 39.70 -17.08
CA LYS B 283 20.77 41.00 -16.80
C LYS B 283 19.78 41.92 -16.09
N LYS B 284 18.97 41.34 -15.21
CA LYS B 284 18.04 42.15 -14.45
C LYS B 284 18.68 42.55 -13.10
N ILE B 285 19.90 42.07 -12.83
CA ILE B 285 20.57 42.46 -11.60
C ILE B 285 22.06 42.61 -11.89
N ASP B 286 22.69 43.68 -11.38
CA ASP B 286 24.10 43.93 -11.65
C ASP B 286 25.01 43.46 -10.49
N GLY B 287 26.17 42.87 -10.80
CA GLY B 287 27.24 42.76 -9.82
C GLY B 287 27.53 41.34 -9.32
N ILE B 288 26.79 40.33 -9.85
CA ILE B 288 26.97 38.97 -9.35
C ILE B 288 27.87 38.23 -10.32
N THR B 289 28.91 37.56 -9.81
CA THR B 289 29.89 36.88 -10.62
C THR B 289 29.81 35.38 -10.43
N ASP B 290 29.15 34.90 -9.37
CA ASP B 290 29.03 33.46 -9.18
C ASP B 290 27.92 33.17 -8.19
N LEU B 291 27.39 31.94 -8.25
CA LEU B 291 26.27 31.51 -7.44
C LEU B 291 26.45 30.01 -7.23
N ARG B 292 26.57 29.58 -5.95
CA ARG B 292 26.80 28.17 -5.67
C ARG B 292 25.99 27.73 -4.45
N ASP B 293 25.49 26.50 -4.48
CA ASP B 293 24.87 25.97 -3.28
C ASP B 293 25.89 25.09 -2.59
N GLU B 294 26.41 25.51 -1.43
CA GLU B 294 27.44 24.75 -0.73
C GLU B 294 26.83 24.02 0.48
N THR B 295 25.50 23.86 0.48
CA THR B 295 24.79 23.18 1.55
C THR B 295 25.38 21.77 1.76
N SER B 296 25.50 21.34 3.03
CA SER B 296 25.89 19.97 3.31
C SER B 296 25.39 19.58 4.69
N LEU B 297 25.44 18.28 4.97
CA LEU B 297 25.00 17.76 6.25
C LEU B 297 25.86 18.36 7.36
N ARG B 298 27.15 18.53 7.07
CA ARG B 298 28.09 19.01 8.07
C ARG B 298 28.01 20.54 8.18
N THR B 299 27.94 21.21 7.04
CA THR B 299 27.95 22.66 7.02
C THR B 299 26.58 23.25 7.38
N GLY B 300 25.46 22.53 7.17
CA GLY B 300 24.15 23.15 7.16
C GLY B 300 23.92 23.92 5.84
N VAL B 301 22.83 24.70 5.77
CA VAL B 301 22.48 25.43 4.56
C VAL B 301 23.53 26.51 4.30
N ARG B 302 24.07 26.55 3.07
CA ARG B 302 25.01 27.61 2.74
C ARG B 302 24.91 27.92 1.24
N VAL B 303 24.31 29.05 0.91
CA VAL B 303 24.27 29.49 -0.46
C VAL B 303 25.19 30.70 -0.60
N VAL B 304 26.09 30.67 -1.59
CA VAL B 304 27.10 31.69 -1.77
C VAL B 304 26.82 32.49 -3.04
N ILE B 305 26.78 33.82 -2.90
CA ILE B 305 26.68 34.71 -4.04
C ILE B 305 27.94 35.59 -4.10
N ASP B 306 28.82 35.33 -5.08
CA ASP B 306 30.05 36.12 -5.27
C ASP B 306 29.71 37.46 -5.93
N VAL B 307 30.31 38.52 -5.40
CA VAL B 307 30.07 39.89 -5.82
C VAL B 307 31.31 40.39 -6.56
N ARG B 308 31.09 41.18 -7.60
CA ARG B 308 32.15 41.70 -8.47
C ARG B 308 33.00 42.67 -7.68
N LYS B 309 34.33 42.59 -7.85
CA LYS B 309 35.26 43.47 -7.16
C LYS B 309 34.81 44.93 -7.26
N ASP B 310 34.73 45.61 -6.10
CA ASP B 310 34.35 47.02 -6.00
C ASP B 310 32.85 47.27 -6.19
N ALA B 311 32.03 46.22 -6.43
CA ALA B 311 30.58 46.44 -6.33
C ALA B 311 30.20 46.54 -4.85
N ASN B 312 29.13 47.28 -4.56
CA ASN B 312 28.57 47.37 -3.22
C ASN B 312 27.67 46.16 -2.95
N ALA B 313 28.14 45.26 -2.07
CA ALA B 313 27.50 43.99 -1.79
C ALA B 313 26.15 44.16 -1.09
N SER B 314 26.02 45.22 -0.28
CA SER B 314 24.79 45.55 0.45
C SER B 314 23.66 45.97 -0.51
N VAL B 315 24.05 46.69 -1.58
CA VAL B 315 23.12 47.11 -2.61
C VAL B 315 22.61 45.87 -3.34
N ILE B 316 23.54 45.02 -3.77
CA ILE B 316 23.17 43.76 -4.39
C ILE B 316 22.22 42.97 -3.49
N LEU B 317 22.52 42.86 -2.19
CA LEU B 317 21.70 42.05 -1.29
C LEU B 317 20.27 42.62 -1.21
N ASN B 318 20.14 43.95 -1.09
CA ASN B 318 18.83 44.60 -1.07
C ASN B 318 18.06 44.32 -2.35
N ASN B 319 18.77 44.37 -3.50
CA ASN B 319 18.15 44.03 -4.76
C ASN B 319 17.63 42.60 -4.72
N LEU B 320 18.45 41.68 -4.20
CA LEU B 320 18.06 40.29 -4.19
C LEU B 320 16.78 40.12 -3.37
N TYR B 321 16.64 40.88 -2.26
CA TYR B 321 15.45 40.76 -1.42
C TYR B 321 14.20 41.18 -2.19
N LYS B 322 14.35 42.24 -2.99
CA LYS B 322 13.27 42.85 -3.76
C LYS B 322 12.88 41.92 -4.92
N GLN B 323 13.86 41.27 -5.55
CA GLN B 323 13.64 40.65 -6.85
C GLN B 323 13.52 39.13 -6.79
N THR B 324 13.77 38.49 -5.65
CA THR B 324 13.72 37.03 -5.61
C THR B 324 13.07 36.60 -4.30
N PRO B 325 12.82 35.29 -4.08
CA PRO B 325 12.26 34.79 -2.82
C PRO B 325 13.18 34.89 -1.59
N LEU B 326 14.40 35.42 -1.76
CA LEU B 326 15.30 35.63 -0.64
C LEU B 326 14.57 36.40 0.47
N GLN B 327 13.65 37.30 0.09
CA GLN B 327 12.65 37.83 1.00
C GLN B 327 11.28 37.44 0.44
N THR B 328 10.37 36.95 1.31
CA THR B 328 9.07 36.42 0.91
C THR B 328 8.08 36.79 2.00
N SER B 329 6.84 37.01 1.59
CA SER B 329 5.79 37.35 2.52
C SER B 329 5.06 36.09 2.99
N PHE B 330 4.72 36.01 4.29
CA PHE B 330 3.77 35.02 4.77
C PHE B 330 2.43 35.71 5.00
N GLY B 331 1.42 35.36 4.17
CA GLY B 331 0.11 36.00 4.27
C GLY B 331 -0.74 35.21 5.27
N VAL B 332 -0.87 35.73 6.50
CA VAL B 332 -1.59 35.04 7.56
C VAL B 332 -3.08 35.15 7.24
N ASN B 333 -3.77 34.01 7.41
CA ASN B 333 -5.19 33.91 7.17
C ASN B 333 -5.70 32.79 8.07
N MET B 334 -6.03 33.11 9.33
CA MET B 334 -6.18 32.06 10.33
C MET B 334 -7.62 31.55 10.37
N ILE B 335 -7.93 30.65 9.43
CA ILE B 335 -9.21 29.97 9.41
C ILE B 335 -9.06 28.54 9.94
N ALA B 336 -9.95 28.16 10.87
CA ALA B 336 -9.95 26.83 11.47
C ALA B 336 -11.39 26.41 11.78
N LEU B 337 -11.60 25.10 11.98
CA LEU B 337 -12.92 24.62 12.34
C LEU B 337 -13.14 24.85 13.83
N VAL B 338 -14.18 25.62 14.12
CA VAL B 338 -14.65 25.87 15.48
C VAL B 338 -16.07 25.31 15.60
N ASN B 339 -16.24 24.28 16.45
CA ASN B 339 -17.55 23.63 16.57
C ASN B 339 -17.99 23.20 15.18
N GLY B 340 -17.05 22.61 14.43
CA GLY B 340 -17.33 22.03 13.12
C GLY B 340 -17.62 23.05 12.01
N ARG B 341 -17.41 24.35 12.25
CA ARG B 341 -17.68 25.36 11.24
C ARG B 341 -16.40 26.15 11.00
N PRO B 342 -16.12 26.59 9.75
CA PRO B 342 -14.92 27.37 9.45
C PRO B 342 -15.09 28.77 10.03
N LYS B 343 -14.02 29.27 10.68
CA LYS B 343 -14.09 30.59 11.29
C LYS B 343 -12.70 31.25 11.20
N LEU B 344 -12.70 32.54 10.85
CA LEU B 344 -11.51 33.37 10.92
C LEU B 344 -11.29 33.73 12.39
N ILE B 345 -10.10 33.41 12.95
CA ILE B 345 -9.87 33.62 14.37
C ILE B 345 -8.60 34.44 14.59
N ASN B 346 -8.60 35.22 15.69
CA ASN B 346 -7.39 35.94 16.08
C ASN B 346 -6.58 35.10 17.07
N LEU B 347 -5.42 35.60 17.50
CA LEU B 347 -4.54 34.86 18.41
C LEU B 347 -5.28 34.49 19.69
N LYS B 348 -6.03 35.44 20.28
CA LYS B 348 -6.69 35.15 21.56
C LYS B 348 -7.75 34.04 21.41
N GLU B 349 -8.61 34.15 20.39
N GLU B 349 -8.61 34.16 20.39
CA GLU B 349 -9.65 33.15 20.16
CA GLU B 349 -9.64 33.15 20.16
C GLU B 349 -9.03 31.76 20.00
C GLU B 349 -9.03 31.76 20.00
N ALA B 350 -7.91 31.69 19.26
CA ALA B 350 -7.25 30.40 19.04
C ALA B 350 -6.81 29.82 20.39
N LEU B 351 -6.24 30.66 21.28
CA LEU B 351 -5.76 30.19 22.57
C LEU B 351 -6.92 29.83 23.50
N VAL B 352 -8.05 30.58 23.43
CA VAL B 352 -9.24 30.36 24.25
C VAL B 352 -9.87 29.01 23.90
N HIS B 353 -10.08 28.74 22.58
CA HIS B 353 -10.62 27.44 22.19
C HIS B 353 -9.69 26.31 22.64
N TYR B 354 -8.36 26.56 22.59
CA TYR B 354 -7.42 25.52 22.95
C TYR B 354 -7.53 25.20 24.44
N LEU B 355 -7.54 26.24 25.29
CA LEU B 355 -7.59 26.09 26.73
C LEU B 355 -8.90 25.41 27.16
N GLU B 356 -10.01 25.75 26.49
CA GLU B 356 -11.31 25.15 26.77
C GLU B 356 -11.27 23.65 26.46
N HIS B 357 -10.56 23.27 25.40
CA HIS B 357 -10.42 21.87 25.04
C HIS B 357 -9.63 21.12 26.12
N GLN B 358 -8.54 21.73 26.60
CA GLN B 358 -7.73 21.14 27.67
C GLN B 358 -8.57 20.92 28.93
N LYS B 359 -9.42 21.88 29.28
CA LYS B 359 -10.23 21.76 30.48
C LYS B 359 -11.17 20.58 30.34
N THR B 360 -11.77 20.42 29.15
CA THR B 360 -12.70 19.33 28.93
C THR B 360 -11.98 17.99 28.96
N VAL B 361 -10.79 17.96 28.38
CA VAL B 361 -10.02 16.73 28.30
C VAL B 361 -9.69 16.28 29.73
N VAL B 362 -9.20 17.21 30.57
CA VAL B 362 -8.73 16.86 31.90
C VAL B 362 -9.92 16.55 32.82
N ARG B 363 -11.02 17.29 32.65
CA ARG B 363 -12.24 16.98 33.39
C ARG B 363 -12.76 15.58 33.04
N ARG B 364 -12.89 15.29 31.74
CA ARG B 364 -13.40 14.01 31.28
C ARG B 364 -12.47 12.87 31.69
N ARG B 365 -11.16 13.14 31.72
CA ARG B 365 -10.19 12.13 32.12
C ARG B 365 -10.37 11.83 33.61
N THR B 366 -10.61 12.88 34.39
CA THR B 366 -10.83 12.78 35.83
C THR B 366 -12.12 12.00 36.08
N GLN B 367 -13.18 12.31 35.33
CA GLN B 367 -14.44 11.60 35.48
C GLN B 367 -14.28 10.12 35.12
N TYR B 368 -13.49 9.83 34.07
CA TYR B 368 -13.30 8.46 33.65
C TYR B 368 -12.52 7.71 34.72
N ASN B 369 -11.42 8.31 35.19
CA ASN B 369 -10.58 7.67 36.20
C ASN B 369 -11.41 7.33 37.43
N LEU B 370 -12.36 8.19 37.78
CA LEU B 370 -13.23 8.00 38.91
C LEU B 370 -14.21 6.83 38.69
N ARG B 371 -14.89 6.77 37.54
CA ARG B 371 -15.76 5.63 37.23
C ARG B 371 -14.96 4.33 37.36
N LYS B 372 -13.78 4.30 36.76
CA LYS B 372 -12.94 3.11 36.73
C LYS B 372 -12.50 2.73 38.15
N ALA B 373 -12.13 3.72 38.97
CA ALA B 373 -11.68 3.46 40.33
C ALA B 373 -12.82 2.88 41.17
N LYS B 374 -14.03 3.44 41.01
CA LYS B 374 -15.21 2.94 41.70
C LYS B 374 -15.54 1.52 41.26
N ASP B 375 -15.44 1.25 39.96
CA ASP B 375 -15.69 -0.10 39.47
C ASP B 375 -14.71 -1.07 40.12
N ARG B 376 -13.45 -0.65 40.26
CA ARG B 376 -12.42 -1.53 40.73
C ARG B 376 -12.58 -1.74 42.24
N ALA B 377 -12.91 -0.66 42.95
CA ALA B 377 -13.27 -0.77 44.37
C ALA B 377 -14.37 -1.83 44.56
N HIS B 378 -15.42 -1.77 43.74
CA HIS B 378 -16.52 -2.71 43.77
C HIS B 378 -16.04 -4.15 43.60
N ILE B 379 -15.16 -4.37 42.61
CA ILE B 379 -14.68 -5.72 42.36
C ILE B 379 -13.87 -6.22 43.56
N LEU B 380 -13.02 -5.34 44.13
CA LEU B 380 -12.18 -5.73 45.26
C LEU B 380 -13.03 -6.05 46.49
N GLU B 381 -14.16 -5.34 46.69
CA GLU B 381 -15.08 -5.67 47.77
C GLU B 381 -15.58 -7.10 47.63
N GLY B 382 -15.87 -7.51 46.38
CA GLY B 382 -16.29 -8.88 46.08
C GLY B 382 -15.17 -9.90 46.29
N LEU B 383 -13.94 -9.54 45.92
CA LEU B 383 -12.82 -10.46 46.10
C LEU B 383 -12.51 -10.64 47.59
N ARG B 384 -12.69 -9.57 48.37
N ARG B 384 -12.70 -9.58 48.37
CA ARG B 384 -12.47 -9.56 49.81
CA ARG B 384 -12.41 -9.61 49.79
C ARG B 384 -13.36 -10.63 50.43
C ARG B 384 -13.37 -10.63 50.44
N ILE B 385 -14.66 -10.55 50.08
CA ILE B 385 -15.67 -11.48 50.55
C ILE B 385 -15.30 -12.91 50.14
N ALA B 386 -14.91 -13.09 48.87
CA ALA B 386 -14.60 -14.43 48.41
C ALA B 386 -13.44 -15.00 49.23
N LEU B 387 -12.38 -14.21 49.41
CA LEU B 387 -11.23 -14.79 50.10
C LEU B 387 -11.54 -15.00 51.59
N ASP B 388 -12.36 -14.13 52.19
CA ASP B 388 -12.68 -14.26 53.59
C ASP B 388 -13.56 -15.49 53.83
N HIS B 389 -14.27 -15.96 52.80
CA HIS B 389 -15.20 -17.08 52.94
C HIS B 389 -14.88 -18.17 51.92
N ILE B 390 -13.59 -18.39 51.64
CA ILE B 390 -13.20 -19.14 50.45
C ILE B 390 -13.82 -20.54 50.41
N ASP B 391 -13.82 -21.24 51.56
CA ASP B 391 -14.26 -22.62 51.58
C ASP B 391 -15.73 -22.69 51.21
N GLU B 392 -16.54 -21.77 51.75
CA GLU B 392 -17.95 -21.72 51.39
C GLU B 392 -18.14 -21.30 49.93
N ILE B 393 -17.28 -20.39 49.44
CA ILE B 393 -17.34 -19.99 48.05
C ILE B 393 -17.14 -21.23 47.15
N ILE B 394 -16.08 -22.00 47.43
CA ILE B 394 -15.72 -23.12 46.58
C ILE B 394 -16.86 -24.12 46.59
N SER B 395 -17.39 -24.41 47.79
CA SER B 395 -18.41 -25.46 47.87
C SER B 395 -19.69 -25.04 47.15
N THR B 396 -20.04 -23.75 47.22
CA THR B 396 -21.16 -23.21 46.48
C THR B 396 -20.98 -23.44 44.97
N ILE B 397 -19.75 -23.25 44.47
CA ILE B 397 -19.49 -23.38 43.04
C ILE B 397 -19.52 -24.85 42.64
N ARG B 398 -18.89 -25.70 43.46
CA ARG B 398 -18.77 -27.12 43.16
C ARG B 398 -20.13 -27.79 43.09
N GLU B 399 -21.08 -27.32 43.93
N GLU B 399 -21.08 -27.32 43.93
CA GLU B 399 -22.40 -27.93 44.03
CA GLU B 399 -22.40 -27.92 44.04
C GLU B 399 -23.30 -27.37 42.94
C GLU B 399 -23.30 -27.36 42.94
N SER B 400 -22.77 -26.47 42.09
CA SER B 400 -23.55 -25.85 41.04
C SER B 400 -23.24 -26.52 39.70
N ASP B 401 -24.28 -26.76 38.91
CA ASP B 401 -24.15 -27.51 37.69
C ASP B 401 -23.64 -26.61 36.59
N THR B 402 -24.13 -25.37 36.58
CA THR B 402 -23.76 -24.41 35.56
C THR B 402 -23.24 -23.12 36.21
N ASP B 403 -22.66 -22.27 35.36
CA ASP B 403 -22.28 -20.91 35.68
C ASP B 403 -23.46 -20.15 36.28
N LYS B 404 -24.61 -20.20 35.58
N LYS B 404 -24.60 -20.20 35.59
CA LYS B 404 -25.82 -19.47 35.97
CA LYS B 404 -25.81 -19.47 35.96
C LYS B 404 -26.17 -19.79 37.42
C LYS B 404 -26.18 -19.79 37.42
N VAL B 405 -26.24 -21.09 37.75
CA VAL B 405 -26.59 -21.51 39.09
C VAL B 405 -25.55 -21.00 40.09
N ALA B 406 -24.26 -21.10 39.74
CA ALA B 406 -23.21 -20.67 40.66
C ALA B 406 -23.31 -19.17 40.92
N MET B 407 -23.48 -18.40 39.83
CA MET B 407 -23.65 -16.95 39.87
C MET B 407 -24.79 -16.58 40.82
N GLU B 408 -25.97 -17.17 40.60
CA GLU B 408 -27.17 -16.85 41.36
C GLU B 408 -26.95 -17.18 42.85
N SER B 409 -26.40 -18.38 43.14
CA SER B 409 -26.14 -18.79 44.50
C SER B 409 -25.12 -17.86 45.20
N LEU B 410 -24.06 -17.46 44.48
CA LEU B 410 -23.08 -16.57 45.10
C LEU B 410 -23.71 -15.24 45.48
N GLN B 411 -24.59 -14.73 44.61
CA GLN B 411 -25.22 -13.42 44.79
C GLN B 411 -26.17 -13.41 45.99
N GLN B 412 -26.96 -14.48 46.16
CA GLN B 412 -27.92 -14.50 47.25
C GLN B 412 -27.22 -14.73 48.59
N ARG B 413 -26.25 -15.68 48.62
CA ARG B 413 -25.61 -16.13 49.84
C ARG B 413 -24.69 -15.04 50.41
N PHE B 414 -24.02 -14.26 49.53
CA PHE B 414 -22.96 -13.37 50.00
C PHE B 414 -23.23 -11.90 49.65
N LYS B 415 -24.46 -11.58 49.23
CA LYS B 415 -24.81 -10.21 48.88
C LYS B 415 -23.87 -9.66 47.81
N LEU B 416 -23.60 -10.45 46.78
CA LEU B 416 -22.70 -10.00 45.73
C LEU B 416 -23.48 -9.52 44.51
N SER B 417 -22.95 -8.51 43.81
CA SER B 417 -23.52 -8.13 42.52
C SER B 417 -23.17 -9.17 41.46
N GLU B 418 -23.78 -9.00 40.29
CA GLU B 418 -23.48 -9.85 39.15
C GLU B 418 -22.00 -9.70 38.78
N LYS B 419 -21.50 -8.48 38.72
CA LYS B 419 -20.12 -8.25 38.36
C LYS B 419 -19.15 -8.86 39.38
N GLN B 420 -19.49 -8.79 40.68
CA GLN B 420 -18.62 -9.36 41.71
C GLN B 420 -18.59 -10.89 41.56
N ALA B 421 -19.76 -11.47 41.32
CA ALA B 421 -19.85 -12.92 41.26
C ALA B 421 -19.03 -13.44 40.09
N GLN B 422 -19.11 -12.72 38.96
CA GLN B 422 -18.42 -13.06 37.73
C GLN B 422 -16.91 -12.97 37.95
N ALA B 423 -16.47 -11.92 38.66
CA ALA B 423 -15.05 -11.77 38.92
C ALA B 423 -14.57 -12.94 39.79
N ILE B 424 -15.43 -13.43 40.70
CA ILE B 424 -15.03 -14.50 41.60
C ILE B 424 -14.88 -15.80 40.79
N LEU B 425 -15.85 -16.08 39.91
CA LEU B 425 -15.79 -17.25 39.05
C LEU B 425 -14.61 -17.16 38.06
N ASP B 426 -14.14 -15.95 37.75
CA ASP B 426 -13.02 -15.80 36.83
C ASP B 426 -11.67 -15.90 37.53
N MET B 427 -11.68 -15.92 38.86
CA MET B 427 -10.45 -15.95 39.63
C MET B 427 -9.69 -17.27 39.41
N ARG B 428 -8.38 -17.15 39.17
CA ARG B 428 -7.50 -18.31 39.07
C ARG B 428 -7.11 -18.79 40.47
N LEU B 429 -6.85 -20.10 40.61
CA LEU B 429 -6.48 -20.69 41.89
C LEU B 429 -5.22 -20.02 42.46
N ARG B 430 -4.33 -19.49 41.61
CA ARG B 430 -3.13 -18.85 42.14
C ARG B 430 -3.45 -17.58 42.94
N ARG B 431 -4.67 -17.05 42.84
CA ARG B 431 -5.05 -15.87 43.60
C ARG B 431 -5.40 -16.22 45.05
N LEU B 432 -5.32 -17.51 45.42
CA LEU B 432 -5.66 -17.96 46.76
C LEU B 432 -4.38 -18.10 47.63
N THR B 433 -3.21 -17.75 47.08
CA THR B 433 -1.99 -17.77 47.89
C THR B 433 -2.07 -16.75 49.03
N GLY B 434 -1.15 -16.94 49.98
CA GLY B 434 -1.30 -16.45 51.34
C GLY B 434 -1.25 -14.94 51.49
N LEU B 435 -0.54 -14.24 50.60
CA LEU B 435 -0.34 -12.81 50.76
C LEU B 435 -1.31 -12.01 49.89
N GLU B 436 -2.21 -12.71 49.20
CA GLU B 436 -3.15 -12.08 48.29
C GLU B 436 -4.17 -11.26 49.07
N ARG B 437 -4.61 -11.78 50.21
CA ARG B 437 -5.64 -11.09 50.96
C ARG B 437 -5.15 -9.71 51.38
N ASP B 438 -3.89 -9.61 51.80
CA ASP B 438 -3.23 -8.37 52.20
C ASP B 438 -3.06 -7.44 51.00
N LYS B 439 -2.74 -8.03 49.83
CA LYS B 439 -2.55 -7.28 48.59
C LYS B 439 -3.87 -6.59 48.17
N ILE B 440 -4.99 -7.32 48.28
CA ILE B 440 -6.29 -6.74 48.02
C ILE B 440 -6.56 -5.55 48.95
N GLU B 441 -6.28 -5.73 50.25
CA GLU B 441 -6.57 -4.74 51.27
C GLU B 441 -5.75 -3.48 51.02
N ALA B 442 -4.49 -3.65 50.61
CA ALA B 442 -3.61 -2.54 50.27
C ALA B 442 -4.13 -1.80 49.04
N GLU B 443 -4.46 -2.56 47.98
CA GLU B 443 -4.95 -1.91 46.78
C GLU B 443 -6.24 -1.14 47.08
N TYR B 444 -7.10 -1.72 47.93
CA TYR B 444 -8.39 -1.13 48.22
C TYR B 444 -8.22 0.18 48.96
N ASN B 445 -7.29 0.20 49.94
CA ASN B 445 -7.00 1.41 50.70
C ASN B 445 -6.45 2.53 49.82
N GLU B 446 -5.51 2.18 48.94
CA GLU B 446 -4.95 3.14 48.00
C GLU B 446 -6.04 3.68 47.07
N LEU B 447 -6.95 2.82 46.60
CA LEU B 447 -8.01 3.22 45.71
C LEU B 447 -8.95 4.25 46.35
N LEU B 448 -9.34 4.01 47.61
CA LEU B 448 -10.25 4.90 48.31
C LEU B 448 -9.65 6.30 48.41
N ASN B 449 -8.33 6.35 48.64
CA ASN B 449 -7.58 7.59 48.70
C ASN B 449 -7.60 8.26 47.32
N TYR B 450 -7.32 7.47 46.28
CA TYR B 450 -7.29 7.96 44.91
C TYR B 450 -8.67 8.51 44.52
N ILE B 451 -9.74 7.81 44.93
CA ILE B 451 -11.10 8.22 44.63
C ILE B 451 -11.37 9.60 45.22
N SER B 452 -10.80 9.83 46.40
CA SER B 452 -11.00 11.05 47.16
C SER B 452 -10.28 12.21 46.45
N GLU B 453 -9.05 11.96 46.03
CA GLU B 453 -8.27 12.89 45.23
C GLU B 453 -9.02 13.28 43.96
N LEU B 454 -9.70 12.34 43.30
CA LEU B 454 -10.33 12.63 42.03
C LEU B 454 -11.57 13.50 42.28
N GLU B 455 -12.25 13.23 43.40
CA GLU B 455 -13.50 13.91 43.70
C GLU B 455 -13.20 15.35 44.07
N THR B 456 -12.06 15.58 44.72
CA THR B 456 -11.57 16.90 45.07
C THR B 456 -11.41 17.74 43.81
N ILE B 457 -10.80 17.16 42.77
CA ILE B 457 -10.57 17.85 41.51
C ILE B 457 -11.91 18.24 40.89
N LEU B 458 -12.85 17.28 40.80
CA LEU B 458 -14.11 17.57 40.11
C LEU B 458 -14.99 18.51 40.93
N ALA B 459 -14.65 18.74 42.20
CA ALA B 459 -15.52 19.55 43.05
C ALA B 459 -15.11 21.02 42.94
N ASP B 460 -13.90 21.28 42.45
CA ASP B 460 -13.36 22.62 42.49
C ASP B 460 -12.73 22.96 41.15
N GLU B 461 -13.38 23.86 40.41
CA GLU B 461 -12.94 24.29 39.09
C GLU B 461 -11.55 24.88 39.15
N GLU B 462 -11.19 25.51 40.27
CA GLU B 462 -9.87 26.11 40.37
C GLU B 462 -8.81 25.02 40.42
N VAL B 463 -9.15 23.92 41.12
CA VAL B 463 -8.22 22.82 41.28
C VAL B 463 -8.01 22.14 39.93
N LEU B 464 -9.11 21.94 39.18
CA LEU B 464 -9.08 21.39 37.83
C LEU B 464 -8.13 22.21 36.96
N LEU B 465 -8.36 23.53 36.97
CA LEU B 465 -7.62 24.46 36.13
C LEU B 465 -6.15 24.43 36.51
N GLN B 466 -5.84 24.40 37.82
CA GLN B 466 -4.46 24.38 38.26
C GLN B 466 -3.77 23.09 37.80
N LEU B 467 -4.55 22.00 37.69
CA LEU B 467 -4.00 20.73 37.22
C LEU B 467 -3.60 20.85 35.74
N VAL B 468 -4.48 21.47 34.92
CA VAL B 468 -4.20 21.81 33.54
C VAL B 468 -2.91 22.64 33.46
N ARG B 469 -2.79 23.70 34.27
CA ARG B 469 -1.59 24.53 34.24
C ARG B 469 -0.34 23.67 34.51
N ASP B 470 -0.42 22.79 35.52
CA ASP B 470 0.73 22.00 35.92
C ASP B 470 1.16 21.06 34.79
N GLU B 471 0.18 20.42 34.13
CA GLU B 471 0.48 19.49 33.05
C GLU B 471 1.08 20.23 31.84
N LEU B 472 0.55 21.42 31.54
CA LEU B 472 1.09 22.26 30.48
C LEU B 472 2.52 22.67 30.79
N THR B 473 2.75 23.05 32.05
CA THR B 473 4.06 23.50 32.53
C THR B 473 5.09 22.38 32.34
N GLU B 474 4.67 21.14 32.65
CA GLU B 474 5.53 19.98 32.54
C GLU B 474 5.91 19.76 31.07
N ILE B 475 4.93 19.87 30.17
CA ILE B 475 5.20 19.72 28.74
C ILE B 475 6.14 20.82 28.27
N ARG B 476 5.88 22.07 28.70
CA ARG B 476 6.76 23.18 28.36
C ARG B 476 8.21 22.86 28.77
N ASP B 477 8.40 22.35 30.00
CA ASP B 477 9.75 22.11 30.51
C ASP B 477 10.42 20.96 29.76
N ARG B 478 9.64 19.97 29.31
CA ARG B 478 10.22 18.85 28.61
C ARG B 478 10.45 19.13 27.12
N PHE B 479 9.54 19.87 26.46
CA PHE B 479 9.57 19.94 25.00
C PHE B 479 9.86 21.36 24.49
N GLY B 480 9.73 22.38 25.36
CA GLY B 480 9.98 23.75 24.99
C GLY B 480 11.41 23.93 24.49
N ASP B 481 11.60 24.81 23.50
CA ASP B 481 12.92 24.96 22.95
C ASP B 481 13.15 26.43 22.65
N ASP B 482 14.33 26.74 22.13
CA ASP B 482 14.71 28.11 21.85
C ASP B 482 13.99 28.60 20.60
N ARG B 483 13.71 29.91 20.57
CA ARG B 483 13.23 30.59 19.37
C ARG B 483 14.29 30.46 18.28
N ARG B 484 13.86 30.21 17.04
CA ARG B 484 14.78 30.12 15.92
C ARG B 484 14.71 31.39 15.08
N THR B 485 13.47 31.84 14.77
CA THR B 485 13.31 33.00 13.91
C THR B 485 13.56 34.30 14.69
N GLU B 486 14.38 35.18 14.13
CA GLU B 486 14.66 36.44 14.79
C GLU B 486 13.72 37.51 14.25
N ILE B 487 13.08 38.25 15.15
CA ILE B 487 12.20 39.36 14.84
C ILE B 487 12.95 40.69 15.00
N GLN B 488 13.19 41.39 13.89
CA GLN B 488 13.99 42.60 13.86
C GLN B 488 13.04 43.78 13.66
N LEU B 489 13.33 44.92 14.29
CA LEU B 489 12.51 46.13 14.10
C LEU B 489 12.64 46.65 12.67
N GLY B 490 11.50 47.08 12.12
CA GLY B 490 11.40 47.55 10.75
C GLY B 490 12.17 48.85 10.51
N PRO C 7 23.18 15.75 -18.21
CA PRO C 7 21.84 15.20 -17.99
C PRO C 7 21.00 16.15 -17.15
N GLY C 8 19.68 16.12 -17.36
CA GLY C 8 18.77 16.84 -16.47
C GLY C 8 18.86 16.32 -15.04
N LYS C 9 19.06 15.00 -14.91
CA LYS C 9 19.08 14.27 -13.65
C LYS C 9 20.33 14.58 -12.84
N LEU C 10 21.45 14.86 -13.56
CA LEU C 10 22.79 15.02 -13.02
C LEU C 10 22.85 16.15 -12.00
N ALA C 11 23.21 15.81 -10.75
CA ALA C 11 23.49 16.80 -9.71
C ALA C 11 25.00 16.94 -9.57
N ASP C 12 25.57 17.92 -10.28
CA ASP C 12 27.00 18.04 -10.45
C ASP C 12 27.67 18.58 -9.19
N CYS C 13 29.01 18.52 -9.15
CA CYS C 13 29.75 19.09 -8.05
C CYS C 13 30.21 20.51 -8.42
N SER C 14 30.71 21.29 -7.42
CA SER C 14 31.19 22.67 -7.58
C SER C 14 32.45 22.72 -8.41
N SER C 15 33.46 21.98 -7.93
CA SER C 15 34.78 21.99 -8.52
C SER C 15 34.69 21.66 -10.02
N LYS C 16 35.58 22.26 -10.80
CA LYS C 16 35.62 22.02 -12.24
C LYS C 16 36.93 21.29 -12.57
N SER C 17 37.57 20.75 -11.53
CA SER C 17 38.85 20.07 -11.71
C SER C 17 38.68 18.56 -11.62
N PRO C 18 38.62 17.86 -12.78
CA PRO C 18 38.40 16.42 -12.84
C PRO C 18 39.26 15.57 -11.91
N GLU C 19 40.47 16.05 -11.58
CA GLU C 19 41.40 15.26 -10.80
C GLU C 19 40.78 14.88 -9.46
N GLU C 20 39.97 15.78 -8.89
CA GLU C 20 39.46 15.58 -7.56
C GLU C 20 37.95 15.29 -7.57
N CYS C 21 37.34 15.22 -8.75
CA CYS C 21 35.89 15.07 -8.81
C CYS C 21 35.54 13.59 -8.92
N GLU C 22 34.36 13.22 -8.38
CA GLU C 22 33.83 11.86 -8.43
C GLU C 22 32.36 11.93 -8.86
N ILE C 23 31.93 10.95 -9.68
CA ILE C 23 30.52 10.84 -10.05
C ILE C 23 29.96 9.50 -9.57
N PHE C 24 28.88 9.56 -8.81
CA PHE C 24 28.23 8.35 -8.30
C PHE C 24 27.01 8.03 -9.16
N LEU C 25 26.96 6.79 -9.68
CA LEU C 25 25.80 6.30 -10.42
C LEU C 25 24.96 5.47 -9.46
N VAL C 26 23.68 5.87 -9.29
CA VAL C 26 22.75 5.20 -8.38
C VAL C 26 21.50 4.80 -9.18
N GLU C 27 20.65 3.97 -8.57
CA GLU C 27 19.59 3.26 -9.30
C GLU C 27 18.46 4.17 -9.76
N GLY C 28 18.15 5.18 -8.94
CA GLY C 28 17.02 6.07 -9.17
C GLY C 28 16.94 7.15 -8.09
N ASP C 29 15.79 7.82 -8.04
CA ASP C 29 15.65 9.00 -7.20
C ASP C 29 15.47 8.62 -5.73
N SER C 30 15.03 7.38 -5.46
CA SER C 30 14.87 6.95 -4.08
C SER C 30 16.24 6.91 -3.42
N ALA C 31 17.20 6.32 -4.14
CA ALA C 31 18.60 6.27 -3.74
C ALA C 31 19.24 7.66 -3.91
N GLY C 32 18.92 8.35 -5.00
CA GLY C 32 19.43 9.67 -5.38
C GLY C 32 19.25 10.71 -4.28
N GLY C 33 18.07 10.71 -3.65
CA GLY C 33 17.76 11.66 -2.59
C GLY C 33 18.69 11.57 -1.36
N SER C 34 18.84 10.36 -0.81
CA SER C 34 19.77 10.14 0.29
C SER C 34 21.19 10.52 -0.16
N THR C 35 21.53 10.19 -1.42
CA THR C 35 22.87 10.34 -1.93
C THR C 35 23.21 11.82 -2.05
N LYS C 36 22.24 12.60 -2.55
CA LYS C 36 22.40 14.03 -2.74
C LYS C 36 22.54 14.74 -1.39
N SER C 37 21.76 14.31 -0.39
CA SER C 37 21.82 14.92 0.94
C SER C 37 23.11 14.56 1.67
N GLY C 38 23.66 13.36 1.46
CA GLY C 38 24.80 12.89 2.24
C GLY C 38 26.14 13.35 1.66
N ARG C 39 26.14 13.71 0.38
CA ARG C 39 27.36 13.86 -0.38
C ARG C 39 28.10 15.14 -0.01
N ASP C 40 29.36 15.20 -0.46
CA ASP C 40 30.11 16.44 -0.46
C ASP C 40 30.01 17.06 -1.86
N SER C 41 29.12 18.07 -2.01
CA SER C 41 28.78 18.64 -3.30
C SER C 41 29.95 19.37 -3.95
N ARG C 42 31.04 19.60 -3.20
CA ARG C 42 32.17 20.25 -3.84
C ARG C 42 32.85 19.29 -4.82
N THR C 43 33.03 18.02 -4.41
CA THR C 43 33.77 17.09 -5.24
C THR C 43 32.92 15.90 -5.71
N GLN C 44 31.65 15.82 -5.32
CA GLN C 44 30.90 14.61 -5.59
C GLN C 44 29.66 14.93 -6.42
N ALA C 45 29.62 14.42 -7.66
CA ALA C 45 28.44 14.49 -8.50
C ALA C 45 27.59 13.22 -8.42
N ILE C 46 26.28 13.35 -8.69
CA ILE C 46 25.37 12.21 -8.64
C ILE C 46 24.53 12.18 -9.89
N LEU C 47 24.53 11.02 -10.55
CA LEU C 47 23.62 10.75 -11.65
C LEU C 47 22.71 9.58 -11.28
N PRO C 48 21.44 9.85 -10.91
CA PRO C 48 20.47 8.77 -10.72
C PRO C 48 20.06 8.20 -12.07
N LEU C 49 20.09 6.86 -12.19
CA LEU C 49 19.61 6.19 -13.38
C LEU C 49 18.09 5.89 -13.28
N ARG C 50 17.62 4.78 -13.86
CA ARG C 50 16.23 4.41 -13.77
C ARG C 50 16.05 2.90 -13.80
N GLY C 51 16.72 2.21 -12.86
CA GLY C 51 16.61 0.75 -12.75
C GLY C 51 17.50 0.02 -13.76
N LYS C 52 17.00 -1.12 -14.26
CA LYS C 52 17.74 -1.96 -15.18
C LYS C 52 18.12 -1.11 -16.40
N ILE C 53 19.41 -1.08 -16.76
CA ILE C 53 19.84 -0.37 -17.96
C ILE C 53 19.94 -1.37 -19.12
N LEU C 54 19.90 -0.83 -20.34
CA LEU C 54 20.10 -1.58 -21.58
C LEU C 54 21.32 -2.49 -21.50
N ASN C 55 21.15 -3.74 -21.96
CA ASN C 55 22.28 -4.66 -22.10
C ASN C 55 22.89 -4.39 -23.47
N VAL C 56 24.04 -3.71 -23.51
CA VAL C 56 24.58 -3.27 -24.80
C VAL C 56 25.13 -4.45 -25.59
N GLU C 57 25.43 -5.56 -24.91
CA GLU C 57 25.94 -6.76 -25.55
C GLU C 57 24.86 -7.43 -26.42
N LYS C 58 23.58 -7.14 -26.17
CA LYS C 58 22.48 -7.76 -26.90
C LYS C 58 21.78 -6.75 -27.81
N ALA C 59 21.94 -5.46 -27.57
CA ALA C 59 21.22 -4.44 -28.32
C ALA C 59 21.98 -3.97 -29.56
N ARG C 60 21.23 -3.47 -30.56
CA ARG C 60 21.80 -2.93 -31.79
C ARG C 60 22.29 -1.50 -31.54
N LEU C 61 23.37 -1.09 -32.23
CA LEU C 61 24.07 0.16 -31.95
C LEU C 61 23.12 1.36 -31.98
N ASP C 62 22.22 1.40 -32.94
CA ASP C 62 21.34 2.54 -33.10
C ASP C 62 20.51 2.72 -31.83
N ARG C 63 20.04 1.61 -31.27
CA ARG C 63 19.18 1.62 -30.11
C ARG C 63 19.99 2.04 -28.89
N ILE C 64 21.24 1.54 -28.76
CA ILE C 64 22.17 1.95 -27.72
C ILE C 64 22.29 3.47 -27.66
N LEU C 65 22.58 4.10 -28.81
CA LEU C 65 22.92 5.51 -28.90
C LEU C 65 21.66 6.36 -28.74
N ASN C 66 20.48 5.74 -28.87
CA ASN C 66 19.22 6.45 -28.64
C ASN C 66 18.74 6.36 -27.18
N ASN C 67 19.33 5.48 -26.38
CA ASN C 67 18.87 5.21 -25.02
C ASN C 67 19.22 6.40 -24.11
N ASN C 68 18.22 6.90 -23.37
CA ASN C 68 18.35 8.10 -22.55
C ASN C 68 19.41 7.93 -21.46
N GLU C 69 19.40 6.80 -20.75
CA GLU C 69 20.35 6.60 -19.68
C GLU C 69 21.79 6.57 -20.23
N ILE C 70 22.00 5.87 -21.36
CA ILE C 70 23.31 5.77 -21.99
C ILE C 70 23.78 7.18 -22.38
N ARG C 71 22.87 7.97 -22.93
CA ARG C 71 23.21 9.31 -23.38
C ARG C 71 23.61 10.18 -22.20
N GLN C 72 22.87 10.08 -21.09
CA GLN C 72 23.09 10.90 -19.92
C GLN C 72 24.46 10.60 -19.33
N MET C 73 24.83 9.33 -19.39
CA MET C 73 26.12 8.94 -18.85
C MET C 73 27.23 9.47 -19.73
N ILE C 74 27.07 9.34 -21.06
CA ILE C 74 28.08 9.80 -22.01
C ILE C 74 28.26 11.32 -21.87
N THR C 75 27.13 12.04 -21.84
CA THR C 75 27.14 13.47 -21.70
C THR C 75 27.86 13.88 -20.42
N ALA C 76 27.56 13.19 -19.31
CA ALA C 76 28.11 13.55 -18.00
C ALA C 76 29.63 13.28 -17.95
N PHE C 77 30.08 12.20 -18.60
CA PHE C 77 31.48 11.80 -18.54
C PHE C 77 32.33 12.71 -19.43
N GLY C 78 31.78 13.11 -20.58
CA GLY C 78 32.42 14.08 -21.47
C GLY C 78 33.52 13.51 -22.36
N THR C 79 33.72 12.18 -22.34
CA THR C 79 34.84 11.55 -23.02
C THR C 79 34.48 11.12 -24.44
N GLY C 80 33.20 11.15 -24.82
CA GLY C 80 32.76 10.44 -26.02
C GLY C 80 32.89 8.92 -25.89
N ILE C 81 32.64 8.17 -26.99
CA ILE C 81 32.62 6.71 -26.93
C ILE C 81 33.38 6.10 -28.11
N GLY C 82 33.82 4.84 -27.92
CA GLY C 82 34.39 4.03 -28.98
C GLY C 82 35.67 4.65 -29.52
N GLY C 83 35.72 4.83 -30.86
CA GLY C 83 36.82 5.48 -31.54
C GLY C 83 37.00 6.94 -31.12
N ASP C 84 35.91 7.61 -30.71
CA ASP C 84 35.98 9.02 -30.37
C ASP C 84 36.29 9.23 -28.89
N PHE C 85 36.60 8.14 -28.18
CA PHE C 85 36.83 8.24 -26.75
C PHE C 85 38.10 9.05 -26.51
N ASP C 86 38.01 10.02 -25.60
CA ASP C 86 39.15 10.87 -25.27
C ASP C 86 39.25 11.01 -23.75
N LEU C 87 40.20 10.27 -23.16
CA LEU C 87 40.35 10.18 -21.72
C LEU C 87 40.60 11.56 -21.12
N ALA C 88 41.29 12.42 -21.89
CA ALA C 88 41.69 13.74 -21.42
C ALA C 88 40.47 14.64 -21.19
N LYS C 89 39.34 14.31 -21.84
CA LYS C 89 38.15 15.13 -21.72
C LYS C 89 37.24 14.62 -20.58
N ALA C 90 37.73 13.66 -19.79
CA ALA C 90 36.99 13.13 -18.64
C ALA C 90 36.67 14.24 -17.66
N ARG C 91 35.41 14.32 -17.23
CA ARG C 91 35.02 15.35 -16.29
C ARG C 91 35.21 14.87 -14.85
N TYR C 92 35.55 13.59 -14.64
CA TYR C 92 35.72 13.02 -13.32
C TYR C 92 36.81 11.96 -13.44
N HIS C 93 37.61 11.78 -12.39
CA HIS C 93 38.63 10.72 -12.44
C HIS C 93 38.18 9.52 -11.62
N LYS C 94 37.03 9.65 -10.95
CA LYS C 94 36.36 8.50 -10.36
C LYS C 94 34.91 8.47 -10.84
N ILE C 95 34.57 7.37 -11.54
CA ILE C 95 33.21 6.98 -11.85
C ILE C 95 32.87 5.83 -10.88
N VAL C 96 31.89 6.06 -10.01
CA VAL C 96 31.62 5.13 -8.91
C VAL C 96 30.26 4.48 -9.11
N ILE C 97 30.26 3.16 -9.30
CA ILE C 97 29.02 2.41 -9.40
C ILE C 97 28.48 2.17 -7.99
N MET C 98 27.28 2.70 -7.70
CA MET C 98 26.70 2.54 -6.38
C MET C 98 25.23 2.08 -6.54
N THR C 99 25.07 0.82 -6.95
CA THR C 99 23.75 0.25 -7.09
C THR C 99 23.33 -0.25 -5.70
N ASP C 100 22.04 -0.57 -5.53
CA ASP C 100 21.54 -1.08 -4.26
C ASP C 100 22.28 -2.37 -3.94
N ALA C 101 22.33 -2.74 -2.65
CA ALA C 101 23.09 -3.90 -2.20
C ALA C 101 22.27 -5.21 -2.32
N ASP C 102 21.20 -5.25 -3.12
CA ASP C 102 20.45 -6.47 -3.39
C ASP C 102 20.93 -7.12 -4.70
N VAL C 103 20.46 -8.34 -5.05
CA VAL C 103 20.94 -9.07 -6.23
C VAL C 103 20.67 -8.31 -7.53
N ASP C 104 19.63 -7.49 -7.53
CA ASP C 104 19.27 -6.69 -8.68
C ASP C 104 20.25 -5.53 -8.83
N GLY C 105 20.76 -5.02 -7.70
CA GLY C 105 21.85 -4.05 -7.71
C GLY C 105 23.08 -4.67 -8.37
N ALA C 106 23.35 -5.93 -8.03
CA ALA C 106 24.45 -6.66 -8.64
C ALA C 106 24.23 -6.76 -10.16
N HIS C 107 23.01 -7.13 -10.58
CA HIS C 107 22.69 -7.21 -12.01
C HIS C 107 22.98 -5.88 -12.74
N ILE C 108 22.45 -4.78 -12.20
CA ILE C 108 22.61 -3.47 -12.79
C ILE C 108 24.10 -3.13 -12.88
N ARG C 109 24.88 -3.57 -11.88
CA ARG C 109 26.33 -3.37 -11.91
C ARG C 109 26.93 -4.10 -13.11
N THR C 110 26.51 -5.36 -13.37
CA THR C 110 27.04 -6.09 -14.53
C THR C 110 26.64 -5.40 -15.84
N LEU C 111 25.45 -4.80 -15.87
CA LEU C 111 24.97 -4.10 -17.06
C LEU C 111 25.81 -2.84 -17.30
N LEU C 112 26.12 -2.12 -16.23
CA LEU C 112 26.95 -0.92 -16.30
C LEU C 112 28.37 -1.26 -16.78
N LEU C 113 28.94 -2.31 -16.21
CA LEU C 113 30.29 -2.74 -16.55
C LEU C 113 30.35 -3.16 -18.01
N THR C 114 29.28 -3.79 -18.51
CA THR C 114 29.21 -4.20 -19.91
C THR C 114 29.31 -2.96 -20.80
N PHE C 115 28.57 -1.92 -20.46
CA PHE C 115 28.58 -0.70 -21.23
C PHE C 115 29.98 -0.06 -21.22
N PHE C 116 30.58 0.07 -20.03
CA PHE C 116 31.90 0.67 -19.91
C PHE C 116 32.92 -0.13 -20.72
N TYR C 117 32.83 -1.46 -20.66
CA TYR C 117 33.82 -2.29 -21.31
C TYR C 117 33.73 -2.22 -22.82
N ARG C 118 32.52 -2.16 -23.36
CA ARG C 118 32.30 -2.18 -24.80
C ARG C 118 32.42 -0.80 -25.42
N PHE C 119 32.22 0.27 -24.64
CA PHE C 119 32.11 1.58 -25.25
C PHE C 119 33.11 2.58 -24.68
N MET C 120 33.73 2.25 -23.54
CA MET C 120 34.60 3.20 -22.86
C MET C 120 35.73 2.44 -22.17
N ARG C 121 36.28 1.44 -22.87
CA ARG C 121 37.26 0.55 -22.28
C ARG C 121 38.48 1.28 -21.72
N PRO C 122 38.99 2.36 -22.39
CA PRO C 122 40.16 3.08 -21.86
C PRO C 122 39.91 3.64 -20.47
N LEU C 123 38.64 3.96 -20.18
CA LEU C 123 38.22 4.49 -18.89
C LEU C 123 38.54 3.47 -17.79
N ILE C 124 38.40 2.18 -18.13
CA ILE C 124 38.65 1.11 -17.16
C ILE C 124 40.16 0.92 -17.02
N GLU C 125 40.85 0.95 -18.15
CA GLU C 125 42.29 0.74 -18.21
C GLU C 125 43.01 1.81 -17.38
N ALA C 126 42.50 3.05 -17.44
CA ALA C 126 43.05 4.19 -16.71
C ALA C 126 42.79 4.11 -15.20
N GLY C 127 41.99 3.12 -14.76
CA GLY C 127 41.66 2.96 -13.35
C GLY C 127 40.61 3.97 -12.85
N TYR C 128 39.79 4.52 -13.75
CA TYR C 128 38.80 5.54 -13.39
C TYR C 128 37.48 4.94 -12.90
N VAL C 129 37.31 3.62 -13.03
CA VAL C 129 36.04 2.98 -12.70
C VAL C 129 36.13 2.28 -11.34
N TYR C 130 35.20 2.62 -10.44
CA TYR C 130 35.19 2.08 -9.10
C TYR C 130 33.81 1.50 -8.77
N ILE C 131 33.78 0.65 -7.73
CA ILE C 131 32.57 0.06 -7.22
C ILE C 131 32.47 0.42 -5.75
N ALA C 132 31.37 1.09 -5.37
CA ALA C 132 31.09 1.43 -3.99
C ALA C 132 30.67 0.17 -3.26
N GLN C 133 30.72 0.20 -1.92
CA GLN C 133 30.32 -0.96 -1.15
C GLN C 133 29.34 -0.54 -0.06
N PRO C 134 28.09 -0.18 -0.40
CA PRO C 134 27.11 0.15 0.63
C PRO C 134 26.78 -1.05 1.51
N PRO C 135 26.33 -0.85 2.78
CA PRO C 135 26.04 -1.96 3.70
C PRO C 135 24.86 -2.83 3.23
N THR C 136 24.84 -4.11 3.64
CA THR C 136 24.03 -5.14 3.03
C THR C 136 22.58 -5.23 3.52
N GLY C 137 22.28 -4.82 4.76
CA GLY C 137 20.94 -5.14 5.29
C GLY C 137 19.81 -4.44 4.55
N TYR C 138 19.95 -3.34 3.48
CA TYR C 138 18.94 -2.34 3.07
C TYR C 138 18.58 -2.62 1.63
N LYS C 139 17.27 -2.58 1.35
CA LYS C 139 16.72 -2.93 0.04
C LYS C 139 17.27 -2.00 -1.04
N GLY C 140 17.59 -0.76 -0.62
CA GLY C 140 17.86 0.37 -1.49
C GLY C 140 18.51 1.50 -0.69
N LEU C 141 19.25 2.38 -1.37
CA LEU C 141 19.98 3.39 -0.63
C LEU C 141 18.98 4.34 0.03
N GLY C 142 17.73 4.37 -0.50
CA GLY C 142 16.70 5.29 -0.06
C GLY C 142 16.12 4.89 1.28
N GLU C 143 16.49 3.66 1.70
CA GLU C 143 16.18 3.11 3.01
C GLU C 143 17.15 3.65 4.07
N MET C 144 18.31 4.13 3.65
CA MET C 144 19.33 4.65 4.58
C MET C 144 19.14 6.14 4.83
N ASN C 145 19.48 6.59 6.04
CA ASN C 145 19.67 8.02 6.30
C ASN C 145 20.88 8.53 5.53
N ALA C 146 20.80 9.80 5.12
CA ALA C 146 21.89 10.48 4.42
C ALA C 146 23.23 10.32 5.16
N ASP C 147 23.24 10.51 6.50
CA ASP C 147 24.51 10.54 7.22
C ASP C 147 25.14 9.14 7.24
N GLN C 148 24.29 8.10 7.29
CA GLN C 148 24.79 6.74 7.37
C GLN C 148 25.36 6.33 6.01
N LEU C 149 24.75 6.82 4.94
CA LEU C 149 25.27 6.56 3.61
C LEU C 149 26.60 7.29 3.39
N TRP C 150 26.70 8.54 3.84
CA TRP C 150 27.96 9.29 3.79
C TRP C 150 29.09 8.55 4.50
N GLU C 151 28.85 8.14 5.76
CA GLU C 151 29.86 7.59 6.64
C GLU C 151 30.38 6.25 6.13
N THR C 152 29.44 5.36 5.75
CA THR C 152 29.74 3.99 5.39
C THR C 152 30.26 3.87 3.94
N THR C 153 29.85 4.78 3.04
CA THR C 153 29.93 4.47 1.62
C THR C 153 30.61 5.57 0.81
N MET C 154 30.40 6.84 1.18
CA MET C 154 30.82 7.94 0.32
C MET C 154 32.00 8.76 0.88
N ASN C 155 32.18 8.77 2.20
CA ASN C 155 33.22 9.54 2.86
C ASN C 155 34.61 8.96 2.56
N PRO C 156 35.49 9.70 1.85
CA PRO C 156 36.83 9.21 1.55
C PRO C 156 37.66 8.78 2.76
N GLU C 157 37.28 9.23 3.95
CA GLU C 157 38.01 8.89 5.16
C GLU C 157 37.73 7.48 5.63
N HIS C 158 36.52 6.95 5.35
CA HIS C 158 36.16 5.66 5.92
C HIS C 158 35.71 4.66 4.88
N ARG C 159 35.40 5.14 3.67
CA ARG C 159 34.77 4.27 2.68
C ARG C 159 35.80 3.29 2.14
N ALA C 160 35.30 2.19 1.55
CA ALA C 160 36.16 1.19 0.93
C ALA C 160 35.69 1.01 -0.52
N LEU C 161 36.32 1.74 -1.46
CA LEU C 161 36.03 1.63 -2.87
C LEU C 161 36.88 0.53 -3.47
N LEU C 162 36.29 -0.19 -4.43
CA LEU C 162 37.02 -1.17 -5.21
C LEU C 162 37.34 -0.53 -6.55
N GLN C 163 38.63 -0.55 -6.92
CA GLN C 163 39.04 -0.06 -8.21
C GLN C 163 38.96 -1.21 -9.21
N VAL C 164 38.20 -0.99 -10.30
CA VAL C 164 38.06 -2.02 -11.32
C VAL C 164 39.34 -2.09 -12.16
N LYS C 165 39.93 -3.29 -12.26
CA LYS C 165 41.14 -3.53 -13.02
C LYS C 165 40.91 -4.58 -14.11
N LEU C 166 41.33 -4.26 -15.34
CA LEU C 166 41.32 -5.20 -16.45
C LEU C 166 42.68 -5.91 -16.51
N GLU C 167 42.67 -7.25 -16.37
CA GLU C 167 43.92 -8.00 -16.35
C GLU C 167 44.18 -8.59 -17.73
N ASP C 168 43.28 -9.49 -18.15
CA ASP C 168 43.40 -10.20 -19.41
C ASP C 168 42.23 -9.83 -20.32
N ALA C 169 42.52 -9.10 -21.40
CA ALA C 169 41.47 -8.56 -22.26
C ALA C 169 40.77 -9.66 -23.07
N ILE C 170 41.50 -10.73 -23.41
CA ILE C 170 40.93 -11.85 -24.16
C ILE C 170 39.91 -12.58 -23.27
N GLU C 171 40.27 -12.76 -22.01
CA GLU C 171 39.43 -13.45 -21.06
C GLU C 171 38.19 -12.61 -20.78
N ALA C 172 38.37 -11.27 -20.73
CA ALA C 172 37.30 -10.33 -20.44
C ALA C 172 36.29 -10.34 -21.58
N ASP C 173 36.82 -10.37 -22.82
CA ASP C 173 35.99 -10.43 -24.02
C ASP C 173 35.06 -11.64 -23.93
N GLN C 174 35.65 -12.80 -23.60
CA GLN C 174 34.91 -14.06 -23.54
C GLN C 174 33.90 -14.02 -22.40
N THR C 175 34.29 -13.40 -21.28
CA THR C 175 33.41 -13.29 -20.11
C THR C 175 32.18 -12.47 -20.47
N PHE C 176 32.38 -11.26 -21.04
CA PHE C 176 31.24 -10.42 -21.39
C PHE C 176 30.35 -11.13 -22.40
N GLU C 177 30.97 -11.83 -23.36
CA GLU C 177 30.21 -12.46 -24.41
C GLU C 177 29.35 -13.58 -23.83
N MET C 178 29.95 -14.37 -22.94
CA MET C 178 29.29 -15.53 -22.36
C MET C 178 28.15 -15.08 -21.42
N LEU C 179 28.46 -14.13 -20.52
CA LEU C 179 27.48 -13.75 -19.51
C LEU C 179 26.38 -12.89 -20.09
N MET C 180 26.71 -11.99 -21.03
CA MET C 180 25.80 -10.89 -21.38
C MET C 180 25.29 -11.03 -22.81
N GLY C 181 25.85 -11.95 -23.60
CA GLY C 181 25.52 -12.04 -25.03
C GLY C 181 24.26 -12.88 -25.28
N ASP C 182 23.88 -13.01 -26.55
CA ASP C 182 22.58 -13.57 -26.92
C ASP C 182 22.59 -15.10 -26.89
N VAL C 183 23.75 -15.75 -26.77
CA VAL C 183 23.73 -17.21 -26.78
C VAL C 183 23.45 -17.80 -25.39
N VAL C 184 22.21 -18.27 -25.19
CA VAL C 184 21.73 -18.68 -23.87
C VAL C 184 22.54 -19.88 -23.35
N GLU C 185 22.88 -20.83 -24.22
CA GLU C 185 23.34 -22.14 -23.81
C GLU C 185 24.64 -22.03 -23.02
N ASN C 186 25.55 -21.13 -23.44
CA ASN C 186 26.83 -21.00 -22.78
C ASN C 186 26.64 -20.36 -21.40
N ARG C 187 25.69 -19.43 -21.31
CA ARG C 187 25.32 -18.84 -20.03
C ARG C 187 24.75 -19.93 -19.12
N ARG C 188 23.86 -20.79 -19.67
CA ARG C 188 23.27 -21.91 -18.93
C ARG C 188 24.36 -22.85 -18.42
N GLN C 189 25.33 -23.16 -19.29
CA GLN C 189 26.41 -24.06 -18.96
C GLN C 189 27.27 -23.44 -17.85
N PHE C 190 27.55 -22.14 -17.97
CA PHE C 190 28.27 -21.44 -16.90
C PHE C 190 27.56 -21.63 -15.55
N ILE C 191 26.23 -21.45 -15.55
CA ILE C 191 25.48 -21.46 -14.30
C ILE C 191 25.58 -22.86 -13.70
N GLU C 192 25.35 -23.90 -14.51
CA GLU C 192 25.35 -25.28 -14.06
C GLU C 192 26.74 -25.64 -13.50
N ASP C 193 27.79 -25.20 -14.18
CA ASP C 193 29.16 -25.50 -13.78
C ASP C 193 29.55 -24.78 -12.49
N ASN C 194 28.91 -23.65 -12.15
CA ASN C 194 29.41 -22.86 -11.04
C ASN C 194 28.43 -22.75 -9.87
N ALA C 195 27.13 -23.02 -10.10
CA ALA C 195 26.11 -22.81 -9.09
C ALA C 195 26.38 -23.72 -7.89
N VAL C 196 26.30 -23.16 -6.68
CA VAL C 196 26.36 -23.96 -5.46
C VAL C 196 25.01 -23.85 -4.74
N TYR C 197 24.16 -24.86 -4.88
CA TYR C 197 22.80 -24.87 -4.32
C TYR C 197 22.82 -25.33 -2.85
N ALA C 198 21.69 -25.17 -2.15
CA ALA C 198 21.55 -25.58 -0.77
C ALA C 198 21.73 -27.11 -0.63
N ILE D 8 41.39 1.67 -1.08
CA ILE D 8 41.02 1.32 -2.48
C ILE D 8 41.76 0.04 -2.89
N ASN D 9 41.10 -1.10 -2.66
CA ASN D 9 41.51 -2.41 -3.15
C ASN D 9 41.07 -2.59 -4.60
N GLU D 10 41.78 -3.44 -5.33
CA GLU D 10 41.56 -3.67 -6.74
C GLU D 10 40.57 -4.83 -6.92
N ARG D 11 39.70 -4.68 -7.92
CA ARG D 11 38.74 -5.72 -8.23
C ARG D 11 38.88 -6.08 -9.70
N ASN D 12 39.21 -7.36 -9.97
CA ASN D 12 39.32 -7.85 -11.33
C ASN D 12 37.94 -7.86 -12.01
N ILE D 13 37.83 -7.26 -13.19
CA ILE D 13 36.58 -7.08 -13.90
C ILE D 13 35.94 -8.45 -14.22
N THR D 14 36.79 -9.42 -14.58
CA THR D 14 36.35 -10.76 -14.94
C THR D 14 35.73 -11.46 -13.72
N SER D 15 36.43 -11.39 -12.58
CA SER D 15 35.97 -11.95 -11.32
C SER D 15 34.62 -11.35 -10.91
N GLU D 16 34.53 -10.03 -10.97
CA GLU D 16 33.36 -9.24 -10.61
C GLU D 16 32.14 -9.65 -11.45
N MET D 17 32.34 -9.74 -12.77
CA MET D 17 31.28 -10.06 -13.70
C MET D 17 30.75 -11.46 -13.38
N ARG D 18 31.65 -12.44 -13.19
CA ARG D 18 31.28 -13.82 -12.95
C ARG D 18 30.54 -13.96 -11.62
N GLU D 19 31.01 -13.29 -10.57
CA GLU D 19 30.42 -13.48 -9.26
C GLU D 19 29.10 -12.72 -9.14
N SER D 20 29.03 -11.50 -9.66
CA SER D 20 27.83 -10.69 -9.60
C SER D 20 26.73 -11.31 -10.45
N PHE D 21 27.10 -11.79 -11.66
CA PHE D 21 26.13 -12.37 -12.58
C PHE D 21 25.59 -13.68 -12.03
N LEU D 22 26.49 -14.56 -11.56
CA LEU D 22 26.08 -15.81 -10.96
C LEU D 22 25.12 -15.59 -9.78
N ASP D 23 25.40 -14.56 -8.96
CA ASP D 23 24.57 -14.22 -7.82
C ASP D 23 23.16 -13.89 -8.30
N TYR D 24 23.06 -13.02 -9.33
CA TYR D 24 21.78 -12.64 -9.90
C TYR D 24 21.06 -13.87 -10.46
N ALA D 25 21.75 -14.59 -11.35
CA ALA D 25 21.22 -15.73 -12.08
C ALA D 25 20.61 -16.77 -11.13
N MET D 26 21.38 -17.15 -10.12
CA MET D 26 20.95 -18.16 -9.14
C MET D 26 19.72 -17.70 -8.36
N SER D 27 19.70 -16.43 -7.98
CA SER D 27 18.61 -15.85 -7.22
C SER D 27 17.31 -15.88 -8.05
N VAL D 28 17.41 -15.58 -9.36
CA VAL D 28 16.24 -15.57 -10.21
C VAL D 28 15.73 -16.99 -10.39
N ILE D 29 16.67 -17.94 -10.48
CA ILE D 29 16.36 -19.36 -10.67
C ILE D 29 15.65 -19.94 -9.43
N VAL D 30 16.27 -19.78 -8.24
CA VAL D 30 15.80 -20.50 -7.05
C VAL D 30 14.81 -19.66 -6.26
N ALA D 31 14.68 -18.37 -6.58
CA ALA D 31 13.90 -17.53 -5.68
C ALA D 31 13.20 -16.41 -6.46
N ARG D 32 12.69 -16.71 -7.66
CA ARG D 32 11.90 -15.70 -8.37
C ARG D 32 11.03 -16.34 -9.45
N ALA D 33 11.64 -16.91 -10.50
CA ALA D 33 10.91 -17.13 -11.75
C ALA D 33 10.40 -18.57 -11.88
N LEU D 34 10.93 -19.51 -11.07
CA LEU D 34 10.61 -20.91 -11.23
C LEU D 34 9.77 -21.43 -10.05
N PRO D 35 8.74 -22.25 -10.32
CA PRO D 35 7.90 -22.79 -9.26
C PRO D 35 8.55 -24.00 -8.60
N ASP D 36 8.19 -24.24 -7.33
CA ASP D 36 8.59 -25.46 -6.64
C ASP D 36 7.74 -26.63 -7.12
N VAL D 37 8.35 -27.80 -7.33
CA VAL D 37 7.64 -28.98 -7.81
C VAL D 37 6.54 -29.43 -6.83
N ARG D 38 6.72 -29.13 -5.54
CA ARG D 38 5.88 -29.68 -4.47
C ARG D 38 4.56 -28.93 -4.35
N ASP D 39 4.60 -27.58 -4.39
CA ASP D 39 3.36 -26.81 -4.22
C ASP D 39 2.99 -26.03 -5.48
N GLY D 40 3.83 -26.09 -6.52
CA GLY D 40 3.63 -25.37 -7.76
C GLY D 40 3.85 -23.86 -7.69
N LEU D 41 4.43 -23.33 -6.60
CA LEU D 41 4.44 -21.89 -6.43
C LEU D 41 5.84 -21.28 -6.57
N LYS D 42 5.87 -20.05 -7.07
CA LYS D 42 7.02 -19.15 -6.96
C LYS D 42 6.93 -18.42 -5.61
N PRO D 43 8.06 -17.89 -5.10
CA PRO D 43 8.06 -17.12 -3.86
C PRO D 43 6.96 -16.07 -3.71
N VAL D 44 6.74 -15.23 -4.74
CA VAL D 44 5.78 -14.15 -4.57
C VAL D 44 4.37 -14.72 -4.32
N HIS D 45 3.99 -15.77 -5.04
CA HIS D 45 2.67 -16.37 -4.87
C HIS D 45 2.54 -17.00 -3.49
N ARG D 46 3.61 -17.68 -3.06
CA ARG D 46 3.61 -18.38 -1.78
C ARG D 46 3.42 -17.38 -0.64
N ARG D 47 4.11 -16.24 -0.76
CA ARG D 47 4.09 -15.23 0.27
C ARG D 47 2.72 -14.55 0.30
N ILE D 48 2.09 -14.36 -0.86
CA ILE D 48 0.75 -13.80 -0.91
C ILE D 48 -0.24 -14.70 -0.15
N LEU D 49 -0.21 -15.99 -0.45
CA LEU D 49 -1.19 -16.90 0.13
C LEU D 49 -0.92 -17.07 1.64
N TYR D 50 0.37 -17.17 2.00
CA TYR D 50 0.74 -17.21 3.40
C TYR D 50 0.25 -15.98 4.15
N GLY D 51 0.38 -14.80 3.52
CA GLY D 51 -0.07 -13.56 4.12
C GLY D 51 -1.58 -13.57 4.33
N LEU D 52 -2.33 -14.05 3.34
CA LEU D 52 -3.78 -14.22 3.45
C LEU D 52 -4.08 -15.15 4.64
N ASN D 53 -3.32 -16.23 4.77
CA ASN D 53 -3.54 -17.18 5.86
C ASN D 53 -3.29 -16.52 7.22
N GLU D 54 -2.15 -15.84 7.36
CA GLU D 54 -1.69 -15.30 8.63
C GLU D 54 -2.60 -14.16 9.09
N GLN D 55 -3.27 -13.48 8.16
CA GLN D 55 -4.22 -12.44 8.54
C GLN D 55 -5.65 -13.00 8.58
N GLY D 56 -5.81 -14.33 8.59
CA GLY D 56 -7.11 -14.98 8.70
C GLY D 56 -8.12 -14.61 7.62
N MET D 57 -7.64 -14.44 6.37
N MET D 57 -7.65 -14.46 6.37
CA MET D 57 -8.48 -13.96 5.29
CA MET D 57 -8.47 -13.95 5.29
C MET D 57 -9.10 -15.15 4.53
C MET D 57 -9.14 -15.10 4.53
N THR D 58 -9.86 -15.95 5.27
CA THR D 58 -10.45 -17.18 4.76
C THR D 58 -11.75 -16.86 4.02
N PRO D 59 -12.28 -17.81 3.21
CA PRO D 59 -13.48 -17.57 2.39
C PRO D 59 -14.75 -17.18 3.17
N ASP D 60 -14.82 -17.57 4.45
CA ASP D 60 -15.99 -17.33 5.27
C ASP D 60 -15.97 -15.91 5.85
N LYS D 61 -14.81 -15.25 5.80
CA LYS D 61 -14.70 -13.89 6.31
C LYS D 61 -14.90 -12.91 5.16
N SER D 62 -15.10 -11.63 5.51
CA SER D 62 -15.34 -10.60 4.50
C SER D 62 -14.06 -10.38 3.71
N TYR D 63 -14.20 -9.73 2.55
CA TYR D 63 -13.06 -9.41 1.72
C TYR D 63 -12.19 -8.40 2.45
N LYS D 64 -10.88 -8.52 2.27
N LYS D 64 -10.87 -8.54 2.35
CA LYS D 64 -9.95 -7.57 2.86
CA LYS D 64 -9.92 -7.57 2.92
C LYS D 64 -9.41 -6.67 1.74
C LYS D 64 -9.31 -6.72 1.79
N LYS D 65 -9.04 -5.46 2.12
CA LYS D 65 -8.52 -4.47 1.19
C LYS D 65 -7.20 -4.96 0.58
N SER D 66 -7.09 -4.84 -0.75
CA SER D 66 -5.86 -5.24 -1.44
C SER D 66 -4.62 -4.51 -0.93
N ALA D 67 -4.73 -3.20 -0.62
CA ALA D 67 -3.60 -2.41 -0.18
C ALA D 67 -2.99 -2.98 1.11
N ARG D 68 -3.86 -3.44 2.01
N ARG D 68 -3.86 -3.45 2.01
CA ARG D 68 -3.42 -4.01 3.28
CA ARG D 68 -3.45 -4.01 3.27
C ARG D 68 -2.71 -5.35 3.06
C ARG D 68 -2.72 -5.34 3.05
N ILE D 69 -3.26 -6.18 2.17
CA ILE D 69 -2.65 -7.46 1.85
C ILE D 69 -1.24 -7.22 1.28
N VAL D 70 -1.17 -6.30 0.30
CA VAL D 70 0.07 -6.00 -0.38
C VAL D 70 1.09 -5.43 0.61
N GLY D 71 0.66 -4.43 1.40
CA GLY D 71 1.56 -3.79 2.37
C GLY D 71 2.13 -4.83 3.34
N ASP D 72 1.25 -5.74 3.81
CA ASP D 72 1.65 -6.75 4.77
C ASP D 72 2.69 -7.69 4.15
N VAL D 73 2.43 -8.13 2.90
CA VAL D 73 3.28 -9.14 2.31
C VAL D 73 4.66 -8.55 2.02
N MET D 74 4.65 -7.29 1.57
CA MET D 74 5.85 -6.58 1.18
C MET D 74 6.76 -6.36 2.40
N GLY D 75 6.16 -5.97 3.54
CA GLY D 75 6.95 -5.62 4.71
C GLY D 75 7.51 -6.85 5.41
N LYS D 76 6.71 -7.92 5.47
CA LYS D 76 7.08 -9.10 6.22
C LYS D 76 7.86 -10.12 5.39
N TYR D 77 7.59 -10.24 4.08
CA TYR D 77 8.09 -11.44 3.38
C TYR D 77 8.78 -11.14 2.05
N HIS D 78 8.31 -10.11 1.32
CA HIS D 78 8.63 -9.94 -0.09
C HIS D 78 9.23 -8.57 -0.34
N PRO D 79 10.59 -8.44 -0.25
CA PRO D 79 11.24 -7.13 -0.30
C PRO D 79 11.44 -6.68 -1.74
N HIS D 80 10.31 -6.55 -2.47
CA HIS D 80 10.34 -6.08 -3.85
C HIS D 80 9.20 -5.08 -4.07
N GLY D 81 9.08 -4.57 -5.30
N GLY D 81 9.09 -4.56 -5.31
CA GLY D 81 8.09 -3.58 -5.68
CA GLY D 81 8.10 -3.56 -5.68
C GLY D 81 6.65 -4.06 -5.47
C GLY D 81 6.66 -4.05 -5.46
N ASP D 82 5.78 -3.12 -5.07
CA ASP D 82 4.38 -3.39 -4.76
C ASP D 82 3.62 -3.83 -6.01
N SER D 83 4.01 -3.32 -7.19
CA SER D 83 3.40 -3.72 -8.46
C SER D 83 3.62 -5.21 -8.75
N SER D 84 4.80 -5.75 -8.43
CA SER D 84 5.04 -7.16 -8.61
C SER D 84 4.08 -7.99 -7.77
N ILE D 85 3.89 -7.57 -6.52
CA ILE D 85 3.05 -8.30 -5.57
C ILE D 85 1.57 -8.22 -5.98
N TYR D 86 1.09 -7.01 -6.24
CA TYR D 86 -0.32 -6.82 -6.58
C TYR D 86 -0.68 -7.55 -7.87
N GLU D 87 0.17 -7.44 -8.91
CA GLU D 87 -0.11 -8.09 -10.17
C GLU D 87 -0.09 -9.61 -10.07
N ALA D 88 0.80 -10.16 -9.25
CA ALA D 88 0.78 -11.61 -9.02
C ALA D 88 -0.55 -12.02 -8.39
N MET D 89 -1.00 -11.25 -7.40
CA MET D 89 -2.24 -11.57 -6.68
C MET D 89 -3.44 -11.46 -7.63
N VAL D 90 -3.42 -10.44 -8.52
CA VAL D 90 -4.48 -10.24 -9.50
C VAL D 90 -4.63 -11.48 -10.39
N ARG D 91 -3.51 -11.95 -10.94
N ARG D 91 -3.51 -11.95 -10.94
CA ARG D 91 -3.57 -13.07 -11.87
CA ARG D 91 -3.53 -13.09 -11.87
C ARG D 91 -4.23 -14.27 -11.19
C ARG D 91 -4.17 -14.29 -11.20
N MET D 92 -3.89 -14.48 -9.91
CA MET D 92 -4.38 -15.62 -9.13
C MET D 92 -5.90 -15.56 -8.98
N ALA D 93 -6.49 -14.38 -9.19
CA ALA D 93 -7.92 -14.21 -9.03
C ALA D 93 -8.65 -14.31 -10.37
N GLN D 94 -7.91 -14.46 -11.49
CA GLN D 94 -8.53 -14.36 -12.82
C GLN D 94 -8.92 -15.76 -13.33
N ASP D 95 -10.20 -15.95 -13.66
CA ASP D 95 -10.65 -17.29 -14.05
C ASP D 95 -10.23 -17.62 -15.49
N PHE D 96 -9.73 -16.63 -16.25
CA PHE D 96 -9.18 -16.92 -17.57
C PHE D 96 -7.67 -17.18 -17.49
N SER D 97 -7.07 -17.00 -16.31
CA SER D 97 -5.64 -17.23 -16.13
C SER D 97 -5.39 -18.49 -15.33
N TYR D 98 -6.13 -18.68 -14.21
CA TYR D 98 -5.95 -19.84 -13.34
C TYR D 98 -7.10 -20.82 -13.55
N ARG D 99 -6.72 -22.07 -13.85
CA ARG D 99 -7.66 -23.18 -13.99
C ARG D 99 -8.40 -23.41 -12.67
N TYR D 100 -7.68 -23.23 -11.54
CA TYR D 100 -8.32 -23.28 -10.24
C TYR D 100 -7.91 -22.00 -9.51
N PRO D 101 -8.67 -20.88 -9.63
CA PRO D 101 -8.22 -19.60 -9.07
C PRO D 101 -7.92 -19.71 -7.57
N LEU D 102 -6.82 -19.09 -7.15
CA LEU D 102 -6.32 -19.19 -5.78
C LEU D 102 -6.80 -18.00 -4.93
N VAL D 103 -7.20 -16.91 -5.59
CA VAL D 103 -7.65 -15.73 -4.87
C VAL D 103 -9.08 -15.43 -5.31
N ASP D 104 -9.90 -15.01 -4.34
CA ASP D 104 -11.27 -14.60 -4.57
C ASP D 104 -11.31 -13.08 -4.57
N GLY D 105 -11.47 -12.47 -5.74
CA GLY D 105 -11.35 -11.02 -5.81
C GLY D 105 -12.73 -10.36 -5.92
N GLN D 106 -12.87 -9.18 -5.30
CA GLN D 106 -14.04 -8.34 -5.49
C GLN D 106 -13.61 -7.04 -6.18
N GLY D 107 -14.34 -6.67 -7.24
CA GLY D 107 -14.02 -5.48 -8.00
C GLY D 107 -13.36 -5.79 -9.34
N ASN D 108 -12.74 -4.77 -9.95
CA ASN D 108 -12.22 -4.89 -11.30
C ASN D 108 -10.86 -5.60 -11.22
N PHE D 109 -10.79 -6.85 -11.71
CA PHE D 109 -9.58 -7.67 -11.64
C PHE D 109 -9.01 -7.96 -13.04
N GLY D 110 -9.34 -7.09 -14.01
CA GLY D 110 -8.84 -7.21 -15.37
C GLY D 110 -9.71 -8.11 -16.25
N SER D 111 -9.41 -8.19 -17.55
CA SER D 111 -10.20 -8.96 -18.51
C SER D 111 -9.27 -9.69 -19.48
N MET D 112 -9.88 -10.54 -20.32
CA MET D 112 -9.22 -11.26 -21.39
C MET D 112 -8.69 -10.32 -22.50
N ASP D 113 -9.09 -9.04 -22.46
CA ASP D 113 -8.66 -8.06 -23.44
C ASP D 113 -7.38 -7.35 -22.98
N GLY D 114 -6.82 -7.75 -21.84
CA GLY D 114 -5.55 -7.23 -21.40
C GLY D 114 -5.71 -5.94 -20.58
N ASP D 115 -6.96 -5.55 -20.28
CA ASP D 115 -7.25 -4.53 -19.31
C ASP D 115 -6.64 -4.92 -17.98
N GLY D 116 -6.02 -3.95 -17.30
CA GLY D 116 -5.47 -4.22 -15.98
C GLY D 116 -6.56 -4.27 -14.92
N ALA D 117 -6.25 -4.81 -13.75
CA ALA D 117 -7.07 -4.62 -12.55
C ALA D 117 -7.20 -3.13 -12.23
N ALA D 118 -8.24 -2.79 -11.45
CA ALA D 118 -8.32 -1.49 -10.80
C ALA D 118 -7.12 -1.29 -9.87
N ALA D 119 -6.85 -0.03 -9.54
CA ALA D 119 -5.86 0.34 -8.53
C ALA D 119 -6.09 -0.48 -7.27
N MET D 120 -4.99 -0.85 -6.58
CA MET D 120 -5.13 -1.74 -5.44
C MET D 120 -5.97 -1.11 -4.31
N ARG D 121 -6.14 0.20 -4.29
CA ARG D 121 -6.94 0.79 -3.24
C ARG D 121 -8.42 0.44 -3.41
N PHE D 122 -8.86 0.11 -4.64
CA PHE D 122 -10.27 -0.17 -4.91
C PHE D 122 -10.65 -1.63 -4.66
N THR D 123 -9.70 -2.55 -4.86
CA THR D 123 -10.08 -3.95 -4.92
C THR D 123 -9.91 -4.62 -3.56
N GLU D 124 -10.57 -5.75 -3.43
CA GLU D 124 -10.55 -6.48 -2.18
C GLU D 124 -10.42 -7.96 -2.51
N ALA D 125 -9.96 -8.75 -1.52
CA ALA D 125 -9.59 -10.11 -1.83
C ALA D 125 -9.67 -10.95 -0.57
N ARG D 126 -9.82 -12.26 -0.77
CA ARG D 126 -9.63 -13.30 0.22
C ARG D 126 -9.26 -14.60 -0.50
N MET D 127 -8.98 -15.65 0.27
CA MET D 127 -8.72 -16.97 -0.25
C MET D 127 -9.97 -17.53 -0.92
N THR D 128 -9.75 -18.31 -1.99
CA THR D 128 -10.78 -19.20 -2.48
C THR D 128 -10.80 -20.43 -1.56
N LYS D 129 -11.89 -21.19 -1.65
CA LYS D 129 -12.05 -22.42 -0.90
C LYS D 129 -10.94 -23.41 -1.21
N ILE D 130 -10.53 -23.50 -2.49
CA ILE D 130 -9.49 -24.45 -2.85
C ILE D 130 -8.14 -24.05 -2.25
N THR D 131 -7.91 -22.76 -2.05
CA THR D 131 -6.64 -22.33 -1.46
C THR D 131 -6.52 -22.83 -0.02
N LEU D 132 -7.65 -22.98 0.69
CA LEU D 132 -7.63 -23.59 2.01
C LEU D 132 -6.87 -24.91 1.96
N GLU D 133 -7.04 -25.67 0.88
CA GLU D 133 -6.36 -26.95 0.72
C GLU D 133 -4.87 -26.80 0.47
N LEU D 134 -4.42 -25.65 -0.06
CA LEU D 134 -2.99 -25.41 -0.25
C LEU D 134 -2.36 -25.20 1.12
N LEU D 135 -3.12 -24.60 2.03
CA LEU D 135 -2.59 -24.11 3.29
C LEU D 135 -2.91 -25.05 4.45
N ARG D 136 -3.82 -26.01 4.24
CA ARG D 136 -4.29 -26.93 5.25
C ARG D 136 -3.12 -27.60 5.99
N ASP D 137 -3.09 -27.44 7.34
CA ASP D 137 -2.14 -28.12 8.22
C ASP D 137 -0.78 -27.42 8.21
N ILE D 138 -0.72 -26.17 7.76
CA ILE D 138 0.55 -25.47 7.70
C ILE D 138 1.09 -25.21 9.12
N ASN D 139 0.18 -25.18 10.09
CA ASN D 139 0.60 -24.91 11.46
C ASN D 139 0.73 -26.21 12.25
N LYS D 140 0.83 -27.37 11.58
CA LYS D 140 0.94 -28.63 12.30
C LYS D 140 2.27 -29.29 11.97
N ASP D 141 3.30 -28.45 11.87
CA ASP D 141 4.67 -28.84 11.63
C ASP D 141 4.76 -29.80 10.45
N THR D 142 4.06 -29.48 9.35
CA THR D 142 4.04 -30.33 8.17
C THR D 142 5.14 -29.91 7.20
N ILE D 143 5.55 -28.62 7.27
CA ILE D 143 6.51 -28.05 6.35
C ILE D 143 7.54 -27.24 7.14
N ASP D 144 8.76 -27.09 6.61
CA ASP D 144 9.80 -26.35 7.30
C ASP D 144 9.62 -24.84 7.12
N PHE D 145 9.63 -24.10 8.23
CA PHE D 145 9.68 -22.63 8.20
C PHE D 145 11.15 -22.17 8.15
N ILE D 146 11.34 -20.96 7.66
CA ILE D 146 12.66 -20.34 7.53
C ILE D 146 12.54 -18.88 7.94
N ASP D 147 13.69 -18.27 8.22
CA ASP D 147 13.74 -16.84 8.49
C ASP D 147 13.39 -16.07 7.21
N ASN D 148 12.67 -14.95 7.38
CA ASN D 148 12.39 -14.02 6.31
C ASN D 148 13.67 -13.25 5.97
N TYR D 149 13.55 -12.29 5.02
CA TYR D 149 14.70 -11.61 4.45
C TYR D 149 15.49 -10.77 5.45
N ASP D 150 14.88 -10.33 6.55
CA ASP D 150 15.59 -9.45 7.47
C ASP D 150 15.73 -10.08 8.86
N GLY D 151 15.22 -11.30 9.05
CA GLY D 151 15.41 -12.00 10.31
C GLY D 151 14.36 -11.67 11.36
N ASN D 152 13.33 -10.89 10.98
CA ASN D 152 12.33 -10.47 11.94
C ASN D 152 11.04 -11.27 11.79
N GLU D 153 10.97 -12.19 10.82
CA GLU D 153 9.77 -13.00 10.68
C GLU D 153 10.13 -14.42 10.27
N ARG D 154 9.13 -15.30 10.30
CA ARG D 154 9.25 -16.65 9.76
C ARG D 154 8.31 -16.77 8.57
N GLU D 155 8.72 -17.57 7.57
CA GLU D 155 7.86 -17.81 6.41
C GLU D 155 8.02 -19.28 5.98
N PRO D 156 6.99 -19.89 5.33
CA PRO D 156 7.08 -21.28 4.88
C PRO D 156 8.03 -21.41 3.69
N SER D 157 8.84 -22.48 3.71
CA SER D 157 9.67 -22.82 2.58
C SER D 157 8.78 -23.35 1.46
N VAL D 158 7.62 -23.93 1.79
CA VAL D 158 6.78 -24.65 0.84
C VAL D 158 5.42 -24.78 1.50
N LEU D 159 4.33 -24.88 0.72
CA LEU D 159 3.01 -25.06 1.34
C LEU D 159 2.66 -26.54 1.38
N PRO D 160 1.79 -27.00 2.34
CA PRO D 160 1.34 -28.39 2.39
C PRO D 160 0.81 -28.91 1.05
N ALA D 161 0.06 -28.05 0.34
CA ALA D 161 -0.41 -28.30 -1.02
C ALA D 161 -1.17 -29.63 -1.15
N ARG D 162 -2.39 -29.70 -0.57
CA ARG D 162 -3.13 -30.96 -0.47
C ARG D 162 -3.80 -31.35 -1.80
N PHE D 163 -3.67 -30.51 -2.85
CA PHE D 163 -3.94 -30.95 -4.23
C PHE D 163 -2.71 -30.65 -5.10
N PRO D 164 -2.50 -31.38 -6.24
CA PRO D 164 -1.32 -31.17 -7.10
C PRO D 164 -1.32 -29.88 -7.93
N ASN D 165 -0.86 -28.79 -7.30
CA ASN D 165 -1.09 -27.44 -7.80
C ASN D 165 -0.17 -27.11 -8.98
N LEU D 166 1.07 -27.62 -9.01
CA LEU D 166 1.93 -27.31 -10.14
C LEU D 166 1.24 -27.67 -11.46
N LEU D 167 0.72 -28.90 -11.52
CA LEU D 167 0.14 -29.37 -12.77
C LEU D 167 -1.28 -28.83 -12.92
N ALA D 168 -1.99 -28.59 -11.79
CA ALA D 168 -3.36 -28.12 -11.92
C ALA D 168 -3.43 -26.72 -12.57
N ASN D 169 -2.60 -25.79 -12.07
CA ASN D 169 -2.66 -24.39 -12.50
C ASN D 169 -1.57 -24.08 -13.52
N GLY D 170 -0.53 -24.95 -13.62
CA GLY D 170 0.57 -24.71 -14.53
C GLY D 170 1.50 -23.60 -14.04
N ALA D 171 2.39 -23.12 -14.89
CA ALA D 171 3.41 -22.13 -14.53
C ALA D 171 4.04 -21.62 -15.81
N SER D 172 4.35 -20.33 -15.84
CA SER D 172 5.24 -19.81 -16.85
C SER D 172 6.20 -18.80 -16.18
N GLY D 173 7.48 -18.92 -16.51
CA GLY D 173 8.47 -18.04 -15.91
C GLY D 173 9.74 -17.94 -16.75
N ILE D 174 10.25 -16.70 -16.85
CA ILE D 174 11.49 -16.47 -17.57
C ILE D 174 12.58 -16.25 -16.52
N ALA D 175 13.57 -17.14 -16.53
CA ALA D 175 14.63 -17.03 -15.55
C ALA D 175 15.89 -16.47 -16.21
N VAL D 176 17.05 -17.05 -15.89
CA VAL D 176 18.30 -16.67 -16.49
C VAL D 176 18.96 -17.99 -16.87
N GLY D 177 19.37 -18.13 -18.15
CA GLY D 177 19.86 -19.41 -18.66
C GLY D 177 18.77 -20.44 -18.95
N MET D 178 17.50 -20.13 -18.62
CA MET D 178 16.42 -21.12 -18.77
C MET D 178 15.09 -20.43 -18.49
N ALA D 179 14.00 -21.14 -18.82
CA ALA D 179 12.65 -20.65 -18.60
C ALA D 179 11.75 -21.85 -18.31
N THR D 180 10.46 -21.63 -18.07
CA THR D 180 9.56 -22.75 -17.83
C THR D 180 8.19 -22.41 -18.41
N ASN D 181 7.48 -23.47 -18.81
CA ASN D 181 6.18 -23.32 -19.44
C ASN D 181 5.42 -24.63 -19.23
N ILE D 182 4.59 -24.67 -18.20
CA ILE D 182 3.86 -25.85 -17.79
C ILE D 182 2.38 -25.52 -17.96
N PRO D 183 1.63 -26.30 -18.75
CA PRO D 183 0.22 -26.00 -18.98
C PRO D 183 -0.61 -26.47 -17.79
N PRO D 184 -1.80 -25.86 -17.57
CA PRO D 184 -2.72 -26.32 -16.52
C PRO D 184 -3.41 -27.64 -16.90
N HIS D 185 -3.98 -28.32 -15.89
CA HIS D 185 -4.59 -29.64 -16.03
C HIS D 185 -5.90 -29.75 -15.25
N ASN D 186 -6.71 -30.76 -15.62
CA ASN D 186 -7.97 -31.03 -14.93
C ASN D 186 -7.68 -31.75 -13.62
N LEU D 187 -8.25 -31.20 -12.54
CA LEU D 187 -7.95 -31.65 -11.18
C LEU D 187 -8.43 -33.09 -10.94
N THR D 188 -9.60 -33.46 -11.49
CA THR D 188 -10.11 -34.83 -11.39
C THR D 188 -9.13 -35.79 -12.04
N GLU D 189 -8.70 -35.48 -13.26
CA GLU D 189 -7.74 -36.31 -13.97
C GLU D 189 -6.43 -36.43 -13.15
N LEU D 190 -5.94 -35.32 -12.60
CA LEU D 190 -4.65 -35.32 -11.91
C LEU D 190 -4.71 -36.21 -10.66
N ILE D 191 -5.77 -36.03 -9.86
CA ILE D 191 -5.89 -36.81 -8.64
C ILE D 191 -6.05 -38.29 -8.98
N ASN D 192 -6.78 -38.60 -10.07
CA ASN D 192 -6.90 -39.99 -10.51
C ASN D 192 -5.52 -40.57 -10.82
N GLY D 193 -4.70 -39.75 -11.49
CA GLY D 193 -3.33 -40.14 -11.83
C GLY D 193 -2.47 -40.36 -10.57
N VAL D 194 -2.62 -39.48 -9.55
CA VAL D 194 -1.88 -39.65 -8.30
C VAL D 194 -2.31 -40.97 -7.64
N LEU D 195 -3.61 -41.25 -7.68
CA LEU D 195 -4.15 -42.43 -7.04
C LEU D 195 -3.60 -43.69 -7.73
N SER D 196 -3.62 -43.70 -9.07
CA SER D 196 -3.01 -44.77 -9.86
C SER D 196 -1.54 -44.96 -9.47
N LEU D 197 -0.77 -43.87 -9.44
CA LEU D 197 0.64 -43.93 -9.11
C LEU D 197 0.82 -44.51 -7.70
N SER D 198 -0.08 -44.13 -6.76
CA SER D 198 0.07 -44.55 -5.36
C SER D 198 -0.12 -46.06 -5.22
N LYS D 199 -0.77 -46.69 -6.20
CA LYS D 199 -0.99 -48.13 -6.19
C LYS D 199 0.02 -48.87 -7.06
N ASN D 200 0.86 -48.14 -7.81
CA ASN D 200 1.79 -48.76 -8.72
C ASN D 200 2.95 -47.80 -9.00
N PRO D 201 4.01 -47.83 -8.16
CA PRO D 201 5.20 -47.01 -8.36
C PRO D 201 5.77 -47.15 -9.77
N ASP D 202 5.52 -48.29 -10.41
CA ASP D 202 6.15 -48.61 -11.69
C ASP D 202 5.26 -48.26 -12.88
N ILE D 203 4.14 -47.56 -12.64
CA ILE D 203 3.24 -47.15 -13.70
C ILE D 203 4.00 -46.37 -14.78
N SER D 204 3.62 -46.59 -16.05
CA SER D 204 4.22 -45.90 -17.19
C SER D 204 3.50 -44.57 -17.45
N ILE D 205 4.15 -43.67 -18.22
CA ILE D 205 3.53 -42.45 -18.72
C ILE D 205 2.27 -42.79 -19.52
N ALA D 206 2.37 -43.81 -20.39
CA ALA D 206 1.23 -44.16 -21.21
C ALA D 206 0.04 -44.53 -20.34
N GLU D 207 0.26 -45.31 -19.28
N GLU D 207 0.27 -45.31 -19.27
CA GLU D 207 -0.84 -45.70 -18.40
CA GLU D 207 -0.79 -45.73 -18.36
C GLU D 207 -1.38 -44.46 -17.65
C GLU D 207 -1.35 -44.53 -17.57
N LEU D 208 -0.48 -43.57 -17.23
CA LEU D 208 -0.88 -42.36 -16.53
C LEU D 208 -1.79 -41.53 -17.44
N MET D 209 -1.52 -41.55 -18.75
CA MET D 209 -2.31 -40.78 -19.71
C MET D 209 -3.72 -41.36 -19.87
N GLU D 210 -3.99 -42.53 -19.29
CA GLU D 210 -5.34 -43.04 -19.26
C GLU D 210 -6.17 -42.24 -18.27
N ASP D 211 -5.51 -41.66 -17.24
CA ASP D 211 -6.13 -40.72 -16.33
C ASP D 211 -6.00 -39.28 -16.85
N ILE D 212 -4.79 -38.86 -17.22
CA ILE D 212 -4.57 -37.46 -17.55
C ILE D 212 -4.48 -37.40 -19.08
N GLU D 213 -5.58 -36.95 -19.71
CA GLU D 213 -5.66 -36.98 -21.17
C GLU D 213 -4.73 -35.94 -21.80
N GLY D 214 -4.52 -34.83 -21.10
CA GLY D 214 -3.68 -33.75 -21.61
C GLY D 214 -3.99 -32.49 -20.80
N PRO D 215 -3.48 -31.33 -21.22
CA PRO D 215 -3.78 -30.08 -20.52
C PRO D 215 -5.27 -29.78 -20.61
N ASP D 216 -5.71 -28.96 -19.67
CA ASP D 216 -7.08 -28.48 -19.60
C ASP D 216 -7.05 -26.99 -19.25
N PHE D 217 -7.20 -26.15 -20.26
CA PHE D 217 -7.02 -24.71 -20.11
C PHE D 217 -8.27 -24.07 -19.51
N PRO D 218 -8.12 -23.00 -18.69
CA PRO D 218 -9.28 -22.34 -18.08
C PRO D 218 -10.19 -21.76 -19.17
N THR D 219 -9.59 -21.49 -20.35
CA THR D 219 -10.23 -20.85 -21.50
C THR D 219 -10.83 -21.86 -22.49
N ALA D 220 -10.78 -23.16 -22.13
CA ALA D 220 -11.38 -24.22 -22.91
C ALA D 220 -10.66 -24.37 -24.26
N GLY D 221 -11.41 -24.28 -25.36
CA GLY D 221 -10.82 -24.45 -26.68
C GLY D 221 -10.55 -25.92 -27.03
N LEU D 222 -9.73 -26.12 -28.08
CA LEU D 222 -9.38 -27.43 -28.62
C LEU D 222 -7.86 -27.58 -28.61
N ILE D 223 -7.43 -28.82 -28.44
CA ILE D 223 -6.06 -29.21 -28.76
C ILE D 223 -6.13 -30.18 -29.94
N LEU D 224 -5.19 -30.04 -30.89
CA LEU D 224 -5.18 -30.85 -32.11
C LEU D 224 -4.19 -31.97 -31.98
N GLY D 225 -4.67 -33.21 -31.82
CA GLY D 225 -3.81 -34.38 -31.77
C GLY D 225 -3.23 -34.61 -30.37
N LYS D 226 -2.60 -35.78 -30.19
CA LYS D 226 -2.07 -36.20 -28.90
C LYS D 226 -0.54 -36.28 -28.94
N SER D 227 0.07 -36.05 -30.10
CA SER D 227 1.47 -36.44 -30.20
C SER D 227 2.39 -35.43 -29.48
N GLY D 228 2.02 -34.14 -29.53
CA GLY D 228 2.71 -33.08 -28.80
C GLY D 228 2.55 -33.27 -27.29
N ILE D 229 1.33 -33.60 -26.86
CA ILE D 229 1.06 -33.89 -25.46
C ILE D 229 1.98 -35.03 -25.02
N ARG D 230 2.03 -36.11 -25.82
N ARG D 230 2.03 -36.07 -25.86
CA ARG D 230 2.74 -37.33 -25.44
CA ARG D 230 2.72 -37.30 -25.54
C ARG D 230 4.23 -37.03 -25.31
C ARG D 230 4.20 -37.00 -25.32
N ARG D 231 4.78 -36.28 -26.28
CA ARG D 231 6.19 -35.92 -26.23
C ARG D 231 6.49 -35.09 -24.97
N ALA D 232 5.61 -34.14 -24.65
CA ALA D 232 5.76 -33.28 -23.48
C ALA D 232 5.72 -34.12 -22.20
N TYR D 233 4.80 -35.09 -22.10
CA TYR D 233 4.65 -35.87 -20.90
C TYR D 233 5.81 -36.86 -20.72
N GLU D 234 6.38 -37.29 -21.85
CA GLU D 234 7.48 -38.24 -21.84
C GLU D 234 8.80 -37.55 -21.53
N THR D 235 9.00 -36.34 -22.04
CA THR D 235 10.34 -35.76 -22.03
C THR D 235 10.36 -34.43 -21.30
N GLY D 236 9.19 -33.82 -21.04
CA GLY D 236 9.18 -32.50 -20.43
C GLY D 236 9.08 -31.37 -21.46
N ARG D 237 9.21 -31.72 -22.75
CA ARG D 237 9.18 -30.74 -23.84
C ARG D 237 8.37 -31.25 -25.03
N GLY D 238 7.54 -30.37 -25.59
CA GLY D 238 6.71 -30.73 -26.74
C GLY D 238 5.85 -29.56 -27.17
N SER D 239 5.40 -29.58 -28.43
CA SER D 239 4.66 -28.46 -28.98
C SER D 239 3.20 -28.83 -29.03
N ILE D 240 2.30 -28.00 -28.49
CA ILE D 240 0.89 -28.38 -28.46
C ILE D 240 0.09 -27.35 -29.25
N GLN D 241 -0.60 -27.80 -30.30
CA GLN D 241 -1.39 -26.91 -31.13
C GLN D 241 -2.76 -26.65 -30.48
N MET D 242 -3.08 -25.38 -30.20
CA MET D 242 -4.35 -25.01 -29.60
C MET D 242 -5.23 -24.35 -30.66
N ARG D 243 -6.55 -24.60 -30.60
CA ARG D 243 -7.42 -23.88 -31.52
C ARG D 243 -8.59 -23.27 -30.76
N SER D 244 -9.07 -22.15 -31.30
CA SER D 244 -10.32 -21.53 -30.93
C SER D 244 -11.46 -22.52 -31.17
N ARG D 245 -12.55 -22.38 -30.41
CA ARG D 245 -13.79 -23.07 -30.74
C ARG D 245 -14.58 -22.14 -31.65
N ALA D 246 -14.72 -22.56 -32.90
CA ALA D 246 -15.37 -21.75 -33.93
C ALA D 246 -16.32 -22.65 -34.72
N VAL D 247 -17.47 -22.10 -35.08
CA VAL D 247 -18.44 -22.79 -35.92
C VAL D 247 -18.83 -21.87 -37.06
N ILE D 248 -19.36 -22.46 -38.15
CA ILE D 248 -19.94 -21.72 -39.25
C ILE D 248 -21.46 -21.87 -39.20
N GLU D 249 -22.18 -20.75 -39.28
CA GLU D 249 -23.64 -20.76 -39.19
C GLU D 249 -24.22 -19.72 -40.16
N GLU D 250 -25.50 -19.93 -40.53
CA GLU D 250 -26.25 -19.02 -41.39
C GLU D 250 -26.64 -17.77 -40.60
N ARG D 251 -26.75 -16.64 -41.31
CA ARG D 251 -27.18 -15.41 -40.68
C ARG D 251 -28.35 -14.79 -41.43
N GLY D 252 -28.91 -15.50 -42.41
CA GLY D 252 -30.03 -14.97 -43.20
C GLY D 252 -29.59 -14.56 -44.60
N GLY D 253 -30.56 -14.48 -45.52
CA GLY D 253 -30.38 -14.06 -46.90
C GLY D 253 -29.29 -14.84 -47.63
N GLY D 254 -29.13 -16.13 -47.31
CA GLY D 254 -28.08 -16.94 -47.92
C GLY D 254 -26.65 -16.62 -47.45
N ARG D 255 -26.51 -15.76 -46.44
CA ARG D 255 -25.19 -15.38 -45.95
C ARG D 255 -24.78 -16.24 -44.75
N GLN D 256 -23.47 -16.25 -44.44
CA GLN D 256 -22.93 -17.03 -43.32
C GLN D 256 -22.04 -16.17 -42.44
N ARG D 257 -21.71 -16.72 -41.26
CA ARG D 257 -20.73 -16.11 -40.38
C ARG D 257 -19.96 -17.20 -39.62
N ILE D 258 -18.73 -16.86 -39.21
CA ILE D 258 -17.93 -17.65 -38.31
C ILE D 258 -18.13 -17.08 -36.91
N VAL D 259 -18.46 -17.97 -35.96
CA VAL D 259 -18.71 -17.55 -34.58
C VAL D 259 -17.69 -18.25 -33.66
N VAL D 260 -16.89 -17.43 -32.96
CA VAL D 260 -15.84 -17.94 -32.09
C VAL D 260 -16.31 -17.79 -30.65
N THR D 261 -16.35 -18.90 -29.87
CA THR D 261 -16.87 -18.82 -28.51
C THR D 261 -15.80 -19.18 -27.48
N GLU D 262 -14.66 -19.72 -27.90
CA GLU D 262 -13.54 -19.97 -27.01
C GLU D 262 -12.26 -19.67 -27.78
N ILE D 263 -11.28 -19.11 -27.06
CA ILE D 263 -10.03 -18.70 -27.67
C ILE D 263 -8.88 -19.44 -26.96
N PRO D 264 -7.71 -19.55 -27.61
CA PRO D 264 -6.58 -20.27 -27.02
C PRO D 264 -6.11 -19.62 -25.72
N PHE D 265 -5.51 -20.44 -24.84
CA PHE D 265 -4.98 -20.02 -23.56
C PHE D 265 -3.96 -18.89 -23.75
N GLN D 266 -4.06 -17.82 -22.97
CA GLN D 266 -3.07 -16.76 -22.94
C GLN D 266 -3.14 -15.86 -24.18
N VAL D 267 -4.14 -16.02 -25.06
CA VAL D 267 -4.32 -15.09 -26.17
C VAL D 267 -5.16 -13.89 -25.73
N ASN D 268 -4.71 -12.70 -26.10
CA ASN D 268 -5.50 -11.51 -25.81
C ASN D 268 -6.59 -11.38 -26.87
N LYS D 269 -7.86 -11.38 -26.47
CA LYS D 269 -8.99 -11.40 -27.39
C LYS D 269 -9.02 -10.11 -28.22
N ALA D 270 -8.89 -8.95 -27.59
CA ALA D 270 -8.92 -7.68 -28.31
C ALA D 270 -7.79 -7.61 -29.34
N ARG D 271 -6.60 -8.12 -28.97
CA ARG D 271 -5.43 -8.11 -29.84
C ARG D 271 -5.68 -9.01 -31.04
N MET D 272 -6.30 -10.17 -30.79
N MET D 272 -6.33 -10.15 -30.80
CA MET D 272 -6.60 -11.12 -31.86
CA MET D 272 -6.60 -11.12 -31.86
C MET D 272 -7.56 -10.48 -32.86
C MET D 272 -7.58 -10.51 -32.85
N ILE D 273 -8.55 -9.74 -32.34
CA ILE D 273 -9.53 -9.09 -33.19
C ILE D 273 -8.86 -8.00 -34.05
N GLU D 274 -8.04 -7.14 -33.42
N GLU D 274 -8.02 -7.20 -33.39
CA GLU D 274 -7.31 -6.10 -34.15
CA GLU D 274 -7.24 -6.12 -33.97
C GLU D 274 -6.44 -6.71 -35.24
C GLU D 274 -6.37 -6.65 -35.12
N LYS D 275 -5.85 -7.88 -34.97
CA LYS D 275 -5.04 -8.55 -35.97
C LYS D 275 -5.89 -8.93 -37.18
N ILE D 276 -7.10 -9.46 -36.95
CA ILE D 276 -8.00 -9.80 -38.04
C ILE D 276 -8.37 -8.53 -38.78
N ALA D 277 -8.71 -7.45 -38.03
CA ALA D 277 -9.09 -6.18 -38.65
C ALA D 277 -7.97 -5.68 -39.55
N GLU D 278 -6.74 -5.85 -39.10
CA GLU D 278 -5.57 -5.38 -39.82
C GLU D 278 -5.43 -6.13 -41.15
N LEU D 279 -5.55 -7.46 -41.09
CA LEU D 279 -5.44 -8.33 -42.25
C LEU D 279 -6.49 -7.93 -43.29
N VAL D 280 -7.70 -7.62 -42.82
CA VAL D 280 -8.79 -7.29 -43.73
C VAL D 280 -8.44 -5.95 -44.38
N ARG D 281 -8.02 -5.00 -43.56
CA ARG D 281 -7.77 -3.64 -44.00
C ARG D 281 -6.67 -3.65 -45.06
N ASP D 282 -5.64 -4.48 -44.85
CA ASP D 282 -4.48 -4.56 -45.74
C ASP D 282 -4.68 -5.63 -46.81
N LYS D 283 -5.92 -6.11 -46.94
CA LYS D 283 -6.33 -7.05 -47.97
C LYS D 283 -5.42 -8.28 -48.01
N LYS D 284 -4.99 -8.75 -46.85
CA LYS D 284 -4.21 -9.97 -46.79
C LYS D 284 -5.14 -11.17 -46.56
N ILE D 285 -6.45 -10.92 -46.41
CA ILE D 285 -7.39 -12.03 -46.29
C ILE D 285 -8.67 -11.67 -47.03
N ASP D 286 -9.22 -12.63 -47.77
CA ASP D 286 -10.40 -12.39 -48.59
C ASP D 286 -11.68 -12.90 -47.90
N GLY D 287 -12.79 -12.15 -48.05
CA GLY D 287 -14.11 -12.72 -47.82
C GLY D 287 -14.83 -12.22 -46.56
N ILE D 288 -14.17 -11.37 -45.76
CA ILE D 288 -14.74 -10.92 -44.49
C ILE D 288 -15.39 -9.56 -44.72
N THR D 289 -16.66 -9.44 -44.32
CA THR D 289 -17.45 -8.24 -44.50
C THR D 289 -17.73 -7.53 -43.17
N ASP D 290 -17.52 -8.23 -42.05
CA ASP D 290 -17.72 -7.57 -40.76
C ASP D 290 -17.03 -8.38 -39.66
N LEU D 291 -16.75 -7.69 -38.54
CA LEU D 291 -15.99 -8.23 -37.42
C LEU D 291 -16.52 -7.56 -36.16
N ARG D 292 -17.10 -8.34 -35.23
CA ARG D 292 -17.69 -7.76 -34.04
C ARG D 292 -17.34 -8.63 -32.82
N ASP D 293 -17.04 -7.96 -31.71
CA ASP D 293 -16.91 -8.68 -30.45
C ASP D 293 -18.24 -8.54 -29.74
N GLU D 294 -19.01 -9.62 -29.63
CA GLU D 294 -20.33 -9.57 -29.02
C GLU D 294 -20.26 -10.19 -27.63
N THR D 295 -19.05 -10.34 -27.09
CA THR D 295 -18.84 -10.90 -25.76
C THR D 295 -19.68 -10.13 -24.75
N SER D 296 -20.28 -10.84 -23.79
CA SER D 296 -20.98 -10.18 -22.72
C SER D 296 -20.95 -11.11 -21.52
N LEU D 297 -21.26 -10.52 -20.36
CA LEU D 297 -21.27 -11.26 -19.12
C LEU D 297 -22.34 -12.35 -19.20
N ARG D 298 -23.44 -12.02 -19.88
CA ARG D 298 -24.61 -12.90 -19.89
C ARG D 298 -24.49 -13.92 -21.01
N THR D 299 -23.84 -13.59 -22.13
CA THR D 299 -23.73 -14.51 -23.24
C THR D 299 -22.36 -15.21 -23.32
N GLY D 300 -21.36 -14.78 -22.54
CA GLY D 300 -20.02 -15.37 -22.64
C GLY D 300 -19.26 -14.84 -23.87
N VAL D 301 -18.10 -15.43 -24.17
CA VAL D 301 -17.28 -15.00 -25.29
C VAL D 301 -18.00 -15.26 -26.62
N ARG D 302 -18.11 -14.23 -27.46
CA ARG D 302 -18.71 -14.41 -28.78
C ARG D 302 -18.08 -13.43 -29.76
N VAL D 303 -17.22 -13.93 -30.65
CA VAL D 303 -16.65 -13.07 -31.67
C VAL D 303 -17.24 -13.52 -33.02
N VAL D 304 -17.80 -12.58 -33.78
CA VAL D 304 -18.51 -12.86 -35.02
C VAL D 304 -17.71 -12.31 -36.20
N ILE D 305 -17.45 -13.19 -37.17
CA ILE D 305 -16.83 -12.81 -38.44
C ILE D 305 -17.81 -13.08 -39.58
N ASP D 306 -18.41 -12.00 -40.13
CA ASP D 306 -19.37 -12.12 -41.23
C ASP D 306 -18.62 -12.37 -42.53
N VAL D 307 -19.13 -13.33 -43.31
CA VAL D 307 -18.53 -13.81 -44.55
C VAL D 307 -19.39 -13.30 -45.71
N ARG D 308 -18.71 -12.91 -46.82
CA ARG D 308 -19.38 -12.35 -47.99
C ARG D 308 -20.19 -13.46 -48.65
N LYS D 309 -21.41 -13.10 -49.12
CA LYS D 309 -22.34 -14.06 -49.71
C LYS D 309 -21.67 -14.91 -50.80
N ASP D 310 -21.83 -16.22 -50.69
CA ASP D 310 -21.26 -17.21 -51.62
C ASP D 310 -19.75 -17.44 -51.44
N ALA D 311 -19.07 -16.73 -50.53
CA ALA D 311 -17.70 -17.10 -50.22
C ALA D 311 -17.70 -18.39 -49.39
N ASN D 312 -16.62 -19.18 -49.49
CA ASN D 312 -16.49 -20.42 -48.74
C ASN D 312 -15.95 -20.11 -47.35
N ALA D 313 -16.83 -20.26 -46.34
CA ALA D 313 -16.57 -19.80 -44.97
C ALA D 313 -15.52 -20.68 -44.30
N SER D 314 -15.46 -21.96 -44.70
CA SER D 314 -14.46 -22.91 -44.23
C SER D 314 -13.04 -22.53 -44.67
N VAL D 315 -12.92 -22.01 -45.90
CA VAL D 315 -11.64 -21.55 -46.45
C VAL D 315 -11.16 -20.33 -45.65
N ILE D 316 -12.06 -19.37 -45.47
CA ILE D 316 -11.76 -18.21 -44.64
C ILE D 316 -11.32 -18.63 -43.23
N LEU D 317 -12.02 -19.60 -42.61
CA LEU D 317 -11.68 -20.03 -41.26
C LEU D 317 -10.26 -20.59 -41.22
N ASN D 318 -9.93 -21.47 -42.18
CA ASN D 318 -8.59 -22.06 -42.26
C ASN D 318 -7.51 -20.98 -42.47
N ASN D 319 -7.81 -19.96 -43.29
CA ASN D 319 -6.91 -18.82 -43.41
C ASN D 319 -6.72 -18.10 -42.07
N LEU D 320 -7.81 -17.92 -41.33
CA LEU D 320 -7.68 -17.22 -40.05
C LEU D 320 -6.78 -18.03 -39.12
N TYR D 321 -6.83 -19.37 -39.19
CA TYR D 321 -6.01 -20.18 -38.31
C TYR D 321 -4.52 -20.01 -38.65
N LYS D 322 -4.23 -19.86 -39.95
CA LYS D 322 -2.89 -19.75 -40.49
C LYS D 322 -2.32 -18.40 -40.11
N GLN D 323 -3.14 -17.34 -40.17
CA GLN D 323 -2.65 -15.98 -40.18
C GLN D 323 -2.87 -15.25 -38.87
N THR D 324 -3.56 -15.83 -37.90
CA THR D 324 -3.88 -15.09 -36.68
C THR D 324 -3.72 -16.01 -35.48
N PRO D 325 -3.75 -15.48 -34.23
CA PRO D 325 -3.71 -16.33 -33.02
C PRO D 325 -4.94 -17.21 -32.76
N LEU D 326 -5.94 -17.14 -33.64
CA LEU D 326 -7.08 -18.06 -33.57
C LEU D 326 -6.60 -19.51 -33.46
N GLN D 327 -5.45 -19.83 -34.08
CA GLN D 327 -4.69 -21.03 -33.74
C GLN D 327 -3.34 -20.60 -33.14
N THR D 328 -2.92 -21.21 -32.02
CA THR D 328 -1.68 -20.83 -31.34
C THR D 328 -1.04 -22.07 -30.74
N SER D 329 0.29 -22.12 -30.69
CA SER D 329 0.94 -23.25 -30.06
C SER D 329 1.29 -22.93 -28.59
N PHE D 330 1.29 -24.00 -27.78
CA PHE D 330 1.84 -23.96 -26.45
C PHE D 330 3.12 -24.82 -26.47
N GLY D 331 4.30 -24.19 -26.30
CA GLY D 331 5.55 -24.93 -26.20
C GLY D 331 5.81 -25.33 -24.75
N VAL D 332 5.58 -26.62 -24.47
CA VAL D 332 5.76 -27.16 -23.13
C VAL D 332 7.26 -27.24 -22.83
N ASN D 333 7.65 -26.78 -21.64
CA ASN D 333 9.03 -26.80 -21.19
C ASN D 333 9.01 -26.91 -19.67
N MET D 334 8.92 -28.14 -19.14
CA MET D 334 8.50 -28.34 -17.75
C MET D 334 9.68 -28.31 -16.79
N ILE D 335 10.10 -27.08 -16.45
CA ILE D 335 11.20 -26.90 -15.52
C ILE D 335 10.66 -26.43 -14.17
N ALA D 336 11.06 -27.13 -13.09
CA ALA D 336 10.63 -26.78 -11.74
C ALA D 336 11.77 -27.02 -10.74
N LEU D 337 11.66 -26.43 -9.55
CA LEU D 337 12.67 -26.66 -8.54
C LEU D 337 12.44 -28.01 -7.87
N VAL D 338 13.44 -28.87 -7.97
CA VAL D 338 13.46 -30.18 -7.33
C VAL D 338 14.63 -30.20 -6.36
N ASN D 339 14.32 -30.32 -5.06
N ASN D 339 14.32 -30.37 -5.06
CA ASN D 339 15.35 -30.28 -4.04
CA ASN D 339 15.32 -30.28 -4.01
C ASN D 339 16.16 -29.01 -4.20
C ASN D 339 16.15 -29.01 -4.22
N GLY D 340 15.46 -27.88 -4.42
CA GLY D 340 16.11 -26.58 -4.53
C GLY D 340 16.87 -26.33 -5.82
N ARG D 341 16.82 -27.24 -6.81
CA ARG D 341 17.58 -27.05 -8.04
C ARG D 341 16.63 -27.08 -9.24
N PRO D 342 16.91 -26.30 -10.32
CA PRO D 342 16.04 -26.29 -11.51
C PRO D 342 16.22 -27.61 -12.24
N LYS D 343 15.12 -28.20 -12.71
CA LYS D 343 15.21 -29.49 -13.38
C LYS D 343 14.09 -29.65 -14.40
N LEU D 344 14.46 -30.15 -15.59
CA LEU D 344 13.49 -30.52 -16.61
C LEU D 344 12.86 -31.85 -16.20
N ILE D 345 11.51 -31.90 -16.06
CA ILE D 345 10.90 -33.10 -15.51
C ILE D 345 9.81 -33.56 -16.46
N ASN D 346 9.54 -34.89 -16.47
CA ASN D 346 8.44 -35.42 -17.24
C ASN D 346 7.20 -35.51 -16.34
N LEU D 347 6.06 -35.95 -16.91
CA LEU D 347 4.80 -36.03 -16.18
C LEU D 347 4.93 -36.94 -14.95
N LYS D 348 5.58 -38.11 -15.08
CA LYS D 348 5.65 -39.02 -13.95
C LYS D 348 6.50 -38.46 -12.80
N GLU D 349 7.67 -37.87 -13.13
N GLU D 349 7.64 -37.84 -13.13
CA GLU D 349 8.52 -37.25 -12.12
CA GLU D 349 8.49 -37.27 -12.09
C GLU D 349 7.74 -36.18 -11.35
C GLU D 349 7.75 -36.16 -11.34
N ALA D 350 6.96 -35.36 -12.07
CA ALA D 350 6.17 -34.33 -11.44
C ALA D 350 5.21 -34.95 -10.41
N LEU D 351 4.53 -36.05 -10.79
CA LEU D 351 3.56 -36.70 -9.93
C LEU D 351 4.25 -37.39 -8.74
N VAL D 352 5.45 -37.97 -8.96
CA VAL D 352 6.21 -38.70 -7.94
C VAL D 352 6.68 -37.72 -6.85
N HIS D 353 7.27 -36.58 -7.26
CA HIS D 353 7.67 -35.59 -6.27
C HIS D 353 6.45 -35.10 -5.49
N TYR D 354 5.31 -34.95 -6.18
CA TYR D 354 4.12 -34.45 -5.51
C TYR D 354 3.63 -35.45 -4.46
N LEU D 355 3.55 -36.74 -4.82
CA LEU D 355 3.06 -37.78 -3.93
C LEU D 355 3.98 -37.94 -2.72
N GLU D 356 5.29 -37.83 -2.94
N GLU D 356 5.31 -37.87 -2.95
CA GLU D 356 6.24 -37.95 -1.85
CA GLU D 356 6.28 -37.92 -1.86
C GLU D 356 6.05 -36.78 -0.86
C GLU D 356 5.97 -36.81 -0.87
N HIS D 357 5.71 -35.59 -1.38
CA HIS D 357 5.44 -34.44 -0.53
C HIS D 357 4.20 -34.68 0.34
N GLN D 358 3.13 -35.22 -0.25
CA GLN D 358 1.93 -35.57 0.47
C GLN D 358 2.19 -36.57 1.59
N LYS D 359 3.02 -37.59 1.32
CA LYS D 359 3.29 -38.59 2.34
C LYS D 359 3.96 -37.93 3.53
N THR D 360 4.93 -37.04 3.25
CA THR D 360 5.69 -36.40 4.31
C THR D 360 4.78 -35.44 5.10
N VAL D 361 3.92 -34.74 4.39
CA VAL D 361 3.01 -33.80 5.01
C VAL D 361 2.10 -34.56 5.99
N VAL D 362 1.51 -35.68 5.55
CA VAL D 362 0.52 -36.38 6.34
C VAL D 362 1.19 -37.12 7.50
N ARG D 363 2.39 -37.66 7.28
CA ARG D 363 3.15 -38.24 8.36
C ARG D 363 3.49 -37.20 9.43
N ARG D 364 4.06 -36.06 8.99
CA ARG D 364 4.48 -35.01 9.89
C ARG D 364 3.28 -34.46 10.67
N ARG D 365 2.13 -34.36 9.98
CA ARG D 365 0.91 -33.87 10.60
C ARG D 365 0.46 -34.85 11.68
N THR D 366 0.56 -36.15 11.38
CA THR D 366 0.20 -37.21 12.30
C THR D 366 1.11 -37.17 13.54
N GLN D 367 2.42 -37.07 13.31
CA GLN D 367 3.37 -36.97 14.42
C GLN D 367 3.13 -35.72 15.27
N TYR D 368 2.77 -34.61 14.63
CA TYR D 368 2.53 -33.38 15.36
C TYR D 368 1.30 -33.55 16.21
N ASN D 369 0.21 -34.02 15.59
CA ASN D 369 -1.06 -34.18 16.27
C ASN D 369 -0.87 -35.06 17.51
N LEU D 370 0.00 -36.07 17.41
CA LEU D 370 0.28 -36.99 18.48
C LEU D 370 1.02 -36.31 19.65
N ARG D 371 2.12 -35.59 19.35
CA ARG D 371 2.82 -34.84 20.39
C ARG D 371 1.83 -33.93 21.13
N LYS D 372 1.03 -33.17 20.37
CA LYS D 372 0.14 -32.19 20.96
C LYS D 372 -0.96 -32.88 21.79
N ALA D 373 -1.46 -34.02 21.31
CA ALA D 373 -2.51 -34.72 22.04
C ALA D 373 -1.95 -35.26 23.36
N LYS D 374 -0.73 -35.81 23.32
CA LYS D 374 -0.07 -36.31 24.51
C LYS D 374 0.22 -35.17 25.48
N ASP D 375 0.65 -34.00 24.98
CA ASP D 375 0.85 -32.86 25.89
C ASP D 375 -0.46 -32.49 26.57
N ARG D 376 -1.54 -32.52 25.81
CA ARG D 376 -2.81 -32.05 26.32
C ARG D 376 -3.39 -33.10 27.28
N ALA D 377 -3.21 -34.38 26.96
CA ALA D 377 -3.59 -35.45 27.88
C ALA D 377 -2.85 -35.30 29.22
N HIS D 378 -1.55 -34.99 29.18
CA HIS D 378 -0.75 -34.77 30.38
C HIS D 378 -1.37 -33.64 31.21
N ILE D 379 -1.72 -32.51 30.56
CA ILE D 379 -2.29 -31.39 31.29
C ILE D 379 -3.61 -31.82 31.95
N LEU D 380 -4.45 -32.54 31.20
CA LEU D 380 -5.77 -32.91 31.72
C LEU D 380 -5.63 -33.92 32.85
N GLU D 381 -4.62 -34.81 32.80
CA GLU D 381 -4.33 -35.70 33.93
C GLU D 381 -4.06 -34.89 35.21
N GLY D 382 -3.36 -33.75 35.08
CA GLY D 382 -3.12 -32.84 36.18
C GLY D 382 -4.43 -32.22 36.73
N LEU D 383 -5.32 -31.81 35.82
CA LEU D 383 -6.58 -31.20 36.23
C LEU D 383 -7.47 -32.26 36.90
N ARG D 384 -7.42 -33.49 36.41
CA ARG D 384 -8.23 -34.58 36.92
C ARG D 384 -7.80 -34.88 38.35
N ILE D 385 -6.49 -34.94 38.60
CA ILE D 385 -5.93 -35.10 39.94
C ILE D 385 -6.41 -33.94 40.83
N ALA D 386 -6.34 -32.71 40.33
CA ALA D 386 -6.76 -31.59 41.13
C ALA D 386 -8.25 -31.72 41.49
N LEU D 387 -9.11 -32.09 40.53
CA LEU D 387 -10.54 -32.24 40.82
C LEU D 387 -10.78 -33.37 41.84
N ASP D 388 -10.02 -34.46 41.70
CA ASP D 388 -10.13 -35.61 42.57
C ASP D 388 -9.77 -35.25 44.01
N HIS D 389 -8.89 -34.25 44.23
CA HIS D 389 -8.41 -33.94 45.57
C HIS D 389 -8.53 -32.43 45.80
N ILE D 390 -9.66 -31.86 45.40
CA ILE D 390 -9.74 -30.40 45.31
C ILE D 390 -9.47 -29.74 46.67
N ASP D 391 -9.98 -30.34 47.75
CA ASP D 391 -9.80 -29.80 49.08
C ASP D 391 -8.33 -29.68 49.46
N GLU D 392 -7.56 -30.75 49.20
CA GLU D 392 -6.13 -30.76 49.45
C GLU D 392 -5.43 -29.77 48.52
N ILE D 393 -5.93 -29.64 47.28
CA ILE D 393 -5.33 -28.68 46.35
C ILE D 393 -5.43 -27.28 46.94
N ILE D 394 -6.64 -26.91 47.36
CA ILE D 394 -6.90 -25.56 47.87
C ILE D 394 -6.01 -25.30 49.08
N SER D 395 -5.95 -26.28 50.01
CA SER D 395 -5.17 -26.15 51.25
C SER D 395 -3.70 -25.85 50.94
N THR D 396 -3.16 -26.63 50.01
CA THR D 396 -1.79 -26.51 49.61
C THR D 396 -1.50 -25.09 49.09
N ILE D 397 -2.44 -24.54 48.29
CA ILE D 397 -2.20 -23.23 47.68
C ILE D 397 -2.31 -22.14 48.74
N ARG D 398 -3.34 -22.25 49.57
CA ARG D 398 -3.62 -21.23 50.58
C ARG D 398 -2.48 -21.11 51.59
N GLU D 399 -1.81 -22.23 51.88
N GLU D 399 -1.80 -22.24 51.87
CA GLU D 399 -0.74 -22.26 52.87
CA GLU D 399 -0.73 -22.27 52.86
C GLU D 399 0.57 -21.81 52.22
C GLU D 399 0.59 -21.85 52.20
N SER D 400 0.52 -21.44 50.93
CA SER D 400 1.70 -21.01 50.21
C SER D 400 1.72 -19.49 50.08
N ASP D 401 2.88 -18.89 50.33
CA ASP D 401 2.96 -17.45 50.36
C ASP D 401 3.09 -16.88 48.96
N THR D 402 3.77 -17.62 48.10
CA THR D 402 4.00 -17.18 46.73
C THR D 402 3.55 -18.29 45.75
N ASP D 403 3.42 -17.90 44.47
CA ASP D 403 3.16 -18.82 43.38
C ASP D 403 4.23 -19.91 43.29
N LYS D 404 5.50 -19.51 43.41
CA LYS D 404 6.64 -20.42 43.35
C LYS D 404 6.49 -21.54 44.40
N VAL D 405 6.23 -21.15 45.65
CA VAL D 405 6.05 -22.12 46.73
C VAL D 405 4.85 -23.02 46.44
N ALA D 406 3.76 -22.44 45.94
CA ALA D 406 2.56 -23.22 45.62
C ALA D 406 2.86 -24.26 44.55
N MET D 407 3.54 -23.84 43.49
N MET D 407 3.57 -23.82 43.50
CA MET D 407 4.01 -24.71 42.41
CA MET D 407 4.06 -24.66 42.40
C MET D 407 4.79 -25.88 42.98
C MET D 407 4.80 -25.87 42.96
N GLU D 408 5.83 -25.59 43.78
CA GLU D 408 6.71 -26.61 44.33
C GLU D 408 5.93 -27.59 45.20
N SER D 409 5.05 -27.08 46.08
CA SER D 409 4.25 -27.91 46.97
C SER D 409 3.27 -28.77 46.19
N LEU D 410 2.66 -28.23 45.11
CA LEU D 410 1.75 -29.02 44.27
C LEU D 410 2.49 -30.18 43.61
N GLN D 411 3.70 -29.90 43.12
CA GLN D 411 4.55 -30.91 42.49
C GLN D 411 4.99 -31.98 43.49
N GLN D 412 5.35 -31.55 44.72
CA GLN D 412 5.76 -32.49 45.76
C GLN D 412 4.61 -33.38 46.24
N ARG D 413 3.47 -32.76 46.57
N ARG D 413 3.47 -32.77 46.59
CA ARG D 413 2.37 -33.44 47.24
CA ARG D 413 2.42 -33.53 47.25
C ARG D 413 1.64 -34.37 46.29
C ARG D 413 1.67 -34.43 46.26
N PHE D 414 1.55 -33.99 45.00
CA PHE D 414 0.68 -34.70 44.08
C PHE D 414 1.46 -35.38 42.95
N LYS D 415 2.80 -35.41 43.04
CA LYS D 415 3.63 -35.99 42.00
C LYS D 415 3.30 -35.37 40.64
N LEU D 416 3.20 -34.05 40.60
CA LEU D 416 2.85 -33.37 39.36
C LEU D 416 4.09 -32.78 38.69
N SER D 417 4.02 -32.67 37.35
CA SER D 417 5.06 -31.96 36.62
C SER D 417 4.87 -30.47 36.83
N GLU D 418 5.89 -29.72 36.40
CA GLU D 418 5.80 -28.27 36.44
C GLU D 418 4.62 -27.79 35.58
N LYS D 419 4.47 -28.35 34.38
CA LYS D 419 3.39 -27.94 33.50
C LYS D 419 2.03 -28.22 34.14
N GLN D 420 1.89 -29.38 34.80
CA GLN D 420 0.60 -29.72 35.42
C GLN D 420 0.30 -28.76 36.57
N ALA D 421 1.34 -28.41 37.34
CA ALA D 421 1.09 -27.61 38.53
C ALA D 421 0.65 -26.21 38.09
N GLN D 422 1.28 -25.71 37.01
CA GLN D 422 0.97 -24.37 36.50
C GLN D 422 -0.43 -24.38 35.91
N ALA D 423 -0.83 -25.49 35.26
CA ALA D 423 -2.17 -25.57 34.71
C ALA D 423 -3.19 -25.50 35.85
N ILE D 424 -2.86 -26.12 37.00
CA ILE D 424 -3.79 -26.16 38.13
C ILE D 424 -3.93 -24.75 38.71
N LEU D 425 -2.79 -24.06 38.87
CA LEU D 425 -2.82 -22.70 39.39
C LEU D 425 -3.49 -21.74 38.41
N ASP D 426 -3.53 -22.07 37.11
CA ASP D 426 -4.16 -21.17 36.15
C ASP D 426 -5.66 -21.45 36.02
N MET D 427 -6.14 -22.56 36.59
CA MET D 427 -7.53 -22.93 36.49
C MET D 427 -8.42 -21.90 37.22
N ARG D 428 -9.48 -21.43 36.55
CA ARG D 428 -10.42 -20.47 37.10
C ARG D 428 -11.46 -21.22 37.94
N LEU D 429 -12.00 -20.55 38.97
CA LEU D 429 -12.95 -21.18 39.89
C LEU D 429 -14.19 -21.70 39.13
N ARG D 430 -14.57 -21.05 38.01
CA ARG D 430 -15.71 -21.55 37.24
C ARG D 430 -15.48 -22.97 36.69
N ARG D 431 -14.24 -23.43 36.62
CA ARG D 431 -13.97 -24.77 36.10
C ARG D 431 -14.43 -25.85 37.06
N LEU D 432 -14.89 -25.43 38.25
CA LEU D 432 -15.27 -26.37 39.30
C LEU D 432 -16.77 -26.63 39.30
N THR D 433 -17.54 -25.95 38.44
CA THR D 433 -18.95 -26.30 38.29
C THR D 433 -19.10 -27.70 37.68
N GLY D 434 -20.30 -28.26 37.84
CA GLY D 434 -20.64 -29.61 37.40
C GLY D 434 -20.36 -29.83 35.91
N LEU D 435 -20.73 -28.86 35.06
CA LEU D 435 -20.61 -29.01 33.61
C LEU D 435 -19.16 -28.91 33.18
N GLU D 436 -18.42 -28.04 33.87
CA GLU D 436 -17.02 -27.82 33.58
C GLU D 436 -16.20 -29.06 33.95
N ARG D 437 -16.53 -29.64 35.11
CA ARG D 437 -15.80 -30.82 35.56
C ARG D 437 -15.96 -31.95 34.54
N ASP D 438 -17.19 -32.11 34.04
CA ASP D 438 -17.54 -33.15 33.07
C ASP D 438 -16.81 -32.92 31.75
N LYS D 439 -16.66 -31.63 31.37
CA LYS D 439 -15.94 -31.24 30.16
C LYS D 439 -14.48 -31.68 30.20
N ILE D 440 -13.81 -31.52 31.33
CA ILE D 440 -12.43 -31.98 31.46
C ILE D 440 -12.36 -33.49 31.25
N GLU D 441 -13.26 -34.24 31.87
CA GLU D 441 -13.26 -35.70 31.81
C GLU D 441 -13.50 -36.16 30.36
N ALA D 442 -14.46 -35.50 29.71
CA ALA D 442 -14.90 -35.85 28.36
C ALA D 442 -13.78 -35.58 27.36
N GLU D 443 -13.14 -34.41 27.45
CA GLU D 443 -12.02 -34.12 26.58
C GLU D 443 -10.92 -35.18 26.71
N TYR D 444 -10.63 -35.59 27.96
CA TYR D 444 -9.57 -36.56 28.20
C TYR D 444 -9.88 -37.91 27.54
N ASN D 445 -11.14 -38.35 27.67
CA ASN D 445 -11.57 -39.62 27.10
C ASN D 445 -11.48 -39.61 25.57
N GLU D 446 -11.94 -38.50 24.95
CA GLU D 446 -11.84 -38.30 23.52
C GLU D 446 -10.38 -38.31 23.06
N LEU D 447 -9.50 -37.65 23.82
N LEU D 447 -9.49 -37.63 23.79
CA LEU D 447 -8.10 -37.56 23.47
CA LEU D 447 -8.07 -37.53 23.47
C LEU D 447 -7.43 -38.94 23.45
C LEU D 447 -7.36 -38.88 23.51
N LEU D 448 -7.73 -39.78 24.44
CA LEU D 448 -7.13 -41.11 24.53
C LEU D 448 -7.47 -41.92 23.26
N ASN D 449 -8.71 -41.79 22.78
CA ASN D 449 -9.14 -42.47 21.57
C ASN D 449 -8.37 -41.90 20.37
N TYR D 450 -8.29 -40.57 20.32
CA TYR D 450 -7.59 -39.88 19.25
C TYR D 450 -6.13 -40.32 19.21
N ILE D 451 -5.50 -40.44 20.38
CA ILE D 451 -4.10 -40.79 20.46
C ILE D 451 -3.90 -42.19 19.87
N SER D 452 -4.88 -43.08 20.10
CA SER D 452 -4.66 -44.44 19.64
C SER D 452 -4.89 -44.55 18.13
N GLU D 453 -5.85 -43.78 17.61
CA GLU D 453 -6.01 -43.60 16.17
C GLU D 453 -4.72 -43.11 15.53
N LEU D 454 -4.02 -42.15 16.16
CA LEU D 454 -2.85 -41.57 15.53
C LEU D 454 -1.71 -42.60 15.52
N GLU D 455 -1.65 -43.40 16.58
CA GLU D 455 -0.53 -44.34 16.75
C GLU D 455 -0.67 -45.46 15.73
N THR D 456 -1.92 -45.83 15.44
CA THR D 456 -2.25 -46.82 14.45
C THR D 456 -1.70 -46.39 13.08
N ILE D 457 -1.90 -45.11 12.74
CA ILE D 457 -1.43 -44.60 11.47
C ILE D 457 0.09 -44.68 11.40
N LEU D 458 0.78 -44.22 12.43
CA LEU D 458 2.24 -44.15 12.37
C LEU D 458 2.84 -45.54 12.46
N ALA D 459 2.05 -46.55 12.82
CA ALA D 459 2.60 -47.90 12.99
C ALA D 459 2.56 -48.64 11.66
N ASP D 460 1.78 -48.14 10.68
CA ASP D 460 1.55 -48.91 9.47
C ASP D 460 1.58 -47.98 8.26
N GLU D 461 2.64 -48.14 7.46
CA GLU D 461 2.88 -47.34 6.28
C GLU D 461 1.71 -47.46 5.29
N GLU D 462 1.06 -48.62 5.29
CA GLU D 462 -0.02 -48.83 4.34
C GLU D 462 -1.23 -48.00 4.75
N VAL D 463 -1.42 -47.89 6.06
CA VAL D 463 -2.54 -47.14 6.60
C VAL D 463 -2.32 -45.65 6.33
N LEU D 464 -1.08 -45.17 6.50
CA LEU D 464 -0.69 -43.80 6.23
C LEU D 464 -0.99 -43.46 4.77
N LEU D 465 -0.55 -44.37 3.86
CA LEU D 465 -0.71 -44.17 2.44
C LEU D 465 -2.20 -44.12 2.10
N GLN D 466 -2.97 -45.05 2.72
CA GLN D 466 -4.40 -45.09 2.47
C GLN D 466 -5.06 -43.77 2.89
N LEU D 467 -4.50 -43.14 3.94
CA LEU D 467 -5.06 -41.90 4.46
C LEU D 467 -4.84 -40.76 3.45
N VAL D 468 -3.62 -40.71 2.86
CA VAL D 468 -3.30 -39.84 1.75
C VAL D 468 -4.32 -40.02 0.61
N ARG D 469 -4.55 -41.28 0.22
CA ARG D 469 -5.49 -41.54 -0.88
C ARG D 469 -6.88 -41.00 -0.54
N ASP D 470 -7.33 -41.26 0.70
CA ASP D 470 -8.67 -40.89 1.12
C ASP D 470 -8.84 -39.37 1.12
N GLU D 471 -7.80 -38.65 1.59
CA GLU D 471 -7.88 -37.19 1.66
C GLU D 471 -7.87 -36.60 0.25
N LEU D 472 -7.04 -37.16 -0.65
CA LEU D 472 -7.03 -36.74 -2.05
C LEU D 472 -8.38 -36.98 -2.70
N THR D 473 -8.98 -38.14 -2.40
CA THR D 473 -10.26 -38.53 -2.95
C THR D 473 -11.35 -37.55 -2.54
N GLU D 474 -11.30 -37.13 -1.27
N GLU D 474 -11.33 -37.14 -1.25
CA GLU D 474 -12.24 -36.16 -0.74
CA GLU D 474 -12.25 -36.14 -0.72
C GLU D 474 -12.10 -34.83 -1.47
C GLU D 474 -12.10 -34.80 -1.46
N ILE D 475 -10.85 -34.38 -1.68
CA ILE D 475 -10.62 -33.13 -2.41
C ILE D 475 -11.14 -33.26 -3.85
N ARG D 476 -10.88 -34.41 -4.49
CA ARG D 476 -11.34 -34.66 -5.84
C ARG D 476 -12.86 -34.54 -5.90
N ASP D 477 -13.56 -35.14 -4.91
CA ASP D 477 -15.01 -35.15 -4.94
C ASP D 477 -15.58 -33.75 -4.70
N ARG D 478 -14.87 -32.94 -3.91
CA ARG D 478 -15.39 -31.62 -3.59
C ARG D 478 -15.00 -30.59 -4.67
N PHE D 479 -13.80 -30.70 -5.25
CA PHE D 479 -13.29 -29.63 -6.12
C PHE D 479 -13.10 -30.06 -7.58
N GLY D 480 -13.11 -31.38 -7.85
CA GLY D 480 -12.91 -31.89 -9.20
C GLY D 480 -14.03 -31.38 -10.10
N ASP D 481 -13.71 -31.09 -11.37
CA ASP D 481 -14.73 -30.52 -12.25
C ASP D 481 -14.57 -31.14 -13.63
N ASP D 482 -15.44 -30.73 -14.56
CA ASP D 482 -15.42 -31.26 -15.91
C ASP D 482 -14.26 -30.67 -16.70
N ARG D 483 -13.76 -31.48 -17.64
CA ARG D 483 -12.77 -31.06 -18.61
C ARG D 483 -13.38 -29.94 -19.46
N ARG D 484 -12.57 -28.91 -19.75
CA ARG D 484 -13.07 -27.84 -20.59
C ARG D 484 -12.47 -27.95 -21.98
N THR D 485 -11.16 -28.21 -22.08
CA THR D 485 -10.49 -28.24 -23.36
C THR D 485 -10.75 -29.59 -24.04
N GLU D 486 -11.14 -29.52 -25.32
CA GLU D 486 -11.41 -30.73 -26.06
C GLU D 486 -10.14 -31.14 -26.81
N ILE D 487 -9.75 -32.41 -26.65
CA ILE D 487 -8.62 -32.98 -27.36
C ILE D 487 -9.13 -33.78 -28.57
N GLN D 488 -8.81 -33.30 -29.78
CA GLN D 488 -9.36 -33.87 -30.99
C GLN D 488 -8.27 -34.63 -31.71
N LEU D 489 -8.64 -35.82 -32.20
CA LEU D 489 -7.74 -36.73 -32.90
C LEU D 489 -7.70 -36.33 -34.36
MN MN G . -12.98 8.19 -8.16
MN MN G . -14.86 8.15 -4.59
C1 GOL H . 6.10 -4.96 8.25
O1 GOL H . 6.61 -5.85 9.24
C2 GOL H . 4.59 -5.15 8.07
O2 GOL H . 4.02 -4.13 7.25
C3 GOL H . 3.86 -5.36 9.38
O3 GOL H . 2.45 -5.46 9.18
NA NA I . 11.40 39.15 -2.53
C1 GOL J . 8.99 24.31 0.18
O1 GOL J . 8.49 24.28 -1.15
C2 GOL J . 9.50 22.95 0.59
O2 GOL J . 10.35 23.05 1.72
C3 GOL J . 10.22 22.23 -0.53
O3 GOL J . 10.19 20.83 -0.31
MN MN K . 16.90 -0.87 -6.35
C1 GOL L . 12.58 -18.67 -0.39
O1 GOL L . 12.85 -17.73 -1.43
C2 GOL L . 11.18 -19.23 -0.46
O2 GOL L . 10.91 -19.65 -1.81
C3 GOL L . 10.09 -18.29 0.02
O3 GOL L . 8.78 -18.79 -0.26
C1 GOL M . -25.86 -20.44 -46.20
O1 GOL M . -25.48 -21.48 -47.09
C2 GOL M . -27.36 -20.30 -46.10
O2 GOL M . -27.67 -19.16 -45.30
C3 GOL M . -28.08 -21.52 -45.57
O3 GOL M . -27.23 -22.28 -44.71
C1 GOL N . 12.66 -15.18 13.58
O1 GOL N . 13.85 -14.64 14.14
C2 GOL N . 11.50 -14.49 14.23
O2 GOL N . 11.79 -13.10 14.16
C3 GOL N . 10.15 -14.82 13.62
O3 GOL N . 9.07 -14.69 14.56
C1 GOL O . -16.12 -3.33 0.61
O1 GOL O . -16.93 -3.08 -0.55
C2 GOL O . -16.67 -4.44 1.49
O2 GOL O . -15.63 -5.25 2.05
C3 GOL O . -17.72 -5.32 0.85
O3 GOL O . -19.03 -4.95 1.27
C1 GOL P . -1.44 11.35 -6.92
C1 GOL P . -3.71 11.28 -6.55
O1 GOL P . -2.14 10.22 -7.46
O1 GOL P . -4.62 12.01 -5.73
C2 GOL P . -2.41 12.38 -6.39
C2 GOL P . -2.33 11.91 -6.55
O2 GOL P . -2.26 13.59 -7.12
O2 GOL P . -1.38 11.09 -7.23
C3 GOL P . -3.85 11.90 -6.41
C3 GOL P . -2.29 13.33 -7.10
O3 GOL P . -4.67 12.57 -5.44
O3 GOL P . -0.97 13.84 -7.18
C1 GOL Q . 15.05 -11.28 -27.27
O1 GOL Q . 16.19 -10.42 -27.14
C2 GOL Q . 15.45 -12.57 -27.94
O2 GOL Q . 15.12 -12.47 -29.32
C3 GOL Q . 14.76 -13.77 -27.34
O3 GOL Q . 15.64 -14.90 -27.21
O1 JHN R . 6.64 7.11 -11.54
O1 JHN R . 0.02 6.06 -13.58
C1 JHN R . 5.82 7.26 -12.44
C1 JHN R . 1.12 6.48 -13.89
C2 JHN R . 6.02 7.95 -13.69
C2 JHN R . 1.51 7.05 -15.16
C3 JHN R . 5.03 8.04 -14.63
C3 JHN R . 2.79 7.48 -15.38
C4 JHN R . 3.76 7.48 -14.39
C4 JHN R . 3.75 7.38 -14.38
N1 JHN R . 2.69 7.52 -15.25
N1 JHN R . 5.06 7.78 -14.50
C5 JHN R . 1.53 6.94 -14.87
C5 JHN R . 5.90 7.65 -13.45
C6 JHN R . 1.35 6.25 -13.59
C6 JHN R . 5.49 7.05 -12.17
O2 JHN R . 0.32 5.71 -13.20
O2 JHN R . 6.21 6.89 -11.19
N2 JHN R . 2.49 6.27 -12.80
N2 JHN R . 4.16 6.68 -12.15
C7 JHN R . 2.58 5.66 -11.45
C7 JHN R . 3.49 6.08 -10.98
C8 JHN R . 1.62 6.24 -10.42
C8 JHN R . 4.16 4.78 -10.51
N3 JHN R . 1.65 5.53 -9.12
N3 JHN R . 3.60 4.17 -9.30
C9 JHN R . 0.86 6.23 -8.12
C9 JHN R . 4.07 2.81 -9.14
C10 JHN R . 0.95 5.55 -6.76
C10 JHN R . 3.36 2.14 -7.96
C11 JHN R . 0.53 4.09 -6.86
C11 JHN R . 3.58 2.93 -6.68
C12 JHN R . 1.31 3.39 -7.97
C12 JHN R . 3.21 4.39 -6.89
C13 JHN R . 1.19 4.15 -9.28
C13 JHN R . 3.91 4.96 -8.11
N4 JHN R . 0.62 3.37 -5.58
N4 JHN R . 2.87 2.33 -5.53
C14 JHN R . -0.37 2.28 -5.40
C14 JHN R . 3.33 2.76 -4.21
C15 JHN R . -0.46 1.79 -3.97
C15 JHN R . 2.76 1.92 -3.08
C16 JHN R . 0.64 1.29 -3.32
C16 JHN R . 1.43 1.95 -2.79
C17 JHN R . 0.53 0.87 -1.99
C17 JHN R . 0.93 1.14 -1.77
C18 JHN R . 1.71 0.29 -1.23
C18 JHN R . -0.53 1.14 -1.40
C19 JHN R . 1.17 -0.66 -0.18
C19 JHN R . -0.63 0.86 0.09
C20 JHN R . 0.21 0.13 0.68
C20 JHN R . 0.07 -0.44 0.37
O3 JHN R . -0.92 0.63 -0.07
O3 JHN R . 1.44 -0.52 -0.07
C21 JHN R . -0.71 0.99 -1.39
C21 JHN R . 1.84 0.33 -1.08
C22 JHN R . -1.78 1.52 -2.10
C22 JHN R . 3.17 0.34 -1.44
N5 JHN R . -1.66 1.92 -3.36
N5 JHN R . 3.62 1.12 -2.41
C23 JHN R . 4.06 5.97 -11.08
C23 JHN R . 2.05 5.89 -11.54
N6 JHN R . 4.56 6.71 -12.24
N6 JHN R . 2.12 6.40 -12.92
C24 JHN R . 3.61 6.84 -13.18
C24 JHN R . 3.35 6.84 -13.19
#